data_9R8U
#
_entry.id   9R8U
#
_cell.length_a   1.00
_cell.length_b   1.00
_cell.length_c   1.00
_cell.angle_alpha   90.00
_cell.angle_beta   90.00
_cell.angle_gamma   90.00
#
_symmetry.space_group_name_H-M   'P 1'
#
loop_
_entity.id
_entity.type
_entity.pdbx_description
1 polymer 'Pre-glycoprotein polyprotein GP complex'
2 polymer 'Glycoprotein G2'
3 branched beta-D-mannopyranose-(1-4)-2-acetamido-2-deoxy-beta-D-glucopyranose-(1-4)-2-acetamido-2-deoxy-beta-D-glucopyranose
4 branched alpha-D-mannopyranose-(1-6)-beta-D-mannopyranose-(1-4)-2-acetamido-2-deoxy-beta-D-glucopyranose-(1-4)-[alpha-L-fucopyranose-(1-6)]2-acetamido-2-deoxy-beta-D-glucopyranose
5 branched 2-acetamido-2-deoxy-beta-D-glucopyranose-(1-4)-[alpha-L-fucopyranose-(1-6)]2-acetamido-2-deoxy-beta-D-glucopyranose
6 branched alpha-D-mannopyranose-(1-3)-beta-D-mannopyranose-(1-4)-2-acetamido-2-deoxy-beta-D-glucopyranose-(1-4)-2-acetamido-2-deoxy-beta-D-glucopyranose
7 non-polymer 2-acetamido-2-deoxy-beta-D-glucopyranose
8 non-polymer 'UNKNOWN LIGAND'
#
loop_
_entity_poly.entity_id
_entity_poly.type
_entity_poly.pdbx_seq_one_letter_code
_entity_poly.pdbx_strand_id
1 'polypeptide(L)'
;MGQIVTFFQEVPHVIEEVMNIVLIALSVLAVLKGLYNFATCGLVGLVTFLLLCGRSCTTSLYKGVYELQTLELNMETLNM
TMPLSCTKNNSHHYIMVGNETGLELTLTNTSIINHKFCNLSDAHKKNLYDHALMSIISTFHLSIPNFNQYEAMSCDFNGG
KISVQYNLSHSYAGDAANHCGTVANGVLQTFMRMAWGGSYIALDSGRGNWDCIMTSYQYLIIQNTTWEDHCQFSRPSPIG
YLGLLSQRTRDIYISRRLL
;
A,B,C
2 'polypeptide(L)'
;GTFTWTLSDSEGKDTPGGYCLTRWMLIEAELKCFGNTAVAKCNEKHDEEFCDMLRLFDFNKQAIQRLKAEAQMSIQLINK
AVNALINDQLIMKNHLRDIMGIPYCNYSKYWYLNHTTTGRTSLPKCWLVSNGSYLNETHFSDDIEQQADNMITEMLQKEY
MERQGKTPLGLVDLFVFSTSFYLISIFLHLVKIPTHRHIVGKSCPKPHRLNHMGICSCGLYKQPGVPVKWKRGGGSDYKD
DDDK
;
a,b,c
#
loop_
_chem_comp.id
_chem_comp.type
_chem_comp.name
_chem_comp.formula
BMA D-saccharide, beta linking beta-D-mannopyranose 'C6 H12 O6'
FUC L-saccharide, alpha linking alpha-L-fucopyranose 'C6 H12 O5'
MAN D-saccharide, alpha linking alpha-D-mannopyranose 'C6 H12 O6'
NAG D-saccharide, beta linking 2-acetamido-2-deoxy-beta-D-glucopyranose 'C8 H15 N O6'
UNX non-polymer 'UNKNOWN ATOM OR ION' ?
#
# COMPACT_ATOMS: atom_id res chain seq x y z
N THR A 59 -30.50 -25.58 15.96
CA THR A 59 -31.95 -25.41 15.96
C THR A 59 -32.39 -24.66 14.71
N SER A 60 -31.42 -24.16 13.97
CA SER A 60 -31.64 -23.42 12.73
C SER A 60 -31.07 -24.24 11.58
N LEU A 61 -31.95 -24.87 10.80
CA LEU A 61 -31.52 -25.80 9.77
C LEU A 61 -31.68 -25.18 8.38
N TYR A 62 -30.62 -25.23 7.59
CA TYR A 62 -30.62 -24.70 6.24
C TYR A 62 -30.39 -25.84 5.26
N LYS A 63 -31.17 -25.85 4.18
CA LYS A 63 -31.11 -26.93 3.18
C LYS A 63 -31.28 -28.30 3.81
N GLY A 64 -31.93 -28.37 4.98
CA GLY A 64 -32.16 -29.62 5.67
C GLY A 64 -30.94 -30.28 6.27
N VAL A 65 -29.72 -29.85 5.94
CA VAL A 65 -28.54 -30.58 6.39
C VAL A 65 -27.46 -29.67 6.96
N TYR A 66 -27.66 -28.35 6.89
CA TYR A 66 -26.62 -27.40 7.28
C TYR A 66 -27.07 -26.61 8.51
N GLU A 67 -26.39 -26.82 9.63
CA GLU A 67 -26.71 -26.10 10.85
C GLU A 67 -25.91 -24.80 10.91
N LEU A 68 -26.58 -23.70 11.18
CA LEU A 68 -25.91 -22.40 11.31
C LEU A 68 -25.35 -22.23 12.71
N GLN A 69 -24.03 -22.13 12.81
CA GLN A 69 -23.38 -21.96 14.11
C GLN A 69 -22.50 -20.72 14.07
N THR A 70 -22.17 -20.21 15.25
CA THR A 70 -21.47 -18.95 15.39
C THR A 70 -20.29 -19.10 16.35
N LEU A 71 -19.35 -18.18 16.23
CA LEU A 71 -18.26 -18.04 17.19
C LEU A 71 -17.93 -16.56 17.38
N GLU A 72 -17.36 -16.25 18.54
CA GLU A 72 -16.89 -14.91 18.85
C GLU A 72 -15.47 -14.97 19.38
N LEU A 73 -14.58 -14.19 18.78
CA LEU A 73 -13.17 -14.21 19.15
C LEU A 73 -12.94 -13.42 20.43
N ASN A 74 -12.07 -13.95 21.29
CA ASN A 74 -11.64 -13.20 22.47
C ASN A 74 -10.37 -12.47 22.07
N MET A 75 -10.57 -11.29 21.49
CA MET A 75 -9.47 -10.46 21.01
C MET A 75 -8.65 -9.87 22.15
N GLU A 76 -9.20 -9.88 23.36
CA GLU A 76 -8.50 -9.39 24.54
C GLU A 76 -7.17 -10.11 24.72
N THR A 77 -7.09 -11.37 24.30
CA THR A 77 -5.91 -12.23 24.39
C THR A 77 -4.73 -11.72 23.57
N LEU A 78 -4.94 -10.76 22.70
CA LEU A 78 -3.87 -10.15 21.92
C LEU A 78 -3.10 -9.08 22.69
N ASN A 79 -3.39 -8.92 23.98
CA ASN A 79 -2.93 -7.77 24.75
C ASN A 79 -1.42 -7.58 24.68
N MET A 80 -0.67 -8.69 24.62
CA MET A 80 0.79 -8.58 24.66
C MET A 80 1.44 -8.19 23.34
N THR A 81 0.75 -8.27 22.20
CA THR A 81 1.43 -7.99 20.94
C THR A 81 0.86 -6.81 20.16
N MET A 82 -0.27 -6.26 20.58
CA MET A 82 -0.86 -5.11 19.92
C MET A 82 -1.75 -4.39 20.91
N PRO A 83 -1.90 -3.07 20.77
CA PRO A 83 -2.81 -2.33 21.67
C PRO A 83 -4.26 -2.72 21.45
N LEU A 84 -5.06 -2.57 22.51
CA LEU A 84 -6.48 -2.91 22.45
C LEU A 84 -7.30 -1.72 22.93
N SER A 85 -8.22 -1.27 22.10
CA SER A 85 -9.09 -0.15 22.39
C SER A 85 -10.50 -0.65 22.69
N CYS A 86 -11.18 0.02 23.61
CA CYS A 86 -12.56 -0.31 23.91
C CYS A 86 -13.28 0.94 24.40
N THR A 87 -14.60 0.84 24.47
CA THR A 87 -15.47 1.95 24.82
C THR A 87 -16.18 1.71 26.15
N LYS A 88 -16.11 2.69 27.04
CA LYS A 88 -16.84 2.63 28.29
C LYS A 88 -18.27 3.14 28.12
N ASN A 89 -18.42 4.30 27.50
CA ASN A 89 -19.72 4.86 27.16
C ASN A 89 -19.53 5.84 26.01
N ASN A 90 -20.55 6.68 25.76
CA ASN A 90 -20.49 7.64 24.66
C ASN A 90 -19.24 8.50 24.74
N SER A 91 -18.90 8.98 25.93
CA SER A 91 -17.87 9.99 26.09
C SER A 91 -16.48 9.41 26.37
N HIS A 92 -16.37 8.23 26.98
CA HIS A 92 -15.10 7.73 27.47
C HIS A 92 -14.66 6.52 26.66
N HIS A 93 -13.43 6.54 26.19
CA HIS A 93 -12.87 5.44 25.41
C HIS A 93 -11.42 5.28 25.81
N TYR A 94 -10.88 4.08 25.59
CA TYR A 94 -9.58 3.73 26.16
C TYR A 94 -8.80 2.94 25.13
N ILE A 95 -7.49 3.13 25.12
CA ILE A 95 -6.57 2.28 24.38
C ILE A 95 -5.47 1.77 25.30
N MET A 96 -5.53 0.49 25.65
CA MET A 96 -4.62 -0.14 26.58
C MET A 96 -3.44 -0.78 25.84
N VAL A 97 -2.27 -0.74 26.48
CA VAL A 97 -1.02 -1.27 25.95
C VAL A 97 -0.49 -2.28 26.97
N GLY A 98 -0.65 -3.57 26.67
CA GLY A 98 -0.31 -4.58 27.64
C GLY A 98 -1.33 -4.60 28.76
N ASN A 99 -0.93 -5.20 29.89
CA ASN A 99 -1.80 -5.31 31.05
C ASN A 99 -1.42 -4.31 32.14
N GLU A 100 -0.63 -3.29 31.82
CA GLU A 100 -0.14 -2.41 32.87
C GLU A 100 -0.43 -0.93 32.64
N THR A 101 -0.48 -0.50 31.39
CA THR A 101 -0.58 0.92 31.07
C THR A 101 -1.50 1.15 29.89
N GLY A 102 -1.91 2.40 29.70
CA GLY A 102 -2.75 2.72 28.57
C GLY A 102 -3.13 4.18 28.57
N LEU A 103 -4.02 4.54 27.66
CA LEU A 103 -4.48 5.91 27.52
C LEU A 103 -5.99 5.98 27.73
N GLU A 104 -6.40 6.91 28.58
CA GLU A 104 -7.78 7.29 28.80
C GLU A 104 -8.09 8.53 27.97
N LEU A 105 -9.12 8.42 27.12
CA LEU A 105 -9.60 9.50 26.27
C LEU A 105 -10.99 9.93 26.76
N THR A 106 -11.12 11.20 27.15
CA THR A 106 -12.35 11.74 27.73
C THR A 106 -12.87 12.97 26.97
N LEU A 107 -14.13 12.94 26.55
CA LEU A 107 -14.85 14.13 26.10
C LEU A 107 -15.46 14.85 27.31
N THR A 108 -15.15 16.14 27.48
CA THR A 108 -15.56 16.79 28.73
C THR A 108 -15.64 18.31 28.63
N ASN A 109 -16.48 18.88 29.51
CA ASN A 109 -16.60 20.31 29.78
C ASN A 109 -15.60 20.81 30.81
N THR A 110 -14.87 19.93 31.49
CA THR A 110 -13.95 20.33 32.54
C THR A 110 -12.54 20.25 31.99
N SER A 111 -11.92 21.40 31.72
CA SER A 111 -10.54 21.38 31.27
C SER A 111 -9.62 21.16 32.46
N ILE A 112 -8.46 20.55 32.20
CA ILE A 112 -7.44 20.38 33.22
C ILE A 112 -6.15 21.13 32.94
N ILE A 113 -5.99 21.74 31.76
CA ILE A 113 -4.80 22.51 31.45
C ILE A 113 -5.22 23.94 31.12
N ASN A 114 -4.55 24.90 31.75
CA ASN A 114 -4.84 26.32 31.61
C ASN A 114 -3.60 27.10 31.22
N HIS A 115 -2.82 26.56 30.28
CA HIS A 115 -1.71 27.30 29.70
C HIS A 115 -1.74 26.98 28.21
N LYS A 116 -0.86 27.61 27.44
CA LYS A 116 -0.88 27.40 26.00
C LYS A 116 0.35 26.65 25.50
N PHE A 117 1.10 26.02 26.39
CA PHE A 117 2.31 25.31 26.04
C PHE A 117 2.09 23.86 25.66
N CYS A 118 2.95 23.36 24.76
CA CYS A 118 3.13 21.92 24.47
C CYS A 118 4.60 21.66 24.18
N ASN A 119 5.35 21.28 25.22
CA ASN A 119 6.81 21.23 25.23
C ASN A 119 7.28 19.85 24.76
N LEU A 120 7.00 19.59 23.48
CA LEU A 120 7.26 18.29 22.89
C LEU A 120 8.76 18.02 22.82
N SER A 121 9.53 19.03 22.39
CA SER A 121 10.97 18.84 22.24
C SER A 121 11.63 18.61 23.59
N ASP A 122 11.19 19.35 24.61
CA ASP A 122 11.71 19.11 25.96
C ASP A 122 11.37 17.72 26.45
N ALA A 123 10.16 17.24 26.15
CA ALA A 123 9.81 15.86 26.51
C ALA A 123 10.72 14.86 25.82
N HIS A 124 10.99 15.04 24.53
CA HIS A 124 11.93 14.15 23.85
C HIS A 124 13.30 14.19 24.48
N LYS A 125 13.80 15.39 24.75
CA LYS A 125 15.12 15.55 25.36
C LYS A 125 15.18 14.87 26.72
N LYS A 126 14.12 14.98 27.51
CA LYS A 126 14.12 14.42 28.85
C LYS A 126 13.95 12.90 28.83
N ASN A 127 13.20 12.37 27.86
CA ASN A 127 13.14 10.93 27.59
C ASN A 127 12.68 10.14 28.81
N LEU A 128 11.65 10.63 29.47
CA LEU A 128 11.10 9.95 30.65
C LEU A 128 9.78 9.24 30.39
N TYR A 129 9.12 9.51 29.27
CA TYR A 129 7.81 8.96 29.01
C TYR A 129 7.92 7.50 28.53
N ASP A 130 6.76 6.85 28.48
CA ASP A 130 6.65 5.51 27.90
C ASP A 130 6.65 5.64 26.39
N HIS A 131 7.57 4.94 25.74
CA HIS A 131 7.77 5.10 24.30
C HIS A 131 6.56 4.65 23.49
N ALA A 132 5.91 3.56 23.90
CA ALA A 132 4.72 3.10 23.20
C ALA A 132 3.60 4.13 23.26
N LEU A 133 3.38 4.73 24.44
CA LEU A 133 2.33 5.74 24.56
C LEU A 133 2.65 6.96 23.71
N MET A 134 3.91 7.39 23.70
CA MET A 134 4.28 8.49 22.82
C MET A 134 4.05 8.15 21.36
N SER A 135 4.34 6.90 20.97
CA SER A 135 4.06 6.50 19.60
C SER A 135 2.57 6.58 19.28
N ILE A 136 1.73 6.12 20.21
CA ILE A 136 0.29 6.17 19.97
C ILE A 136 -0.19 7.61 19.88
N ILE A 137 0.31 8.48 20.75
CA ILE A 137 -0.03 9.90 20.69
C ILE A 137 0.38 10.50 19.36
N SER A 138 1.61 10.19 18.92
CA SER A 138 2.11 10.70 17.66
C SER A 138 1.23 10.23 16.51
N THR A 139 0.84 8.96 16.51
CA THR A 139 -0.02 8.45 15.45
C THR A 139 -1.36 9.17 15.44
N PHE A 140 -1.96 9.34 16.62
CA PHE A 140 -3.22 10.07 16.72
C PHE A 140 -3.08 11.47 16.13
N HIS A 141 -2.07 12.22 16.57
CA HIS A 141 -1.95 13.60 16.11
C HIS A 141 -1.65 13.66 14.62
N LEU A 142 -0.79 12.78 14.11
CA LEU A 142 -0.47 12.80 12.70
C LEU A 142 -1.64 12.34 11.85
N SER A 143 -2.63 11.68 12.45
CA SER A 143 -3.80 11.26 11.69
C SER A 143 -4.87 12.32 11.61
N ILE A 144 -4.78 13.39 12.38
CA ILE A 144 -5.82 14.42 12.32
C ILE A 144 -5.76 15.11 10.95
N PRO A 145 -6.88 15.24 10.25
CA PRO A 145 -6.86 15.92 8.95
C PRO A 145 -6.95 17.44 9.09
N ASN A 146 -6.07 18.13 8.37
CA ASN A 146 -6.17 19.58 8.16
C ASN A 146 -6.05 20.38 9.47
N PHE A 147 -5.31 19.84 10.43
CA PHE A 147 -5.06 20.53 11.70
C PHE A 147 -4.24 21.78 11.45
N ASN A 148 -4.78 22.96 11.77
CA ASN A 148 -4.04 24.17 11.43
C ASN A 148 -4.09 25.28 12.48
N GLN A 149 -4.51 24.99 13.70
CA GLN A 149 -4.57 25.96 14.81
C GLN A 149 -3.83 25.30 15.97
N TYR A 150 -2.51 25.51 16.03
CA TYR A 150 -1.70 24.82 17.02
C TYR A 150 -2.05 25.19 18.44
N GLU A 151 -2.61 26.38 18.66
CA GLU A 151 -3.04 26.75 20.01
C GLU A 151 -4.19 25.88 20.52
N ALA A 152 -4.93 25.21 19.64
CA ALA A 152 -6.04 24.39 20.11
C ALA A 152 -5.59 23.13 20.83
N MET A 153 -4.31 22.78 20.78
CA MET A 153 -3.81 21.56 21.41
C MET A 153 -2.78 21.99 22.45
N SER A 154 -3.00 21.58 23.70
CA SER A 154 -2.08 21.87 24.79
C SER A 154 -1.64 20.58 25.45
N CYS A 155 -0.46 20.60 26.09
CA CYS A 155 0.11 19.38 26.61
C CYS A 155 0.87 19.65 27.89
N ASP A 156 1.03 18.59 28.68
CA ASP A 156 1.89 18.58 29.85
C ASP A 156 2.63 17.25 29.89
N PHE A 157 3.97 17.30 29.92
CA PHE A 157 4.80 16.09 29.93
C PHE A 157 5.79 16.02 31.09
N ASN A 158 5.70 16.90 32.07
CA ASN A 158 6.72 16.93 33.11
C ASN A 158 6.72 15.61 33.89
N GLY A 159 7.92 15.12 34.20
CA GLY A 159 8.04 13.87 34.92
C GLY A 159 7.68 12.63 34.14
N GLY A 160 7.60 12.71 32.81
CA GLY A 160 7.25 11.56 32.02
C GLY A 160 5.76 11.31 31.87
N LYS A 161 4.92 12.09 32.53
CA LYS A 161 3.49 11.99 32.35
C LYS A 161 3.11 12.39 30.92
N ILE A 162 1.90 12.00 30.51
CA ILE A 162 1.33 12.39 29.22
C ILE A 162 -0.03 13.03 29.49
N SER A 163 -0.15 14.30 29.15
CA SER A 163 -1.45 14.98 29.18
C SER A 163 -1.63 15.79 27.90
N VAL A 164 -2.68 15.49 27.14
CA VAL A 164 -2.96 16.19 25.88
C VAL A 164 -4.41 16.66 25.91
N GLN A 165 -4.64 17.91 25.55
CA GLN A 165 -5.98 18.49 25.60
C GLN A 165 -6.28 19.21 24.30
N TYR A 166 -7.30 18.73 23.59
CA TYR A 166 -7.78 19.38 22.38
C TYR A 166 -8.99 20.24 22.75
N ASN A 167 -8.93 21.52 22.42
CA ASN A 167 -9.98 22.48 22.75
C ASN A 167 -10.89 22.57 21.54
N LEU A 168 -12.08 21.99 21.64
CA LEU A 168 -12.98 21.87 20.49
C LEU A 168 -13.92 23.06 20.30
N SER A 169 -13.84 24.08 21.14
CA SER A 169 -14.77 25.20 21.03
C SER A 169 -14.53 25.98 19.74
N HIS A 170 -15.61 26.57 19.22
CA HIS A 170 -15.56 27.34 17.99
C HIS A 170 -15.58 28.83 18.27
N ASN A 178 -18.24 27.60 7.78
CA ASN A 178 -18.89 26.31 8.03
C ASN A 178 -18.29 25.62 9.25
N HIS A 179 -19.11 24.87 9.96
CA HIS A 179 -18.65 24.16 11.16
C HIS A 179 -17.80 22.95 10.81
N CYS A 180 -17.87 22.48 9.57
CA CYS A 180 -17.15 21.29 9.15
C CYS A 180 -15.65 21.53 9.09
N GLY A 181 -15.23 22.70 8.64
CA GLY A 181 -13.84 23.06 8.48
C GLY A 181 -13.21 23.64 9.73
N THR A 182 -13.30 22.88 10.82
CA THR A 182 -12.79 23.27 12.13
C THR A 182 -11.98 22.11 12.70
N VAL A 183 -11.05 22.46 13.59
CA VAL A 183 -10.24 21.46 14.28
C VAL A 183 -11.11 20.43 15.00
N ALA A 184 -12.24 20.87 15.55
CA ALA A 184 -13.11 19.96 16.29
C ALA A 184 -13.53 18.79 15.43
N ASN A 185 -13.90 19.04 14.17
CA ASN A 185 -14.35 17.98 13.29
C ASN A 185 -13.25 16.96 13.00
N GLY A 186 -12.05 17.44 12.66
CA GLY A 186 -10.98 16.51 12.34
C GLY A 186 -10.54 15.68 13.53
N VAL A 187 -10.39 16.33 14.69
CA VAL A 187 -10.00 15.59 15.89
C VAL A 187 -11.07 14.57 16.23
N LEU A 188 -12.35 14.93 16.13
CA LEU A 188 -13.39 14.00 16.52
C LEU A 188 -13.50 12.83 15.54
N GLN A 189 -13.29 13.06 14.24
CA GLN A 189 -13.25 11.93 13.31
C GLN A 189 -12.08 11.00 13.62
N THR A 190 -10.90 11.56 13.88
CA THR A 190 -9.77 10.71 14.24
C THR A 190 -10.03 9.93 15.52
N PHE A 191 -10.61 10.56 16.52
CA PHE A 191 -10.93 9.88 17.78
C PHE A 191 -11.96 8.78 17.57
N MET A 192 -12.99 9.06 16.76
CA MET A 192 -14.00 8.06 16.43
C MET A 192 -13.36 6.86 15.77
N ARG A 193 -12.40 7.10 14.88
CA ARG A 193 -11.69 6.03 14.20
C ARG A 193 -10.85 5.25 15.20
N MET A 194 -10.19 5.97 16.11
CA MET A 194 -9.26 5.35 17.06
C MET A 194 -9.99 4.39 17.98
N ALA A 195 -11.18 4.76 18.47
CA ALA A 195 -11.86 3.79 19.33
C ALA A 195 -12.86 2.95 18.56
N TRP A 196 -13.54 3.54 17.57
CA TRP A 196 -14.53 2.88 16.73
C TRP A 196 -15.42 1.90 17.49
N GLY A 197 -16.14 2.44 18.48
CA GLY A 197 -16.88 1.61 19.42
C GLY A 197 -18.38 1.76 19.24
N GLY A 198 -18.78 2.30 18.09
CA GLY A 198 -20.18 2.60 17.83
C GLY A 198 -20.61 3.96 18.34
N GLY A 208 -23.72 16.21 10.50
CA GLY A 208 -23.07 17.15 9.61
C GLY A 208 -23.12 16.73 8.16
N ASN A 209 -22.64 17.59 7.28
CA ASN A 209 -22.60 17.27 5.86
C ASN A 209 -21.49 16.25 5.59
N TRP A 210 -21.73 15.39 4.61
CA TRP A 210 -20.76 14.35 4.23
C TRP A 210 -20.48 13.54 5.49
N ASP A 211 -19.22 13.32 5.86
CA ASP A 211 -18.82 12.54 7.01
C ASP A 211 -18.61 13.40 8.26
N CYS A 212 -19.14 14.62 8.27
CA CYS A 212 -18.77 15.59 9.29
C CYS A 212 -19.41 15.24 10.64
N ILE A 213 -18.65 15.45 11.71
CA ILE A 213 -19.05 15.10 13.07
C ILE A 213 -19.06 16.37 13.92
N MET A 214 -20.11 16.54 14.73
CA MET A 214 -20.14 17.58 15.75
C MET A 214 -20.69 17.03 17.06
N THR A 215 -20.09 17.45 18.17
CA THR A 215 -20.56 17.11 19.51
C THR A 215 -20.69 18.38 20.34
N SER A 216 -21.26 18.25 21.53
CA SER A 216 -21.40 19.36 22.46
C SER A 216 -20.23 19.51 23.43
N TYR A 217 -19.22 18.65 23.35
CA TYR A 217 -18.10 18.72 24.27
C TYR A 217 -17.10 19.79 23.85
N GLN A 218 -16.47 20.41 24.84
CA GLN A 218 -15.47 21.45 24.61
C GLN A 218 -14.04 20.95 24.65
N TYR A 219 -13.80 19.74 25.16
CA TYR A 219 -12.42 19.33 25.28
C TYR A 219 -12.34 17.82 25.12
N LEU A 220 -11.23 17.38 24.56
CA LEU A 220 -10.83 15.98 24.53
C LEU A 220 -9.51 15.84 25.25
N ILE A 221 -9.49 15.05 26.31
CA ILE A 221 -8.32 14.96 27.19
C ILE A 221 -7.79 13.54 27.11
N ILE A 222 -6.49 13.42 26.92
CA ILE A 222 -5.81 12.13 26.78
C ILE A 222 -4.76 12.07 27.90
N GLN A 223 -4.94 11.15 28.83
CA GLN A 223 -3.98 10.98 29.91
C GLN A 223 -3.70 9.50 30.10
N ASN A 224 -2.49 9.18 30.57
CA ASN A 224 -2.14 7.79 30.85
C ASN A 224 -2.92 7.24 32.03
N THR A 225 -3.02 5.91 32.05
CA THR A 225 -3.76 5.30 33.13
C THR A 225 -3.27 3.86 33.29
N THR A 226 -3.57 3.29 34.45
CA THR A 226 -3.28 1.92 34.80
C THR A 226 -4.47 1.01 34.49
N TRP A 227 -4.20 -0.30 34.45
CA TRP A 227 -5.21 -1.27 34.07
C TRP A 227 -6.34 -1.43 35.09
N GLU A 228 -7.54 -1.57 34.54
CA GLU A 228 -8.80 -1.86 35.21
C GLU A 228 -9.74 -2.33 34.10
N ASP A 229 -10.79 -3.03 34.50
CA ASP A 229 -11.78 -3.60 33.55
C ASP A 229 -12.70 -2.48 33.06
N HIS A 230 -12.34 -1.87 31.93
CA HIS A 230 -13.06 -0.70 31.43
C HIS A 230 -14.06 -0.99 30.32
N CYS A 231 -14.08 -2.19 29.75
CA CYS A 231 -14.79 -2.40 28.49
C CYS A 231 -16.25 -2.83 28.70
N GLN A 232 -17.04 -1.93 29.29
CA GLN A 232 -18.45 -2.23 29.51
C GLN A 232 -19.29 -2.09 28.24
N PHE A 233 -18.98 -1.14 27.37
CA PHE A 233 -19.81 -0.90 26.19
C PHE A 233 -19.32 -1.60 24.93
N SER A 234 -18.00 -1.68 24.72
CA SER A 234 -17.49 -2.36 23.54
C SER A 234 -16.32 -3.24 23.93
N ARG A 235 -16.20 -4.36 23.21
CA ARG A 235 -15.11 -5.29 23.46
C ARG A 235 -13.77 -4.67 23.03
N PRO A 236 -12.69 -4.99 23.73
CA PRO A 236 -11.38 -4.50 23.31
C PRO A 236 -11.00 -5.01 21.92
N SER A 237 -10.39 -4.13 21.13
CA SER A 237 -10.04 -4.47 19.76
C SER A 237 -8.85 -3.64 19.30
N PRO A 238 -7.95 -4.21 18.51
CA PRO A 238 -6.83 -3.45 17.93
C PRO A 238 -7.13 -2.82 16.59
N ILE A 239 -8.35 -3.01 16.06
CA ILE A 239 -8.63 -2.66 14.67
C ILE A 239 -8.45 -1.16 14.43
N GLY A 240 -8.98 -0.34 15.34
CA GLY A 240 -8.93 1.09 15.14
C GLY A 240 -7.51 1.61 15.01
N TYR A 241 -6.64 1.20 15.94
CA TYR A 241 -5.25 1.63 15.89
C TYR A 241 -4.57 1.19 14.60
N LEU A 242 -4.69 -0.10 14.27
CA LEU A 242 -4.03 -0.62 13.08
C LEU A 242 -4.51 0.10 11.82
N GLY A 243 -5.82 0.30 11.71
CA GLY A 243 -6.34 1.06 10.58
C GLY A 243 -5.83 2.49 10.53
N LEU A 244 -5.73 3.13 11.70
CA LEU A 244 -5.24 4.50 11.75
C LEU A 244 -3.76 4.61 11.40
N LEU A 245 -2.99 3.53 11.56
CA LEU A 245 -1.57 3.57 11.24
C LEU A 245 -1.33 4.05 9.81
N SER A 246 -2.18 3.62 8.87
CA SER A 246 -2.01 4.03 7.48
C SER A 246 -2.47 5.46 7.24
N GLN A 247 -3.28 6.02 8.13
CA GLN A 247 -3.77 7.37 7.95
C GLN A 247 -2.70 8.42 8.26
N ARG A 248 -1.65 8.04 8.97
CA ARG A 248 -0.61 8.96 9.40
C ARG A 248 -0.12 9.85 8.26
N THR A 249 -0.06 11.16 8.54
CA THR A 249 0.47 12.18 7.64
C THR A 249 -0.27 12.32 6.32
N ARG A 250 -1.37 11.57 6.14
CA ARG A 250 -2.05 11.59 4.86
C ARG A 250 -2.69 12.93 4.56
N ASP A 251 -3.07 13.69 5.58
CA ASP A 251 -3.81 14.93 5.38
C ASP A 251 -3.21 16.09 6.19
N ILE A 252 -1.91 16.07 6.41
CA ILE A 252 -1.24 17.17 7.09
C ILE A 252 -0.92 18.28 6.11
N TYR A 253 -1.03 19.53 6.57
CA TYR A 253 -0.63 20.70 5.80
C TYR A 253 0.87 20.94 5.86
N ILE A 254 1.37 21.61 4.82
CA ILE A 254 2.73 22.13 4.83
C ILE A 254 2.76 23.42 5.64
N SER A 255 3.75 23.55 6.52
CA SER A 255 3.96 24.78 7.27
C SER A 255 5.25 25.49 6.90
N ARG A 256 6.11 24.86 6.12
CA ARG A 256 7.30 25.52 5.60
C ARG A 256 7.70 24.88 4.27
N ARG A 257 8.58 25.57 3.56
CA ARG A 257 8.98 25.13 2.23
C ARG A 257 9.92 23.94 2.30
N LEU A 258 10.77 23.88 3.32
CA LEU A 258 11.74 22.80 3.50
C LEU A 258 11.32 21.96 4.70
N LEU A 259 10.68 20.83 4.44
CA LEU A 259 10.19 19.97 5.51
C LEU A 259 11.33 19.44 6.38
N GLY B 1 1.10 -2.97 -0.69
CA GLY B 1 1.29 -4.34 -1.12
C GLY B 1 0.17 -5.25 -0.69
N THR B 2 0.46 -6.55 -0.57
CA THR B 2 -0.54 -7.54 -0.20
C THR B 2 -0.04 -8.34 1.01
N PHE B 3 -0.99 -8.86 1.78
CA PHE B 3 -0.63 -9.70 2.92
C PHE B 3 0.18 -10.91 2.47
N THR B 4 1.03 -11.41 3.37
CA THR B 4 1.91 -12.52 3.03
C THR B 4 2.06 -13.58 4.10
N TRP B 5 1.64 -13.34 5.34
CA TRP B 5 1.87 -14.29 6.43
C TRP B 5 1.24 -15.65 6.14
N THR B 6 2.08 -16.69 6.08
CA THR B 6 1.60 -18.06 6.00
C THR B 6 1.17 -18.57 7.35
N LEU B 7 -0.02 -19.17 7.41
CA LEU B 7 -0.51 -19.81 8.63
C LEU B 7 0.37 -21.00 9.01
N SER B 8 0.68 -21.12 10.30
CA SER B 8 1.42 -22.27 10.80
C SER B 8 0.55 -23.53 10.77
N ASP B 9 1.22 -24.68 10.73
CA ASP B 9 0.52 -25.95 10.65
C ASP B 9 -0.40 -26.18 11.85
N SER B 10 -1.60 -26.68 11.57
CA SER B 10 -2.58 -26.93 12.62
C SER B 10 -2.11 -28.03 13.56
N GLU B 11 -2.30 -27.81 14.86
CA GLU B 11 -1.95 -28.81 15.84
C GLU B 11 -2.82 -30.06 15.68
N GLY B 12 -4.12 -29.87 15.41
CA GLY B 12 -5.02 -31.01 15.30
C GLY B 12 -4.75 -31.77 14.02
N LYS B 13 -4.63 -33.09 14.15
CA LYS B 13 -4.43 -33.98 13.01
C LYS B 13 -5.68 -34.20 12.17
N ASP B 14 -6.87 -33.89 12.70
CA ASP B 14 -8.08 -34.06 11.88
C ASP B 14 -8.00 -33.22 10.61
N THR B 15 -7.44 -32.01 10.71
CA THR B 15 -7.20 -31.12 9.57
C THR B 15 -5.70 -31.07 9.34
N PRO B 16 -5.13 -31.96 8.52
CA PRO B 16 -3.66 -31.99 8.40
C PRO B 16 -3.03 -30.65 8.06
N GLY B 17 -3.55 -29.94 7.05
CA GLY B 17 -2.99 -28.67 6.65
C GLY B 17 -3.91 -27.49 6.90
N GLY B 18 -4.86 -27.66 7.81
CA GLY B 18 -5.84 -26.64 8.14
C GLY B 18 -5.43 -25.77 9.31
N TYR B 19 -6.42 -25.30 10.06
CA TYR B 19 -6.08 -24.46 11.20
C TYR B 19 -7.09 -24.66 12.32
N CYS B 20 -6.61 -24.59 13.55
CA CYS B 20 -7.43 -24.82 14.73
C CYS B 20 -7.41 -23.57 15.60
N LEU B 21 -8.59 -23.15 16.06
CA LEU B 21 -8.72 -22.08 17.04
C LEU B 21 -8.94 -22.73 18.40
N THR B 22 -7.99 -22.50 19.31
CA THR B 22 -8.03 -23.10 20.63
C THR B 22 -9.06 -22.42 21.54
N ARG B 23 -9.20 -22.98 22.73
CA ARG B 23 -10.18 -22.50 23.70
C ARG B 23 -9.93 -21.05 24.13
N TRP B 24 -8.67 -20.60 24.13
CA TRP B 24 -8.40 -19.24 24.59
C TRP B 24 -8.83 -18.17 23.59
N MET B 25 -8.78 -18.45 22.29
CA MET B 25 -9.10 -17.41 21.32
C MET B 25 -10.60 -17.17 21.13
N LEU B 26 -11.46 -17.97 21.75
CA LEU B 26 -12.90 -17.85 21.56
C LEU B 26 -13.59 -17.65 22.91
N ILE B 27 -14.73 -16.96 22.87
CA ILE B 27 -15.48 -16.67 24.08
C ILE B 27 -16.14 -17.92 24.65
N GLU B 28 -16.67 -18.80 23.79
CA GLU B 28 -17.29 -20.02 24.31
C GLU B 28 -16.29 -21.06 24.81
N ALA B 29 -14.99 -20.73 24.84
CA ALA B 29 -13.94 -21.56 25.42
C ALA B 29 -13.94 -23.03 24.96
N GLU B 30 -14.08 -23.24 23.66
CA GLU B 30 -14.02 -24.59 23.09
C GLU B 30 -13.01 -24.58 21.95
N LEU B 31 -12.78 -25.74 21.34
CA LEU B 31 -11.83 -25.89 20.24
C LEU B 31 -12.61 -26.01 18.94
N LYS B 32 -12.28 -25.18 17.96
CA LYS B 32 -12.93 -25.21 16.66
C LYS B 32 -11.85 -25.29 15.59
N CYS B 33 -11.80 -26.40 14.85
CA CYS B 33 -10.78 -26.60 13.82
C CYS B 33 -11.44 -26.55 12.45
N PHE B 34 -10.89 -25.74 11.56
CA PHE B 34 -11.36 -25.61 10.18
C PHE B 34 -10.42 -26.29 9.20
N GLY B 35 -11.03 -26.93 8.22
CA GLY B 35 -10.40 -27.80 7.25
C GLY B 35 -9.56 -27.08 6.21
N ASN B 36 -8.89 -27.91 5.39
CA ASN B 36 -7.98 -27.40 4.37
C ASN B 36 -8.71 -26.54 3.34
N THR B 37 -9.93 -26.91 2.98
CA THR B 37 -10.65 -26.15 1.97
C THR B 37 -10.85 -24.70 2.38
N ALA B 38 -11.37 -24.47 3.60
CA ALA B 38 -11.59 -23.11 4.05
C ALA B 38 -10.28 -22.34 4.22
N VAL B 39 -9.24 -22.99 4.74
CA VAL B 39 -8.01 -22.26 5.02
C VAL B 39 -7.23 -21.95 3.73
N ALA B 40 -7.39 -22.78 2.69
CA ALA B 40 -6.71 -22.50 1.44
C ALA B 40 -7.23 -21.23 0.78
N LYS B 41 -8.51 -20.91 0.97
CA LYS B 41 -9.07 -19.68 0.44
C LYS B 41 -8.38 -18.46 1.04
N CYS B 42 -7.92 -18.57 2.29
CA CYS B 42 -7.26 -17.47 2.95
C CYS B 42 -5.95 -17.06 2.29
N ASN B 43 -5.35 -17.94 1.48
CA ASN B 43 -4.14 -17.57 0.76
C ASN B 43 -4.37 -16.71 -0.46
N GLU B 44 -5.56 -16.71 -1.04
CA GLU B 44 -5.80 -15.97 -2.28
C GLU B 44 -6.82 -14.85 -2.19
N LYS B 45 -7.74 -14.90 -1.23
CA LYS B 45 -8.76 -13.87 -1.13
C LYS B 45 -8.23 -12.64 -0.42
N HIS B 46 -8.79 -11.47 -0.78
CA HIS B 46 -8.40 -10.20 -0.19
C HIS B 46 -9.46 -9.56 0.69
N ASP B 47 -10.68 -10.10 0.75
CA ASP B 47 -11.77 -9.46 1.47
C ASP B 47 -12.36 -10.33 2.59
N GLU B 48 -11.64 -11.34 3.05
CA GLU B 48 -12.13 -12.20 4.13
C GLU B 48 -11.56 -11.72 5.45
N GLU B 49 -12.39 -11.00 6.21
CA GLU B 49 -12.02 -10.53 7.54
C GLU B 49 -11.49 -11.67 8.41
N PHE B 50 -12.12 -12.84 8.29
CA PHE B 50 -11.72 -13.97 9.12
C PHE B 50 -10.28 -14.38 8.81
N CYS B 51 -9.86 -14.33 7.54
CA CYS B 51 -8.48 -14.70 7.24
C CYS B 51 -7.47 -13.69 7.77
N ASP B 52 -7.89 -12.43 7.94
CA ASP B 52 -7.02 -11.42 8.52
C ASP B 52 -6.92 -11.62 10.03
N MET B 53 -8.03 -11.98 10.66
CA MET B 53 -7.96 -12.27 12.09
C MET B 53 -7.13 -13.54 12.34
N LEU B 54 -7.25 -14.54 11.47
CA LEU B 54 -6.39 -15.71 11.57
C LEU B 54 -4.92 -15.34 11.48
N ARG B 55 -4.58 -14.49 10.50
CA ARG B 55 -3.19 -14.08 10.38
C ARG B 55 -2.72 -13.30 11.61
N LEU B 56 -3.57 -12.42 12.15
CA LEU B 56 -3.22 -11.70 13.37
C LEU B 56 -2.94 -12.65 14.52
N PHE B 57 -3.86 -13.57 14.78
CA PHE B 57 -3.70 -14.50 15.90
C PHE B 57 -2.48 -15.39 15.71
N ASP B 58 -2.24 -15.85 14.49
CA ASP B 58 -1.07 -16.69 14.25
C ASP B 58 0.21 -15.91 14.47
N PHE B 59 0.26 -14.67 13.99
CA PHE B 59 1.41 -13.81 14.28
C PHE B 59 1.61 -13.65 15.78
N ASN B 60 0.52 -13.42 16.51
CA ASN B 60 0.60 -13.29 17.97
C ASN B 60 1.26 -14.52 18.58
N LYS B 61 0.74 -15.70 18.23
CA LYS B 61 1.28 -16.94 18.78
C LYS B 61 2.76 -17.10 18.45
N GLN B 62 3.11 -16.89 17.18
CA GLN B 62 4.50 -17.06 16.77
C GLN B 62 5.42 -16.10 17.51
N ALA B 63 4.99 -14.85 17.67
CA ALA B 63 5.79 -13.90 18.44
C ALA B 63 5.96 -14.33 19.88
N ILE B 64 4.89 -14.84 20.49
CA ILE B 64 4.98 -15.27 21.87
C ILE B 64 5.90 -16.46 22.02
N GLN B 65 5.98 -17.31 20.99
CA GLN B 65 6.77 -18.52 21.14
C GLN B 65 8.24 -18.31 20.76
N ARG B 66 8.53 -17.53 19.73
CA ARG B 66 9.90 -17.40 19.25
C ARG B 66 10.66 -16.21 19.81
N LEU B 67 9.97 -15.18 20.30
CA LEU B 67 10.63 -14.02 20.90
C LEU B 67 10.44 -14.03 22.42
N LYS B 68 11.45 -13.52 23.11
CA LYS B 68 11.39 -13.39 24.57
C LYS B 68 10.39 -12.31 24.94
N ALA B 69 9.21 -12.75 25.38
CA ALA B 69 8.15 -11.82 25.77
C ALA B 69 8.49 -11.11 27.06
N GLU B 70 8.20 -9.81 27.10
CA GLU B 70 8.26 -9.04 28.32
C GLU B 70 6.99 -8.20 28.39
N ALA B 71 6.68 -7.70 29.59
CA ALA B 71 5.45 -6.95 29.77
C ALA B 71 5.50 -5.62 29.02
N GLN B 72 6.62 -4.90 29.14
CA GLN B 72 6.89 -3.75 28.27
C GLN B 72 6.73 -4.17 26.82
N MET B 73 6.03 -3.36 26.03
CA MET B 73 5.62 -3.75 24.70
C MET B 73 6.53 -3.24 23.59
N SER B 74 6.70 -4.08 22.57
CA SER B 74 7.44 -3.74 21.35
C SER B 74 6.47 -3.27 20.26
N ILE B 75 5.90 -2.09 20.50
CA ILE B 75 5.02 -1.43 19.52
C ILE B 75 5.59 -1.49 18.10
N GLN B 76 6.91 -1.31 17.97
CA GLN B 76 7.57 -1.32 16.68
C GLN B 76 7.30 -2.60 15.89
N LEU B 77 7.27 -3.74 16.57
CA LEU B 77 7.08 -5.02 15.88
C LEU B 77 5.76 -5.05 15.13
N ILE B 78 4.65 -4.75 15.82
CA ILE B 78 3.36 -4.75 15.15
C ILE B 78 3.29 -3.61 14.13
N ASN B 79 3.92 -2.46 14.41
CA ASN B 79 3.92 -1.36 13.45
C ASN B 79 4.52 -1.81 12.12
N LYS B 80 5.60 -2.59 12.17
CA LYS B 80 6.19 -3.08 10.94
C LYS B 80 5.44 -4.26 10.33
N ALA B 81 4.84 -5.13 11.15
CA ALA B 81 4.18 -6.31 10.62
C ALA B 81 2.75 -6.07 10.12
N VAL B 82 2.13 -4.94 10.47
CA VAL B 82 0.69 -4.81 10.26
C VAL B 82 0.29 -5.06 8.81
N ASN B 83 0.94 -4.37 7.86
CA ASN B 83 0.55 -4.54 6.47
C ASN B 83 0.95 -5.90 5.91
N ALA B 84 1.92 -6.57 6.54
CA ALA B 84 2.18 -7.95 6.17
C ALA B 84 1.13 -8.90 6.72
N LEU B 85 0.35 -8.47 7.70
CA LEU B 85 -0.64 -9.37 8.30
C LEU B 85 -2.06 -9.16 7.80
N ILE B 86 -2.48 -7.91 7.62
CA ILE B 86 -3.88 -7.60 7.32
C ILE B 86 -3.95 -6.55 6.23
N ASN B 87 -5.10 -6.53 5.55
CA ASN B 87 -5.43 -5.47 4.60
C ASN B 87 -6.13 -4.35 5.34
N ASP B 88 -5.42 -3.23 5.54
CA ASP B 88 -6.00 -2.06 6.19
C ASP B 88 -7.15 -1.48 5.39
N GLN B 89 -7.27 -1.84 4.11
CA GLN B 89 -8.36 -1.33 3.29
C GLN B 89 -9.67 -2.02 3.62
N LEU B 90 -9.64 -3.31 3.94
CA LEU B 90 -10.78 -3.95 4.58
C LEU B 90 -11.32 -3.14 5.75
N ILE B 91 -10.42 -2.69 6.64
CA ILE B 91 -10.82 -1.80 7.73
C ILE B 91 -11.44 -0.53 7.19
N MET B 92 -10.80 0.09 6.20
CA MET B 92 -11.35 1.33 5.65
C MET B 92 -12.74 1.11 5.04
N LYS B 93 -12.94 -0.02 4.38
CA LYS B 93 -14.24 -0.36 3.80
C LYS B 93 -15.30 -0.47 4.89
N ASN B 94 -14.97 -1.14 5.99
CA ASN B 94 -15.94 -1.28 7.06
C ASN B 94 -16.23 0.07 7.71
N HIS B 95 -15.21 0.92 7.83
CA HIS B 95 -15.42 2.27 8.33
C HIS B 95 -16.33 3.08 7.42
N LEU B 96 -16.11 3.00 6.10
CA LEU B 96 -16.94 3.75 5.17
C LEU B 96 -18.38 3.26 5.22
N ARG B 97 -18.58 1.95 5.31
CA ARG B 97 -19.93 1.43 5.46
C ARG B 97 -20.56 1.94 6.75
N ASP B 98 -19.79 1.99 7.83
CA ASP B 98 -20.31 2.49 9.09
C ASP B 98 -20.77 3.93 8.96
N ILE B 99 -19.92 4.81 8.42
CA ILE B 99 -20.30 6.22 8.36
C ILE B 99 -21.40 6.50 7.35
N MET B 100 -21.61 5.62 6.37
CA MET B 100 -22.71 5.76 5.42
C MET B 100 -23.99 5.05 5.86
N GLY B 101 -24.02 4.49 7.06
CA GLY B 101 -25.18 3.78 7.57
C GLY B 101 -25.46 2.40 7.02
N ILE B 102 -24.49 1.78 6.33
CA ILE B 102 -24.66 0.42 5.83
C ILE B 102 -24.18 -0.53 6.93
N PRO B 103 -24.84 -1.66 7.15
CA PRO B 103 -24.33 -2.63 8.13
C PRO B 103 -22.91 -3.05 7.81
N TYR B 104 -22.09 -3.16 8.84
CA TYR B 104 -20.65 -3.32 8.71
C TYR B 104 -20.16 -4.37 9.69
N CYS B 105 -18.94 -4.84 9.45
CA CYS B 105 -18.32 -5.85 10.29
C CYS B 105 -17.44 -5.20 11.35
N ASN B 106 -17.68 -5.55 12.62
CA ASN B 106 -16.84 -5.06 13.71
C ASN B 106 -15.92 -6.14 14.26
N TYR B 107 -15.66 -7.17 13.45
CA TYR B 107 -14.69 -8.23 13.69
C TYR B 107 -14.95 -9.06 14.95
N SER B 108 -16.08 -8.90 15.61
CA SER B 108 -16.32 -9.71 16.81
C SER B 108 -16.90 -11.09 16.47
N LYS B 109 -17.95 -11.14 15.65
CA LYS B 109 -18.78 -12.33 15.53
C LYS B 109 -18.79 -12.82 14.08
N TYR B 110 -18.78 -14.14 13.92
CA TYR B 110 -18.73 -14.76 12.61
C TYR B 110 -19.66 -15.96 12.55
N TRP B 111 -20.25 -16.18 11.38
CA TRP B 111 -21.11 -17.33 11.15
C TRP B 111 -20.53 -18.20 10.05
N TYR B 112 -20.85 -19.50 10.12
CA TYR B 112 -20.43 -20.45 9.10
C TYR B 112 -21.38 -21.64 9.14
N LEU B 113 -21.38 -22.40 8.06
CA LEU B 113 -22.20 -23.61 7.96
C LEU B 113 -21.45 -24.87 8.35
N ASN B 114 -22.20 -25.83 8.89
CA ASN B 114 -21.66 -27.12 9.28
C ASN B 114 -22.48 -28.25 8.65
N HIS B 115 -21.80 -29.09 7.87
CA HIS B 115 -22.36 -30.30 7.30
C HIS B 115 -22.30 -31.36 8.39
N THR B 116 -23.38 -31.43 9.17
CA THR B 116 -23.44 -32.25 10.37
C THR B 116 -22.77 -33.61 10.20
N THR B 117 -23.23 -34.38 9.22
CA THR B 117 -22.75 -35.75 9.03
C THR B 117 -21.23 -35.83 8.94
N THR B 118 -20.62 -35.02 8.08
CA THR B 118 -19.18 -35.13 7.86
C THR B 118 -18.36 -34.26 8.81
N GLY B 119 -18.90 -33.13 9.24
CA GLY B 119 -18.18 -32.17 10.04
C GLY B 119 -17.40 -31.13 9.25
N ARG B 120 -17.38 -31.22 7.93
CA ARG B 120 -16.71 -30.18 7.13
C ARG B 120 -17.52 -28.90 7.19
N THR B 121 -16.80 -27.77 7.13
CA THR B 121 -17.43 -26.46 7.25
C THR B 121 -16.95 -25.54 6.15
N SER B 122 -17.55 -24.36 6.08
CA SER B 122 -17.14 -23.28 5.19
C SER B 122 -16.31 -22.24 5.95
N LEU B 123 -15.68 -21.37 5.18
CA LEU B 123 -14.90 -20.29 5.76
C LEU B 123 -15.83 -19.30 6.45
N PRO B 124 -15.65 -19.04 7.74
CA PRO B 124 -16.54 -18.11 8.44
C PRO B 124 -16.54 -16.72 7.81
N LYS B 125 -17.72 -16.12 7.73
CA LYS B 125 -17.87 -14.75 7.28
C LYS B 125 -18.42 -13.91 8.41
N CYS B 126 -18.02 -12.64 8.43
CA CYS B 126 -18.39 -11.75 9.53
C CYS B 126 -19.90 -11.56 9.65
N TRP B 127 -20.36 -11.63 10.89
CA TRP B 127 -21.74 -11.27 11.24
C TRP B 127 -21.80 -9.75 11.38
N LEU B 128 -22.50 -9.10 10.45
CA LEU B 128 -22.48 -7.64 10.42
C LEU B 128 -23.30 -7.07 11.57
N VAL B 129 -23.00 -5.83 11.93
CA VAL B 129 -23.75 -5.11 12.96
C VAL B 129 -24.34 -3.88 12.29
N SER B 130 -25.44 -3.38 12.87
CA SER B 130 -26.04 -2.14 12.38
C SER B 130 -26.94 -1.57 13.46
N ASN B 131 -26.91 -0.24 13.61
CA ASN B 131 -27.69 0.44 14.63
C ASN B 131 -27.40 -0.11 16.03
N GLY B 132 -26.15 -0.48 16.26
CA GLY B 132 -25.73 -0.95 17.55
C GLY B 132 -26.12 -2.37 17.91
N SER B 133 -26.70 -3.12 16.98
CA SER B 133 -27.11 -4.48 17.26
C SER B 133 -26.74 -5.38 16.09
N TYR B 134 -26.60 -6.67 16.38
CA TYR B 134 -26.33 -7.64 15.33
C TYR B 134 -27.55 -7.77 14.43
N LEU B 135 -27.29 -7.94 13.14
CA LEU B 135 -28.37 -8.16 12.19
C LEU B 135 -29.15 -9.40 12.58
N ASN B 136 -30.47 -9.33 12.42
CA ASN B 136 -31.28 -10.52 12.59
C ASN B 136 -31.02 -11.49 11.46
N GLU B 137 -31.10 -12.79 11.78
CA GLU B 137 -30.71 -13.83 10.83
C GLU B 137 -31.50 -13.71 9.54
N THR B 138 -32.77 -13.31 9.62
CA THR B 138 -33.61 -13.19 8.43
C THR B 138 -33.15 -12.10 7.47
N HIS B 139 -32.35 -11.14 7.96
CA HIS B 139 -31.86 -10.05 7.13
C HIS B 139 -30.73 -10.44 6.18
N PHE B 140 -29.98 -11.50 6.46
CA PHE B 140 -28.90 -11.91 5.57
C PHE B 140 -28.99 -13.40 5.22
N SER B 141 -30.18 -13.98 5.30
CA SER B 141 -30.34 -15.41 5.01
C SER B 141 -30.02 -15.73 3.56
N ASP B 142 -30.20 -14.77 2.66
CA ASP B 142 -29.85 -14.98 1.26
C ASP B 142 -28.37 -15.31 1.10
N ASP B 143 -27.50 -14.59 1.81
CA ASP B 143 -26.08 -14.89 1.74
C ASP B 143 -25.78 -16.30 2.27
N ILE B 144 -26.45 -16.70 3.35
CA ILE B 144 -26.23 -18.06 3.86
C ILE B 144 -26.65 -19.08 2.81
N GLU B 145 -27.80 -18.85 2.16
CA GLU B 145 -28.26 -19.77 1.12
C GLU B 145 -27.25 -19.82 -0.02
N GLN B 146 -26.73 -18.66 -0.41
CA GLN B 146 -25.73 -18.59 -1.47
C GLN B 146 -24.48 -19.37 -1.08
N GLN B 147 -24.05 -19.26 0.18
CA GLN B 147 -22.88 -20.00 0.62
C GLN B 147 -23.13 -21.49 0.50
N ALA B 148 -24.34 -21.93 0.85
CA ALA B 148 -24.69 -23.34 0.72
C ALA B 148 -24.60 -23.74 -0.75
N ASP B 149 -25.11 -22.88 -1.62
CA ASP B 149 -25.04 -23.14 -3.07
C ASP B 149 -23.60 -23.31 -3.51
N ASN B 150 -22.72 -22.42 -3.05
CA ASN B 150 -21.32 -22.53 -3.44
C ASN B 150 -20.73 -23.86 -2.97
N MET B 151 -21.02 -24.23 -1.72
CA MET B 151 -20.50 -25.48 -1.15
C MET B 151 -20.97 -26.69 -1.95
N ILE B 152 -22.16 -26.56 -2.54
CA ILE B 152 -22.67 -27.64 -3.39
C ILE B 152 -21.92 -27.61 -4.71
N THR B 153 -21.88 -26.47 -5.37
CA THR B 153 -21.34 -26.44 -6.73
C THR B 153 -19.92 -26.98 -6.67
N GLU B 154 -19.10 -26.38 -5.79
CA GLU B 154 -17.71 -26.78 -5.70
C GLU B 154 -17.57 -28.28 -5.38
N MET B 155 -18.39 -28.83 -4.46
CA MET B 155 -18.20 -30.25 -4.17
C MET B 155 -18.51 -31.09 -5.40
N LEU B 156 -19.62 -30.78 -6.09
CA LEU B 156 -19.93 -31.56 -7.29
C LEU B 156 -18.80 -31.46 -8.32
N GLN B 157 -18.23 -30.26 -8.50
CA GLN B 157 -17.16 -30.14 -9.49
C GLN B 157 -15.93 -30.94 -9.10
N LYS B 158 -15.55 -30.93 -7.81
CA LYS B 158 -14.42 -31.76 -7.39
C LYS B 158 -14.72 -33.25 -7.63
N GLU B 159 -15.94 -33.69 -7.31
CA GLU B 159 -16.29 -35.09 -7.54
C GLU B 159 -16.20 -35.44 -9.02
N TYR B 160 -16.65 -34.53 -9.89
CA TYR B 160 -16.53 -34.76 -11.32
C TYR B 160 -15.07 -34.94 -11.70
N MET B 161 -14.21 -34.02 -11.22
CA MET B 161 -12.79 -34.12 -11.56
C MET B 161 -12.24 -35.45 -11.06
N GLU B 162 -12.73 -35.92 -9.90
CA GLU B 162 -12.33 -37.22 -9.38
C GLU B 162 -12.68 -38.32 -10.37
N ARG B 163 -13.95 -38.35 -10.79
CA ARG B 163 -14.42 -39.25 -11.84
C ARG B 163 -13.52 -39.19 -13.07
N GLN B 164 -13.13 -37.97 -13.46
CA GLN B 164 -12.23 -37.78 -14.59
C GLN B 164 -10.91 -38.49 -14.37
N GLY B 165 -10.37 -38.39 -13.16
CA GLY B 165 -9.06 -38.97 -12.89
C GLY B 165 -9.09 -40.49 -12.90
N LYS B 166 -10.09 -41.08 -12.29
CA LYS B 166 -10.19 -42.54 -12.22
C LYS B 166 -10.36 -43.11 -13.64
N GLY C 1 -2.32 -1.91 0.64
CA GLY C 1 -3.30 -2.98 0.63
C GLY C 1 -3.95 -3.17 -0.73
N THR C 2 -5.14 -3.73 -0.75
CA THR C 2 -5.85 -4.03 -1.98
C THR C 2 -7.23 -3.38 -1.93
N PHE C 3 -7.77 -3.06 -3.10
CA PHE C 3 -9.11 -2.51 -3.18
C PHE C 3 -10.13 -3.46 -2.57
N THR C 4 -11.22 -2.90 -2.06
CA THR C 4 -12.22 -3.70 -1.36
C THR C 4 -13.66 -3.34 -1.68
N TRP C 5 -13.94 -2.20 -2.31
CA TRP C 5 -15.31 -1.77 -2.56
C TRP C 5 -16.10 -2.80 -3.35
N THR C 6 -17.17 -3.31 -2.75
CA THR C 6 -18.11 -4.17 -3.47
C THR C 6 -19.05 -3.31 -4.30
N LEU C 7 -19.21 -3.69 -5.58
CA LEU C 7 -20.19 -3.02 -6.42
C LEU C 7 -21.61 -3.23 -5.91
N SER C 8 -22.40 -2.17 -5.92
CA SER C 8 -23.81 -2.27 -5.55
C SER C 8 -24.60 -3.01 -6.63
N ASP C 9 -25.73 -3.57 -6.22
CA ASP C 9 -26.55 -4.37 -7.13
C ASP C 9 -27.03 -3.53 -8.31
N SER C 10 -26.96 -4.12 -9.51
CA SER C 10 -27.39 -3.43 -10.71
C SER C 10 -28.89 -3.13 -10.67
N GLU C 11 -29.25 -1.92 -11.07
CA GLU C 11 -30.65 -1.53 -11.14
C GLU C 11 -31.40 -2.36 -12.18
N GLY C 12 -30.78 -2.58 -13.34
CA GLY C 12 -31.44 -3.32 -14.40
C GLY C 12 -31.54 -4.80 -14.06
N LYS C 13 -32.75 -5.35 -14.21
CA LYS C 13 -32.98 -6.77 -13.98
C LYS C 13 -32.45 -7.64 -15.11
N ASP C 14 -32.16 -7.06 -16.27
CA ASP C 14 -31.60 -7.84 -17.38
C ASP C 14 -30.28 -8.51 -16.98
N THR C 15 -29.46 -7.82 -16.19
CA THR C 15 -28.22 -8.35 -15.66
C THR C 15 -28.37 -8.56 -14.16
N PRO C 16 -28.83 -9.73 -13.71
CA PRO C 16 -29.11 -9.91 -12.28
C PRO C 16 -27.95 -9.55 -11.36
N GLY C 17 -26.75 -10.04 -11.66
CA GLY C 17 -25.60 -9.77 -10.81
C GLY C 17 -24.54 -8.91 -11.46
N GLY C 18 -24.91 -8.17 -12.50
CA GLY C 18 -23.98 -7.32 -13.22
C GLY C 18 -23.98 -5.89 -12.73
N TYR C 19 -23.70 -4.97 -13.65
CA TYR C 19 -23.67 -3.56 -13.32
C TYR C 19 -24.12 -2.74 -14.52
N CYS C 20 -24.81 -1.63 -14.26
CA CYS C 20 -25.35 -0.81 -15.34
C CYS C 20 -24.78 0.60 -15.23
N LEU C 21 -24.30 1.13 -16.35
CA LEU C 21 -23.88 2.52 -16.46
C LEU C 21 -25.00 3.32 -17.10
N THR C 22 -25.54 4.28 -16.36
CA THR C 22 -26.66 5.09 -16.82
C THR C 22 -26.20 6.11 -17.87
N ARG C 23 -27.18 6.83 -18.42
CA ARG C 23 -26.91 7.79 -19.48
C ARG C 23 -25.98 8.92 -19.05
N TRP C 24 -25.97 9.28 -17.75
CA TRP C 24 -25.11 10.38 -17.32
C TRP C 24 -23.63 10.00 -17.31
N MET C 25 -23.30 8.75 -17.02
CA MET C 25 -21.89 8.40 -16.89
C MET C 25 -21.19 8.24 -18.24
N LEU C 26 -21.90 8.29 -19.36
CA LEU C 26 -21.29 8.07 -20.67
C LEU C 26 -21.53 9.26 -21.58
N ILE C 27 -20.59 9.47 -22.50
CA ILE C 27 -20.68 10.58 -23.44
C ILE C 27 -21.76 10.33 -24.47
N GLU C 28 -21.92 9.08 -24.91
CA GLU C 28 -22.95 8.74 -25.86
C GLU C 28 -24.36 8.75 -25.24
N ALA C 29 -24.46 9.12 -23.96
CA ALA C 29 -25.74 9.31 -23.24
C ALA C 29 -26.73 8.14 -23.39
N GLU C 30 -26.25 6.92 -23.24
CA GLU C 30 -27.14 5.76 -23.28
C GLU C 30 -26.88 4.89 -22.04
N LEU C 31 -27.65 3.82 -21.92
CA LEU C 31 -27.55 2.90 -20.80
C LEU C 31 -26.83 1.66 -21.29
N LYS C 32 -25.79 1.25 -20.58
CA LYS C 32 -25.03 0.05 -20.92
C LYS C 32 -24.96 -0.85 -19.71
N CYS C 33 -25.57 -2.04 -19.80
CA CYS C 33 -25.60 -3.00 -18.71
C CYS C 33 -24.69 -4.16 -19.07
N PHE C 34 -23.79 -4.48 -18.15
CA PHE C 34 -22.87 -5.60 -18.30
C PHE C 34 -23.28 -6.72 -17.35
N GLY C 35 -23.18 -7.95 -17.83
CA GLY C 35 -23.68 -9.09 -17.10
C GLY C 35 -22.82 -9.44 -15.91
N ASN C 36 -23.32 -10.41 -15.14
CA ASN C 36 -22.63 -10.82 -13.93
C ASN C 36 -21.24 -11.40 -14.22
N THR C 37 -21.11 -12.14 -15.33
CA THR C 37 -19.84 -12.76 -15.64
C THR C 37 -18.71 -11.73 -15.79
N ALA C 38 -18.94 -10.69 -16.60
CA ALA C 38 -17.90 -9.68 -16.78
C ALA C 38 -17.60 -8.93 -15.49
N VAL C 39 -18.63 -8.61 -14.71
CA VAL C 39 -18.43 -7.82 -13.49
C VAL C 39 -17.79 -8.63 -12.38
N ALA C 40 -17.95 -9.96 -12.41
CA ALA C 40 -17.33 -10.80 -11.40
C ALA C 40 -15.81 -10.77 -11.50
N LYS C 41 -15.27 -10.58 -12.72
CA LYS C 41 -13.83 -10.47 -12.87
C LYS C 41 -13.29 -9.27 -12.09
N CYS C 42 -14.12 -8.22 -11.95
CA CYS C 42 -13.72 -7.02 -11.23
C CYS C 42 -13.44 -7.26 -9.76
N ASN C 43 -13.94 -8.35 -9.18
CA ASN C 43 -13.66 -8.64 -7.77
C ASN C 43 -12.28 -9.25 -7.54
N GLU C 44 -11.69 -9.87 -8.55
CA GLU C 44 -10.43 -10.58 -8.42
C GLU C 44 -9.29 -9.98 -9.23
N LYS C 45 -9.58 -9.25 -10.29
CA LYS C 45 -8.52 -8.72 -11.12
C LYS C 45 -7.92 -7.47 -10.50
N HIS C 46 -6.63 -7.26 -10.75
CA HIS C 46 -5.91 -6.10 -10.23
C HIS C 46 -5.49 -5.12 -11.31
N ASP C 47 -5.61 -5.48 -12.59
CA ASP C 47 -5.11 -4.64 -13.68
C ASP C 47 -6.20 -4.20 -14.65
N GLU C 48 -7.46 -4.24 -14.24
CA GLU C 48 -8.56 -3.81 -15.09
C GLU C 48 -8.92 -2.38 -14.74
N GLU C 49 -8.42 -1.45 -15.55
CA GLU C 49 -8.72 -0.03 -15.38
C GLU C 49 -10.22 0.21 -15.30
N PHE C 50 -10.99 -0.52 -16.12
CA PHE C 50 -12.42 -0.32 -16.15
C PHE C 50 -13.06 -0.65 -14.80
N CYS C 51 -12.56 -1.70 -14.13
CA CYS C 51 -13.12 -2.03 -12.82
C CYS C 51 -12.76 -0.99 -11.77
N ASP C 52 -11.66 -0.27 -11.95
CA ASP C 52 -11.32 0.81 -11.02
C ASP C 52 -12.21 2.02 -11.26
N MET C 53 -12.51 2.32 -12.53
CA MET C 53 -13.43 3.42 -12.80
C MET C 53 -14.85 3.09 -12.34
N LEU C 54 -15.25 1.83 -12.49
CA LEU C 54 -16.54 1.39 -11.95
C LEU C 54 -16.60 1.61 -10.46
N ARG C 55 -15.54 1.22 -9.75
CA ARG C 55 -15.55 1.43 -8.30
C ARG C 55 -15.62 2.92 -7.97
N LEU C 56 -14.89 3.76 -8.71
CA LEU C 56 -14.98 5.20 -8.48
C LEU C 56 -16.40 5.72 -8.66
N PHE C 57 -17.04 5.38 -9.78
CA PHE C 57 -18.39 5.86 -10.05
C PHE C 57 -19.38 5.33 -9.01
N ASP C 58 -19.24 4.07 -8.62
CA ASP C 58 -20.15 3.51 -7.63
C ASP C 58 -19.99 4.21 -6.29
N PHE C 59 -18.74 4.44 -5.86
CA PHE C 59 -18.50 5.21 -4.66
C PHE C 59 -19.14 6.59 -4.76
N ASN C 60 -18.98 7.25 -5.89
CA ASN C 60 -19.59 8.56 -6.09
C ASN C 60 -21.09 8.50 -5.85
N LYS C 61 -21.77 7.57 -6.52
CA LYS C 61 -23.22 7.45 -6.39
C LYS C 61 -23.62 7.17 -4.94
N GLN C 62 -22.97 6.19 -4.32
CA GLN C 62 -23.32 5.82 -2.95
C GLN C 62 -23.10 6.97 -1.98
N ALA C 63 -21.99 7.70 -2.14
CA ALA C 63 -21.73 8.86 -1.30
C ALA C 63 -22.81 9.93 -1.48
N ILE C 64 -23.22 10.16 -2.73
CA ILE C 64 -24.25 11.16 -2.98
C ILE C 64 -25.58 10.72 -2.38
N GLN C 65 -25.84 9.42 -2.32
CA GLN C 65 -27.14 8.96 -1.85
C GLN C 65 -27.23 8.84 -0.34
N ARG C 66 -26.17 8.37 0.33
CA ARG C 66 -26.26 8.12 1.76
C ARG C 66 -25.78 9.28 2.62
N LEU C 67 -24.95 10.16 2.08
CA LEU C 67 -24.49 11.34 2.79
C LEU C 67 -25.21 12.57 2.26
N LYS C 68 -25.44 13.52 3.14
CA LYS C 68 -26.06 14.79 2.76
C LYS C 68 -25.05 15.57 1.92
N ALA C 69 -25.25 15.59 0.61
CA ALA C 69 -24.31 16.30 -0.25
C ALA C 69 -24.45 17.80 -0.02
N GLU C 70 -23.30 18.47 0.03
CA GLU C 70 -23.23 19.93 0.05
C GLU C 70 -22.19 20.40 -0.95
N ALA C 71 -22.26 21.69 -1.30
CA ALA C 71 -21.39 22.22 -2.34
C ALA C 71 -19.93 22.26 -1.93
N GLN C 72 -19.63 22.76 -0.73
CA GLN C 72 -18.30 22.59 -0.16
C GLN C 72 -17.95 21.10 -0.14
N MET C 73 -16.76 20.75 -0.58
CA MET C 73 -16.40 19.35 -0.72
C MET C 73 -15.61 18.87 0.48
N SER C 74 -15.85 17.61 0.85
CA SER C 74 -15.07 16.92 1.89
C SER C 74 -13.96 16.09 1.25
N ILE C 75 -12.92 16.79 0.81
CA ILE C 75 -11.76 16.13 0.20
C ILE C 75 -11.25 14.98 1.07
N GLN C 76 -11.30 15.13 2.40
CA GLN C 76 -10.87 14.05 3.30
C GLN C 76 -11.53 12.72 2.95
N LEU C 77 -12.83 12.75 2.61
CA LEU C 77 -13.55 11.50 2.36
C LEU C 77 -12.90 10.72 1.23
N ILE C 78 -12.70 11.37 0.09
CA ILE C 78 -12.05 10.68 -1.03
C ILE C 78 -10.60 10.37 -0.69
N ASN C 79 -9.92 11.23 0.06
CA ASN C 79 -8.54 10.94 0.44
C ASN C 79 -8.43 9.63 1.20
N LYS C 80 -9.37 9.36 2.11
CA LYS C 80 -9.35 8.10 2.83
C LYS C 80 -9.89 6.93 2.02
N ALA C 81 -10.85 7.17 1.12
CA ALA C 81 -11.41 6.05 0.37
C ALA C 81 -10.59 5.64 -0.84
N VAL C 82 -9.66 6.48 -1.30
CA VAL C 82 -9.04 6.27 -2.61
C VAL C 82 -8.44 4.88 -2.72
N ASN C 83 -7.58 4.50 -1.77
CA ASN C 83 -6.90 3.21 -1.89
C ASN C 83 -7.86 2.05 -1.67
N ALA C 84 -8.99 2.28 -1.00
CA ALA C 84 -10.05 1.28 -0.95
C ALA C 84 -10.82 1.18 -2.26
N LEU C 85 -10.71 2.19 -3.13
CA LEU C 85 -11.48 2.16 -4.38
C LEU C 85 -10.67 1.75 -5.60
N ILE C 86 -9.41 2.19 -5.71
CA ILE C 86 -8.63 1.96 -6.92
C ILE C 86 -7.22 1.54 -6.55
N ASN C 87 -6.56 0.89 -7.50
CA ASN C 87 -5.14 0.59 -7.39
C ASN C 87 -4.36 1.75 -7.98
N ASP C 88 -3.74 2.55 -7.12
CA ASP C 88 -2.91 3.67 -7.57
C ASP C 88 -1.71 3.20 -8.38
N GLN C 89 -1.34 1.93 -8.27
CA GLN C 89 -0.19 1.42 -8.99
C GLN C 89 -0.50 1.20 -10.47
N LEU C 90 -1.71 0.76 -10.79
CA LEU C 90 -2.20 0.83 -12.17
C LEU C 90 -1.93 2.21 -12.78
N ILE C 91 -2.27 3.27 -12.04
CA ILE C 91 -1.96 4.63 -12.48
C ILE C 91 -0.47 4.81 -12.67
N MET C 92 0.33 4.34 -11.71
CA MET C 92 1.77 4.51 -11.83
C MET C 92 2.30 3.80 -13.07
N LYS C 93 1.79 2.60 -13.36
CA LYS C 93 2.20 1.86 -14.55
C LYS C 93 1.85 2.61 -15.82
N ASN C 94 0.66 3.20 -15.86
CA ASN C 94 0.31 3.98 -17.05
C ASN C 94 1.20 5.21 -17.19
N HIS C 95 1.58 5.82 -16.06
CA HIS C 95 2.53 6.93 -16.10
C HIS C 95 3.88 6.49 -16.64
N LEU C 96 4.37 5.33 -16.17
CA LEU C 96 5.67 4.85 -16.62
C LEU C 96 5.64 4.53 -18.11
N ARG C 97 4.55 3.92 -18.58
CA ARG C 97 4.42 3.69 -20.02
C ARG C 97 4.41 5.01 -20.78
N ASP C 98 3.73 6.02 -20.24
CA ASP C 98 3.71 7.33 -20.89
C ASP C 98 5.12 7.90 -21.03
N ILE C 99 5.88 7.93 -19.94
CA ILE C 99 7.18 8.56 -19.98
C ILE C 99 8.18 7.76 -20.81
N MET C 100 7.93 6.47 -21.02
CA MET C 100 8.81 5.65 -21.85
C MET C 100 8.40 5.63 -23.31
N GLY C 101 7.39 6.39 -23.72
CA GLY C 101 6.96 6.37 -25.10
C GLY C 101 6.16 5.15 -25.48
N ILE C 102 5.68 4.39 -24.49
CA ILE C 102 4.87 3.20 -24.70
C ILE C 102 3.40 3.64 -24.73
N PRO C 103 2.56 3.06 -25.58
CA PRO C 103 1.13 3.39 -25.52
C PRO C 103 0.52 3.14 -24.16
N TYR C 104 -0.34 4.05 -23.71
CA TYR C 104 -0.84 4.05 -22.34
C TYR C 104 -2.33 4.37 -22.31
N CYS C 105 -2.94 4.07 -21.16
CA CYS C 105 -4.35 4.31 -20.91
C CYS C 105 -4.54 5.64 -20.21
N ASN C 106 -5.38 6.51 -20.77
CA ASN C 106 -5.72 7.75 -20.09
C ASN C 106 -7.14 7.70 -19.53
N TYR C 107 -7.65 6.48 -19.31
CA TYR C 107 -8.92 6.18 -18.64
C TYR C 107 -10.15 6.81 -19.29
N SER C 108 -9.97 7.38 -20.48
CA SER C 108 -11.15 7.95 -21.12
C SER C 108 -11.99 6.95 -21.91
N LYS C 109 -11.39 6.12 -22.74
CA LYS C 109 -12.11 5.37 -23.75
C LYS C 109 -11.88 3.87 -23.52
N TYR C 110 -12.92 3.08 -23.77
CA TYR C 110 -12.84 1.64 -23.57
C TYR C 110 -13.57 0.94 -24.71
N TRP C 111 -13.04 -0.23 -25.09
CA TRP C 111 -13.63 -1.09 -26.11
C TRP C 111 -14.02 -2.44 -25.53
N TYR C 112 -15.03 -3.07 -26.15
CA TYR C 112 -15.47 -4.40 -25.74
C TYR C 112 -16.15 -5.09 -26.92
N LEU C 113 -16.24 -6.41 -26.82
CA LEU C 113 -16.95 -7.20 -27.83
C LEU C 113 -18.38 -7.46 -27.40
N ASN C 114 -19.26 -7.56 -28.39
CA ASN C 114 -20.68 -7.83 -28.18
C ASN C 114 -21.12 -9.00 -29.03
N HIS C 115 -21.64 -10.05 -28.40
CA HIS C 115 -22.25 -11.17 -29.09
C HIS C 115 -23.67 -10.82 -29.46
N THR C 116 -23.84 -10.23 -30.65
CA THR C 116 -25.12 -9.68 -31.11
C THR C 116 -26.32 -10.53 -30.72
N THR C 117 -26.31 -11.80 -31.14
CA THR C 117 -27.45 -12.68 -30.92
C THR C 117 -27.88 -12.72 -29.45
N THR C 118 -26.93 -12.95 -28.55
CA THR C 118 -27.26 -13.11 -27.13
C THR C 118 -27.25 -11.80 -26.35
N GLY C 119 -26.44 -10.83 -26.77
CA GLY C 119 -26.27 -9.60 -26.04
C GLY C 119 -25.20 -9.64 -24.97
N ARG C 120 -24.55 -10.79 -24.75
CA ARG C 120 -23.46 -10.88 -23.80
C ARG C 120 -22.23 -10.13 -24.32
N THR C 121 -21.48 -9.55 -23.39
CA THR C 121 -20.30 -8.77 -23.76
C THR C 121 -19.13 -9.19 -22.89
N SER C 122 -17.96 -8.65 -23.22
CA SER C 122 -16.75 -8.82 -22.42
C SER C 122 -16.50 -7.59 -21.56
N LEU C 123 -15.60 -7.75 -20.60
CA LEU C 123 -15.20 -6.66 -19.74
C LEU C 123 -14.43 -5.62 -20.55
N PRO C 124 -14.88 -4.36 -20.59
CA PRO C 124 -14.18 -3.36 -21.39
C PRO C 124 -12.73 -3.19 -20.98
N LYS C 125 -11.85 -3.02 -21.96
CA LYS C 125 -10.45 -2.73 -21.76
C LYS C 125 -10.14 -1.35 -22.31
N CYS C 126 -9.19 -0.67 -21.66
CA CYS C 126 -8.90 0.71 -22.02
C CYS C 126 -8.38 0.82 -23.45
N TRP C 127 -8.90 1.80 -24.18
CA TRP C 127 -8.40 2.15 -25.51
C TRP C 127 -7.14 2.98 -25.35
N LEU C 128 -6.00 2.44 -25.76
CA LEU C 128 -4.74 3.12 -25.51
C LEU C 128 -4.61 4.34 -26.42
N VAL C 129 -3.79 5.29 -25.97
CA VAL C 129 -3.49 6.50 -26.73
C VAL C 129 -2.00 6.52 -26.97
N SER C 130 -1.58 7.22 -28.02
CA SER C 130 -0.16 7.39 -28.28
C SER C 130 0.10 8.58 -29.19
N ASN C 131 1.11 9.36 -28.84
CA ASN C 131 1.50 10.53 -29.64
C ASN C 131 0.30 11.44 -29.89
N GLY C 132 -0.53 11.60 -28.85
CA GLY C 132 -1.65 12.51 -28.86
C GLY C 132 -2.89 12.04 -29.58
N SER C 133 -2.94 10.80 -30.05
CA SER C 133 -4.12 10.29 -30.73
C SER C 133 -4.40 8.87 -30.26
N TYR C 134 -5.65 8.47 -30.39
CA TYR C 134 -6.01 7.10 -30.09
C TYR C 134 -5.36 6.16 -31.09
N LEU C 135 -4.95 5.00 -30.61
CA LEU C 135 -4.38 3.99 -31.50
C LEU C 135 -5.40 3.61 -32.56
N ASN C 136 -4.93 3.41 -33.78
CA ASN C 136 -5.81 2.87 -34.80
C ASN C 136 -6.16 1.43 -34.49
N GLU C 137 -7.39 1.05 -34.86
CA GLU C 137 -7.93 -0.24 -34.49
C GLU C 137 -7.06 -1.39 -34.95
N THR C 138 -6.39 -1.23 -36.09
CA THR C 138 -5.52 -2.27 -36.64
C THR C 138 -4.29 -2.54 -35.79
N HIS C 139 -3.88 -1.59 -34.95
CA HIS C 139 -2.66 -1.75 -34.16
C HIS C 139 -2.82 -2.71 -32.99
N PHE C 140 -4.04 -2.92 -32.48
CA PHE C 140 -4.23 -3.84 -31.36
C PHE C 140 -5.30 -4.89 -31.64
N SER C 141 -5.55 -5.21 -32.91
CA SER C 141 -6.55 -6.23 -33.25
C SER C 141 -6.17 -7.60 -32.71
N ASP C 142 -4.88 -7.84 -32.47
CA ASP C 142 -4.45 -9.11 -31.88
C ASP C 142 -5.03 -9.29 -30.48
N ASP C 143 -5.06 -8.23 -29.68
CA ASP C 143 -5.66 -8.32 -28.36
C ASP C 143 -7.14 -8.62 -28.44
N ILE C 144 -7.84 -8.04 -29.41
CA ILE C 144 -9.26 -8.34 -29.56
C ILE C 144 -9.45 -9.81 -29.92
N GLU C 145 -8.62 -10.34 -30.83
CA GLU C 145 -8.71 -11.76 -31.14
C GLU C 145 -8.40 -12.62 -29.92
N GLN C 146 -7.40 -12.22 -29.13
CA GLN C 146 -7.10 -12.96 -27.90
C GLN C 146 -8.30 -12.96 -26.97
N GLN C 147 -8.97 -11.81 -26.85
CA GLN C 147 -10.15 -11.73 -26.01
C GLN C 147 -11.27 -12.62 -26.53
N ALA C 148 -11.48 -12.65 -27.83
CA ALA C 148 -12.49 -13.54 -28.39
C ALA C 148 -12.16 -15.01 -28.14
N ASP C 149 -10.90 -15.39 -28.38
CA ASP C 149 -10.49 -16.77 -28.10
C ASP C 149 -10.66 -17.15 -26.63
N ASN C 150 -10.25 -16.27 -25.72
CA ASN C 150 -10.42 -16.57 -24.29
C ASN C 150 -11.90 -16.71 -23.93
N MET C 151 -12.73 -15.80 -24.45
CA MET C 151 -14.16 -15.88 -24.18
C MET C 151 -14.75 -17.17 -24.74
N ILE C 152 -14.22 -17.65 -25.86
CA ILE C 152 -14.70 -18.90 -26.44
C ILE C 152 -14.31 -20.06 -25.55
N THR C 153 -13.05 -20.08 -25.11
CA THR C 153 -12.58 -21.21 -24.32
C THR C 153 -13.36 -21.30 -23.02
N GLU C 154 -13.52 -20.16 -22.33
CA GLU C 154 -14.27 -20.16 -21.08
C GLU C 154 -15.72 -20.58 -21.31
N MET C 155 -16.34 -20.12 -22.40
CA MET C 155 -17.72 -20.53 -22.67
C MET C 155 -17.81 -22.03 -22.91
N LEU C 156 -16.89 -22.58 -23.70
CA LEU C 156 -16.89 -24.01 -23.97
C LEU C 156 -16.74 -24.80 -22.67
N GLN C 157 -15.85 -24.33 -21.78
CA GLN C 157 -15.66 -25.02 -20.52
C GLN C 157 -16.89 -24.94 -19.63
N LYS C 158 -17.59 -23.80 -19.60
CA LYS C 158 -18.82 -23.74 -18.81
C LYS C 158 -19.88 -24.71 -19.34
N GLU C 159 -20.08 -24.80 -20.65
CA GLU C 159 -21.04 -25.80 -21.14
C GLU C 159 -20.59 -27.22 -20.84
N TYR C 160 -19.29 -27.50 -20.96
CA TYR C 160 -18.81 -28.83 -20.62
C TYR C 160 -19.13 -29.15 -19.16
N MET C 161 -18.79 -28.24 -18.24
CA MET C 161 -19.09 -28.49 -16.83
C MET C 161 -20.59 -28.66 -16.63
N GLU C 162 -21.41 -27.95 -17.41
CA GLU C 162 -22.86 -28.15 -17.33
C GLU C 162 -23.16 -29.60 -17.66
N ARG C 163 -22.75 -30.04 -18.85
CA ARG C 163 -22.87 -31.44 -19.26
C ARG C 163 -22.39 -32.38 -18.16
N GLN C 164 -21.29 -32.01 -17.48
CA GLN C 164 -20.77 -32.81 -16.37
C GLN C 164 -21.81 -32.93 -15.27
N GLY C 165 -22.42 -31.82 -14.87
CA GLY C 165 -23.35 -31.85 -13.77
C GLY C 165 -24.58 -32.71 -14.05
N LYS C 166 -25.13 -32.60 -15.25
CA LYS C 166 -26.33 -33.35 -15.61
C LYS C 166 -26.03 -34.85 -15.57
N GLY D 1 -1.15 -0.75 -2.92
CA GLY D 1 -1.79 -1.36 -4.08
C GLY D 1 -1.12 -2.66 -4.44
N THR D 2 -1.24 -3.06 -5.70
CA THR D 2 -0.70 -4.32 -6.18
C THR D 2 0.21 -4.07 -7.37
N PHE D 3 1.18 -4.95 -7.55
CA PHE D 3 2.08 -4.84 -8.70
C PHE D 3 1.30 -4.92 -10.00
N THR D 4 1.85 -4.29 -11.04
CA THR D 4 1.16 -4.21 -12.32
C THR D 4 2.06 -4.41 -13.55
N TRP D 5 3.38 -4.36 -13.42
CA TRP D 5 4.27 -4.43 -14.57
C TRP D 5 4.07 -5.71 -15.37
N THR D 6 3.69 -5.55 -16.63
CA THR D 6 3.61 -6.68 -17.55
C THR D 6 5.00 -7.04 -18.08
N LEU D 7 5.33 -8.32 -18.03
CA LEU D 7 6.58 -8.81 -18.62
C LEU D 7 6.60 -8.59 -20.13
N SER D 8 7.74 -8.13 -20.64
CA SER D 8 7.92 -8.00 -22.08
C SER D 8 8.04 -9.36 -22.75
N ASP D 9 7.73 -9.41 -24.04
CA ASP D 9 7.75 -10.67 -24.78
C ASP D 9 9.14 -11.30 -24.78
N SER D 10 9.18 -12.61 -24.57
CA SER D 10 10.44 -13.33 -24.56
C SER D 10 11.11 -13.30 -25.93
N GLU D 11 12.42 -13.06 -25.92
CA GLU D 11 13.18 -13.07 -27.16
C GLU D 11 13.21 -14.48 -27.78
N GLY D 12 13.38 -15.50 -26.95
CA GLY D 12 13.45 -16.86 -27.47
C GLY D 12 12.09 -17.35 -27.93
N LYS D 13 12.05 -17.90 -29.13
CA LYS D 13 10.83 -18.48 -29.68
C LYS D 13 10.46 -19.83 -29.08
N ASP D 14 11.39 -20.51 -28.40
CA ASP D 14 11.04 -21.78 -27.77
C ASP D 14 9.91 -21.60 -26.77
N THR D 15 9.91 -20.49 -26.03
CA THR D 15 8.85 -20.11 -25.10
C THR D 15 8.15 -18.90 -25.70
N PRO D 16 7.11 -19.08 -26.52
CA PRO D 16 6.52 -17.92 -27.21
C PRO D 16 6.10 -16.77 -26.29
N GLY D 17 5.36 -17.06 -25.22
CA GLY D 17 4.89 -16.02 -24.32
C GLY D 17 5.51 -16.10 -22.94
N GLY D 18 6.65 -16.75 -22.83
CA GLY D 18 7.34 -16.93 -21.56
C GLY D 18 8.37 -15.86 -21.34
N TYR D 19 9.43 -16.22 -20.62
CA TYR D 19 10.46 -15.22 -20.37
C TYR D 19 11.81 -15.90 -20.33
N CYS D 20 12.83 -15.19 -20.81
CA CYS D 20 14.17 -15.76 -20.89
C CYS D 20 15.12 -14.89 -20.08
N LEU D 21 15.93 -15.53 -19.26
CA LEU D 21 17.02 -14.88 -18.54
C LEU D 21 18.32 -15.17 -19.29
N THR D 22 18.95 -14.12 -19.82
CA THR D 22 20.17 -14.24 -20.61
C THR D 22 21.38 -14.51 -19.72
N ARG D 23 22.54 -14.72 -20.36
CA ARG D 23 23.76 -15.06 -19.64
C ARG D 23 24.19 -13.98 -18.66
N TRP D 24 23.86 -12.71 -18.92
CA TRP D 24 24.31 -11.66 -17.99
C TRP D 24 23.52 -11.69 -16.68
N MET D 25 22.24 -12.05 -16.72
CA MET D 25 21.44 -12.00 -15.51
C MET D 25 21.67 -13.17 -14.56
N LEU D 26 22.45 -14.18 -14.95
CA LEU D 26 22.64 -15.36 -14.12
C LEU D 26 24.11 -15.60 -13.83
N ILE D 27 24.36 -16.23 -12.67
CA ILE D 27 25.72 -16.53 -12.25
C ILE D 27 26.30 -17.66 -13.10
N GLU D 28 25.48 -18.65 -13.46
CA GLU D 28 25.99 -19.73 -14.31
C GLU D 28 26.20 -19.29 -15.76
N ALA D 29 26.01 -18.02 -16.08
CA ALA D 29 26.29 -17.45 -17.40
C ALA D 29 25.71 -18.29 -18.53
N GLU D 30 24.46 -18.72 -18.38
CA GLU D 30 23.77 -19.47 -19.42
C GLU D 30 22.43 -18.81 -19.69
N LEU D 31 21.69 -19.34 -20.66
CA LEU D 31 20.38 -18.83 -21.04
C LEU D 31 19.34 -19.79 -20.49
N LYS D 32 18.36 -19.27 -19.76
CA LYS D 32 17.29 -20.09 -19.23
C LYS D 32 15.94 -19.48 -19.62
N CYS D 33 15.17 -20.22 -20.41
CA CYS D 33 13.87 -19.77 -20.90
C CYS D 33 12.77 -20.55 -20.20
N PHE D 34 11.81 -19.83 -19.63
CA PHE D 34 10.67 -20.43 -18.96
C PHE D 34 9.39 -20.27 -19.76
N GLY D 35 8.60 -21.34 -19.76
CA GLY D 35 7.41 -21.51 -20.55
C GLY D 35 6.22 -20.69 -20.08
N ASN D 36 5.16 -20.77 -20.89
CA ASN D 36 3.96 -19.99 -20.63
C ASN D 36 3.32 -20.34 -19.29
N THR D 37 3.34 -21.62 -18.92
CA THR D 37 2.70 -22.02 -17.68
C THR D 37 3.31 -21.33 -16.46
N ALA D 38 4.63 -21.37 -16.35
CA ALA D 38 5.28 -20.73 -15.20
C ALA D 38 5.09 -19.22 -15.20
N VAL D 39 5.17 -18.58 -16.37
CA VAL D 39 5.07 -17.12 -16.40
C VAL D 39 3.65 -16.62 -16.19
N ALA D 40 2.64 -17.42 -16.51
CA ALA D 40 1.28 -16.99 -16.29
C ALA D 40 0.96 -16.85 -14.81
N LYS D 41 1.58 -17.67 -13.97
CA LYS D 41 1.39 -17.55 -12.53
C LYS D 41 1.88 -16.22 -11.99
N CYS D 42 2.89 -15.64 -12.63
CA CYS D 42 3.45 -14.37 -12.16
C CYS D 42 2.47 -13.21 -12.24
N ASN D 43 1.42 -13.31 -13.06
CA ASN D 43 0.46 -12.22 -13.13
C ASN D 43 -0.52 -12.16 -11.97
N GLU D 44 -0.76 -13.28 -11.31
CA GLU D 44 -1.76 -13.38 -10.26
C GLU D 44 -1.22 -13.80 -8.91
N LYS D 45 -0.03 -14.38 -8.83
CA LYS D 45 0.49 -14.77 -7.54
C LYS D 45 1.06 -13.54 -6.83
N HIS D 46 0.95 -13.53 -5.51
CA HIS D 46 1.44 -12.44 -4.69
C HIS D 46 2.63 -12.81 -3.80
N ASP D 47 3.00 -14.09 -3.73
CA ASP D 47 4.04 -14.53 -2.81
C ASP D 47 5.22 -15.18 -3.53
N GLU D 48 5.35 -14.96 -4.83
CA GLU D 48 6.46 -15.55 -5.60
C GLU D 48 7.58 -14.52 -5.74
N GLU D 49 8.60 -14.65 -4.88
CA GLU D 49 9.78 -13.80 -4.96
C GLU D 49 10.37 -13.77 -6.36
N PHE D 50 10.37 -14.92 -7.03
CA PHE D 50 10.96 -14.99 -8.36
C PHE D 50 10.23 -14.10 -9.34
N CYS D 51 8.89 -14.02 -9.25
CA CYS D 51 8.17 -13.14 -10.17
C CYS D 51 8.44 -11.67 -9.87
N ASP D 52 8.79 -11.34 -8.62
CA ASP D 52 9.15 -9.95 -8.30
C ASP D 52 10.54 -9.63 -8.84
N MET D 53 11.47 -10.59 -8.76
CA MET D 53 12.79 -10.37 -9.35
C MET D 53 12.70 -10.28 -10.86
N LEU D 54 11.84 -11.08 -11.49
CA LEU D 54 11.62 -10.97 -12.92
C LEU D 54 11.11 -9.58 -13.28
N ARG D 55 10.14 -9.07 -12.51
CA ARG D 55 9.65 -7.72 -12.81
C ARG D 55 10.75 -6.69 -12.64
N LEU D 56 11.57 -6.83 -11.60
CA LEU D 56 12.69 -5.90 -11.41
C LEU D 56 13.62 -5.91 -12.62
N PHE D 57 14.06 -7.11 -13.03
CA PHE D 57 14.98 -7.22 -14.16
C PHE D 57 14.38 -6.68 -15.45
N ASP D 58 13.09 -6.97 -15.69
CA ASP D 58 12.46 -6.48 -16.90
C ASP D 58 12.37 -4.97 -16.90
N PHE D 59 11.99 -4.38 -15.77
CA PHE D 59 11.99 -2.92 -15.66
C PHE D 59 13.37 -2.37 -15.94
N ASN D 60 14.41 -2.99 -15.37
CA ASN D 60 15.78 -2.55 -15.60
C ASN D 60 16.12 -2.54 -17.09
N LYS D 61 15.90 -3.67 -17.77
CA LYS D 61 16.23 -3.74 -19.19
C LYS D 61 15.46 -2.70 -20.00
N GLN D 62 14.15 -2.60 -19.79
CA GLN D 62 13.33 -1.66 -20.57
C GLN D 62 13.76 -0.22 -20.33
N ALA D 63 14.08 0.13 -19.09
CA ALA D 63 14.56 1.48 -18.78
C ALA D 63 15.88 1.74 -19.48
N ILE D 64 16.77 0.75 -19.49
CA ILE D 64 18.06 0.92 -20.14
C ILE D 64 17.88 1.09 -21.64
N GLN D 65 16.84 0.46 -22.19
CA GLN D 65 16.70 0.50 -23.64
C GLN D 65 15.94 1.74 -24.12
N ARG D 66 14.90 2.18 -23.39
CA ARG D 66 14.09 3.28 -23.91
C ARG D 66 14.51 4.64 -23.39
N LEU D 67 15.22 4.69 -22.27
CA LEU D 67 15.73 5.95 -21.76
C LEU D 67 17.25 6.02 -21.95
N LYS D 68 17.75 7.23 -22.18
CA LYS D 68 19.19 7.43 -22.32
C LYS D 68 19.86 7.28 -20.96
N ALA D 69 20.51 6.15 -20.76
CA ALA D 69 21.18 5.86 -19.50
C ALA D 69 22.42 6.74 -19.35
N GLU D 70 22.61 7.25 -18.13
CA GLU D 70 23.84 7.95 -17.76
C GLU D 70 24.34 7.44 -16.42
N ALA D 71 25.61 7.72 -16.14
CA ALA D 71 26.26 7.19 -14.95
C ALA D 71 25.65 7.79 -13.68
N GLN D 72 25.46 9.12 -13.65
CA GLN D 72 24.64 9.66 -12.58
C GLN D 72 23.27 8.99 -12.55
N MET D 73 22.84 8.62 -11.35
CA MET D 73 21.66 7.80 -11.22
C MET D 73 20.38 8.59 -10.94
N SER D 74 19.29 8.13 -11.55
CA SER D 74 17.94 8.65 -11.32
C SER D 74 17.19 7.83 -10.27
N ILE D 75 17.61 7.94 -9.01
CA ILE D 75 16.88 7.29 -7.92
C ILE D 75 15.37 7.48 -8.03
N GLN D 76 14.94 8.67 -8.47
CA GLN D 76 13.51 8.97 -8.61
C GLN D 76 12.74 7.93 -9.42
N LEU D 77 13.31 7.45 -10.53
CA LEU D 77 12.57 6.52 -11.39
C LEU D 77 12.21 5.25 -10.64
N ILE D 78 13.20 4.59 -10.03
CA ILE D 78 12.94 3.37 -9.28
C ILE D 78 12.12 3.67 -8.05
N ASN D 79 12.35 4.83 -7.41
CA ASN D 79 11.57 5.19 -6.23
C ASN D 79 10.09 5.24 -6.55
N LYS D 80 9.73 5.77 -7.72
CA LYS D 80 8.32 5.80 -8.11
C LYS D 80 7.82 4.45 -8.60
N ALA D 81 8.66 3.66 -9.27
CA ALA D 81 8.21 2.39 -9.83
C ALA D 81 8.19 1.22 -8.84
N VAL D 82 8.84 1.36 -7.68
CA VAL D 82 9.11 0.19 -6.83
C VAL D 82 7.82 -0.57 -6.50
N ASN D 83 6.80 0.14 -6.01
CA ASN D 83 5.58 -0.54 -5.61
C ASN D 83 4.79 -1.04 -6.81
N ALA D 84 4.99 -0.46 -7.99
CA ALA D 84 4.44 -1.05 -9.21
C ALA D 84 5.20 -2.29 -9.65
N LEU D 85 6.39 -2.51 -9.09
CA LEU D 85 7.25 -3.59 -9.55
C LEU D 85 7.24 -4.80 -8.63
N ILE D 86 7.28 -4.60 -7.31
CA ILE D 86 7.44 -5.67 -6.36
C ILE D 86 6.49 -5.47 -5.19
N ASN D 87 6.21 -6.56 -4.50
CA ASN D 87 5.46 -6.51 -3.24
C ASN D 87 6.46 -6.34 -2.10
N ASP D 88 6.48 -5.14 -1.52
CA ASP D 88 7.38 -4.88 -0.39
C ASP D 88 7.02 -5.72 0.83
N GLN D 89 5.81 -6.27 0.87
CA GLN D 89 5.41 -7.08 2.00
C GLN D 89 6.06 -8.45 1.97
N LEU D 90 6.23 -9.05 0.80
CA LEU D 90 7.14 -10.19 0.66
C LEU D 90 8.49 -9.95 1.34
N ILE D 91 9.09 -8.78 1.08
CA ILE D 91 10.33 -8.42 1.77
C ILE D 91 10.12 -8.37 3.27
N MET D 92 9.02 -7.75 3.71
CA MET D 92 8.77 -7.67 5.15
C MET D 92 8.61 -9.05 5.77
N LYS D 93 7.93 -9.96 5.07
CA LYS D 93 7.76 -11.33 5.57
C LYS D 93 9.09 -12.04 5.68
N ASN D 94 9.96 -11.86 4.70
CA ASN D 94 11.27 -12.49 4.78
C ASN D 94 12.08 -11.91 5.94
N HIS D 95 11.95 -10.60 6.16
CA HIS D 95 12.59 -9.99 7.32
C HIS D 95 12.06 -10.56 8.63
N LEU D 96 10.74 -10.71 8.74
CA LEU D 96 10.16 -11.23 9.97
C LEU D 96 10.58 -12.66 10.23
N ARG D 97 10.63 -13.48 9.18
CA ARG D 97 11.15 -14.83 9.34
C ARG D 97 12.62 -14.80 9.77
N ASP D 98 13.39 -13.89 9.21
CA ASP D 98 14.80 -13.77 9.59
C ASP D 98 14.93 -13.48 11.08
N ILE D 99 14.21 -12.46 11.58
CA ILE D 99 14.36 -12.08 12.97
C ILE D 99 13.77 -13.11 13.92
N MET D 100 12.88 -13.98 13.44
CA MET D 100 12.34 -15.05 14.25
C MET D 100 13.14 -16.35 14.18
N GLY D 101 14.28 -16.36 13.49
CA GLY D 101 15.06 -17.56 13.37
C GLY D 101 14.49 -18.60 12.44
N ILE D 102 13.53 -18.22 11.60
CA ILE D 102 12.92 -19.10 10.61
C ILE D 102 13.74 -19.00 9.33
N PRO D 103 13.95 -20.09 8.61
CA PRO D 103 14.64 -20.00 7.31
C PRO D 103 13.94 -19.03 6.37
N TYR D 104 14.76 -18.26 5.65
CA TYR D 104 14.28 -17.12 4.86
C TYR D 104 14.99 -17.10 3.51
N CYS D 105 14.43 -16.30 2.61
CA CYS D 105 14.87 -16.12 1.24
C CYS D 105 15.79 -14.91 1.04
N ASN D 106 16.96 -15.10 0.41
CA ASN D 106 17.83 -13.95 0.12
C ASN D 106 17.76 -13.58 -1.34
N TYR D 107 16.71 -13.99 -2.06
CA TYR D 107 16.44 -13.61 -3.44
C TYR D 107 17.60 -13.93 -4.37
N SER D 108 18.61 -14.67 -3.88
CA SER D 108 19.78 -15.03 -4.68
C SER D 108 19.57 -16.30 -5.50
N LYS D 109 19.09 -17.35 -4.86
CA LYS D 109 19.12 -18.69 -5.43
C LYS D 109 17.72 -19.23 -5.50
N TYR D 110 17.44 -19.97 -6.57
CA TYR D 110 16.11 -20.53 -6.78
C TYR D 110 16.25 -21.94 -7.31
N TRP D 111 15.31 -22.80 -6.93
CA TRP D 111 15.26 -24.16 -7.39
C TRP D 111 13.98 -24.38 -8.18
N TYR D 112 14.04 -25.32 -9.11
CA TYR D 112 12.87 -25.69 -9.91
C TYR D 112 13.05 -27.11 -10.42
N LEU D 113 11.94 -27.73 -10.81
CA LEU D 113 11.99 -29.05 -11.39
C LEU D 113 12.02 -28.95 -12.91
N ASN D 114 12.68 -29.90 -13.55
CA ASN D 114 12.76 -29.95 -14.99
C ASN D 114 12.33 -31.33 -15.47
N HIS D 115 11.30 -31.38 -16.31
CA HIS D 115 10.84 -32.60 -16.96
C HIS D 115 11.69 -32.89 -18.18
N THR D 116 12.78 -33.64 -17.97
CA THR D 116 13.81 -33.87 -18.98
C THR D 116 13.24 -34.09 -20.39
N THR D 117 12.36 -35.09 -20.53
CA THR D 117 11.84 -35.45 -21.85
C THR D 117 11.23 -34.26 -22.59
N THR D 118 10.35 -33.51 -21.92
CA THR D 118 9.64 -32.44 -22.59
C THR D 118 10.37 -31.10 -22.52
N GLY D 119 11.15 -30.88 -21.47
CA GLY D 119 11.79 -29.60 -21.25
C GLY D 119 10.95 -28.60 -20.47
N ARG D 120 9.72 -28.95 -20.11
CA ARG D 120 8.90 -28.07 -19.29
C ARG D 120 9.45 -27.99 -17.88
N THR D 121 9.26 -26.84 -17.23
CA THR D 121 9.77 -26.61 -15.88
C THR D 121 8.66 -26.01 -15.02
N SER D 122 8.97 -25.88 -13.73
CA SER D 122 8.11 -25.19 -12.78
C SER D 122 8.60 -23.78 -12.52
N LEU D 123 7.75 -22.99 -11.89
CA LEU D 123 8.10 -21.64 -11.52
C LEU D 123 9.16 -21.71 -10.43
N PRO D 124 10.34 -21.12 -10.63
CA PRO D 124 11.39 -21.20 -9.59
C PRO D 124 10.92 -20.65 -8.25
N LYS D 125 11.29 -21.33 -7.18
CA LYS D 125 11.03 -20.90 -5.83
C LYS D 125 12.35 -20.63 -5.11
N CYS D 126 12.34 -19.67 -4.19
CA CYS D 126 13.55 -19.26 -3.52
C CYS D 126 14.15 -20.40 -2.70
N TRP D 127 15.46 -20.56 -2.81
CA TRP D 127 16.22 -21.47 -1.95
C TRP D 127 16.48 -20.76 -0.63
N LEU D 128 15.86 -21.25 0.44
CA LEU D 128 15.95 -20.57 1.72
C LEU D 128 17.34 -20.73 2.33
N VAL D 129 17.68 -19.79 3.21
CA VAL D 129 18.90 -19.83 3.98
C VAL D 129 18.52 -19.85 5.46
N SER D 130 19.40 -20.38 6.29
CA SER D 130 19.18 -20.38 7.72
C SER D 130 20.51 -20.60 8.43
N ASN D 131 20.73 -19.88 9.53
CA ASN D 131 21.98 -19.97 10.27
C ASN D 131 23.17 -19.68 9.36
N GLY D 132 22.97 -18.75 8.42
CA GLY D 132 24.04 -18.32 7.55
C GLY D 132 24.40 -19.25 6.42
N SER D 133 23.66 -20.34 6.21
CA SER D 133 23.97 -21.28 5.14
C SER D 133 22.68 -21.70 4.46
N TYR D 134 22.83 -22.14 3.21
CA TYR D 134 21.68 -22.65 2.47
C TYR D 134 21.17 -23.93 3.11
N LEU D 135 19.85 -24.09 3.11
CA LEU D 135 19.25 -25.32 3.61
C LEU D 135 19.75 -26.51 2.79
N ASN D 136 20.00 -27.62 3.48
CA ASN D 136 20.28 -28.85 2.78
C ASN D 136 19.02 -29.35 2.08
N GLU D 137 19.22 -29.99 0.93
CA GLU D 137 18.11 -30.39 0.08
C GLU D 137 17.12 -31.27 0.85
N THR D 138 17.62 -32.10 1.75
CA THR D 138 16.76 -33.00 2.51
C THR D 138 15.82 -32.26 3.46
N HIS D 139 16.13 -31.02 3.82
CA HIS D 139 15.29 -30.24 4.72
C HIS D 139 14.01 -29.72 4.08
N PHE D 140 13.99 -29.54 2.76
CA PHE D 140 12.79 -29.04 2.09
C PHE D 140 12.36 -29.92 0.93
N SER D 141 12.76 -31.20 0.94
CA SER D 141 12.40 -32.11 -0.14
C SER D 141 10.89 -32.30 -0.23
N ASP D 142 10.18 -32.13 0.87
CA ASP D 142 8.73 -32.24 0.85
C ASP D 142 8.10 -31.20 -0.08
N ASP D 143 8.58 -29.96 -0.04
CA ASP D 143 8.07 -28.94 -0.95
C ASP D 143 8.33 -29.32 -2.41
N ILE D 144 9.51 -29.87 -2.70
CA ILE D 144 9.79 -30.31 -4.06
C ILE D 144 8.80 -31.40 -4.47
N GLU D 145 8.54 -32.35 -3.57
CA GLU D 145 7.57 -33.40 -3.85
C GLU D 145 6.19 -32.81 -4.12
N GLN D 146 5.80 -31.81 -3.33
CA GLN D 146 4.52 -31.15 -3.52
C GLN D 146 4.46 -30.53 -4.91
N GLN D 147 5.56 -29.89 -5.33
CA GLN D 147 5.59 -29.28 -6.64
C GLN D 147 5.43 -30.32 -7.73
N ALA D 148 6.08 -31.46 -7.57
CA ALA D 148 5.90 -32.49 -8.58
C ALA D 148 4.44 -32.93 -8.64
N ASP D 149 3.82 -33.14 -7.47
CA ASP D 149 2.42 -33.53 -7.44
C ASP D 149 1.52 -32.50 -8.10
N ASN D 150 1.71 -31.20 -7.79
CA ASN D 150 0.83 -30.20 -8.42
C ASN D 150 1.02 -30.19 -9.93
N MET D 151 2.27 -30.23 -10.41
CA MET D 151 2.49 -30.22 -11.87
C MET D 151 1.86 -31.45 -12.51
N ILE D 152 1.77 -32.54 -11.77
CA ILE D 152 1.10 -33.73 -12.29
C ILE D 152 -0.39 -33.47 -12.36
N THR D 153 -0.96 -32.99 -11.26
CA THR D 153 -2.42 -32.90 -11.18
C THR D 153 -2.88 -31.94 -12.27
N GLU D 154 -2.21 -30.79 -12.38
CA GLU D 154 -2.60 -29.80 -13.38
C GLU D 154 -2.45 -30.37 -14.79
N MET D 155 -1.37 -31.12 -15.05
CA MET D 155 -1.24 -31.69 -16.39
C MET D 155 -2.40 -32.63 -16.67
N LEU D 156 -2.74 -33.47 -15.70
CA LEU D 156 -3.85 -34.39 -15.90
C LEU D 156 -5.15 -33.64 -16.17
N GLN D 157 -5.40 -32.56 -15.42
CA GLN D 157 -6.63 -31.83 -15.63
C GLN D 157 -6.68 -31.16 -17.00
N LYS D 158 -5.54 -30.60 -17.44
CA LYS D 158 -5.51 -30.04 -18.78
C LYS D 158 -5.75 -31.11 -19.84
N GLU D 159 -5.12 -32.28 -19.69
CA GLU D 159 -5.34 -33.34 -20.67
C GLU D 159 -6.80 -33.77 -20.69
N TYR D 160 -7.43 -33.87 -19.51
CA TYR D 160 -8.83 -34.24 -19.47
C TYR D 160 -9.68 -33.22 -20.21
N MET D 161 -9.51 -31.93 -19.89
CA MET D 161 -10.31 -30.92 -20.56
C MET D 161 -10.06 -30.95 -22.06
N GLU D 162 -8.83 -31.23 -22.49
CA GLU D 162 -8.56 -31.36 -23.91
C GLU D 162 -9.45 -32.45 -24.49
N ARG D 163 -9.33 -33.66 -23.93
CA ARG D 163 -10.20 -34.79 -24.28
C ARG D 163 -11.66 -34.37 -24.33
N GLN D 164 -12.07 -33.54 -23.37
CA GLN D 164 -13.44 -33.04 -23.29
C GLN D 164 -13.79 -32.23 -24.53
N GLY D 165 -12.92 -31.28 -24.90
CA GLY D 165 -13.23 -30.41 -26.02
C GLY D 165 -13.32 -31.15 -27.34
N LYS D 166 -12.38 -32.05 -27.59
CA LYS D 166 -12.35 -32.80 -28.85
C LYS D 166 -13.61 -33.65 -29.00
N THR E 59 -20.21 -3.00 -38.46
CA THR E 59 -19.37 -2.57 -39.56
C THR E 59 -17.96 -3.15 -39.46
N SER E 60 -17.61 -3.59 -38.24
CA SER E 60 -16.30 -4.18 -37.95
C SER E 60 -16.57 -5.49 -37.22
N LEU E 61 -16.66 -6.59 -37.97
CA LEU E 61 -17.04 -7.87 -37.41
C LEU E 61 -15.78 -8.69 -37.14
N TYR E 62 -15.72 -9.29 -35.95
CA TYR E 62 -14.63 -10.16 -35.54
C TYR E 62 -15.14 -11.57 -35.22
N LYS E 63 -14.40 -12.58 -35.69
CA LYS E 63 -14.77 -13.98 -35.57
C LYS E 63 -16.13 -14.29 -36.16
N GLY E 64 -16.62 -13.41 -37.04
CA GLY E 64 -17.89 -13.58 -37.72
C GLY E 64 -19.11 -13.12 -36.95
N VAL E 65 -19.12 -13.22 -35.62
CA VAL E 65 -20.35 -12.98 -34.88
C VAL E 65 -20.20 -11.93 -33.79
N TYR E 66 -19.03 -11.29 -33.66
CA TYR E 66 -18.77 -10.30 -32.62
C TYR E 66 -18.43 -8.94 -33.22
N GLU E 67 -19.36 -8.00 -33.11
CA GLU E 67 -19.13 -6.64 -33.58
C GLU E 67 -18.44 -5.88 -32.43
N LEU E 68 -17.40 -5.12 -32.77
CA LEU E 68 -16.63 -4.31 -31.82
C LEU E 68 -17.28 -2.97 -31.50
N GLN E 69 -17.58 -2.74 -30.22
CA GLN E 69 -18.24 -1.54 -29.75
C GLN E 69 -17.40 -0.88 -28.66
N THR E 70 -17.65 0.41 -28.47
CA THR E 70 -16.85 1.26 -27.60
C THR E 70 -17.76 2.11 -26.72
N LEU E 71 -17.20 2.61 -25.62
CA LEU E 71 -17.86 3.60 -24.79
C LEU E 71 -16.83 4.58 -24.28
N GLU E 72 -17.28 5.79 -23.97
CA GLU E 72 -16.45 6.81 -23.35
C GLU E 72 -17.15 7.36 -22.11
N LEU E 73 -16.45 7.35 -20.97
CA LEU E 73 -17.04 7.80 -19.72
C LEU E 73 -17.10 9.32 -19.60
N ASN E 74 -18.23 9.84 -19.12
CA ASN E 74 -18.35 11.25 -18.78
C ASN E 74 -18.02 11.36 -17.31
N MET E 75 -16.74 11.54 -17.02
CA MET E 75 -16.18 11.66 -15.68
C MET E 75 -16.49 12.99 -14.98
N GLU E 76 -16.95 14.00 -15.72
CA GLU E 76 -17.33 15.27 -15.12
C GLU E 76 -18.39 15.10 -14.03
N THR E 77 -19.20 14.05 -14.11
CA THR E 77 -20.23 13.79 -13.11
C THR E 77 -19.67 13.45 -11.73
N LEU E 78 -18.38 13.17 -11.62
CA LEU E 78 -17.75 12.89 -10.32
C LEU E 78 -17.38 14.16 -9.56
N ASN E 79 -17.79 15.31 -10.09
CA ASN E 79 -17.30 16.60 -9.61
C ASN E 79 -17.49 16.80 -8.10
N MET E 80 -18.59 16.28 -7.54
CA MET E 80 -18.87 16.56 -6.12
C MET E 80 -18.07 15.73 -5.14
N THR E 81 -17.45 14.63 -5.57
CA THR E 81 -16.77 13.72 -4.66
C THR E 81 -15.28 13.64 -4.87
N MET E 82 -14.75 14.16 -5.97
CA MET E 82 -13.31 14.10 -6.21
C MET E 82 -12.95 15.25 -7.13
N PRO E 83 -11.72 15.77 -7.01
CA PRO E 83 -11.28 16.83 -7.93
C PRO E 83 -11.14 16.33 -9.35
N LEU E 84 -11.30 17.26 -10.30
CA LEU E 84 -11.19 16.93 -11.71
C LEU E 84 -10.15 17.85 -12.33
N SER E 85 -9.15 17.26 -12.96
CA SER E 85 -8.09 18.00 -13.64
C SER E 85 -8.29 17.94 -15.14
N CYS E 86 -7.86 19.01 -15.81
CA CYS E 86 -7.89 19.03 -17.26
C CYS E 86 -6.85 20.01 -17.77
N THR E 87 -6.61 19.94 -19.06
CA THR E 87 -5.61 20.73 -19.75
C THR E 87 -6.25 21.70 -20.73
N LYS E 88 -5.83 22.96 -20.68
CA LYS E 88 -6.29 23.97 -21.62
C LYS E 88 -5.41 23.98 -22.86
N ASN E 89 -4.10 23.99 -22.68
CA ASN E 89 -3.14 23.89 -23.78
C ASN E 89 -1.82 23.39 -23.21
N ASN E 90 -0.75 23.50 -23.98
CA ASN E 90 0.54 22.97 -23.56
C ASN E 90 0.95 23.53 -22.21
N SER E 91 0.70 24.83 -21.99
CA SER E 91 1.23 25.53 -20.83
C SER E 91 0.23 25.67 -19.67
N HIS E 92 -1.08 25.60 -19.92
CA HIS E 92 -2.09 25.92 -18.91
C HIS E 92 -2.90 24.69 -18.53
N HIS E 93 -3.02 24.43 -17.23
CA HIS E 93 -3.75 23.26 -16.74
C HIS E 93 -4.51 23.67 -15.49
N TYR E 94 -5.59 22.95 -15.18
CA TYR E 94 -6.52 23.35 -14.13
C TYR E 94 -6.92 22.10 -13.35
N ILE E 95 -7.18 22.27 -12.04
CA ILE E 95 -7.82 21.25 -11.21
C ILE E 95 -9.00 21.88 -10.45
N MET E 96 -10.22 21.52 -10.86
CA MET E 96 -11.44 22.09 -10.31
C MET E 96 -12.00 21.20 -9.20
N VAL E 97 -12.54 21.83 -8.15
CA VAL E 97 -13.13 21.15 -7.00
C VAL E 97 -14.60 21.55 -6.91
N GLY E 98 -15.50 20.66 -7.32
CA GLY E 98 -16.90 21.01 -7.42
C GLY E 98 -17.15 21.91 -8.62
N ASN E 99 -18.28 22.61 -8.61
CA ASN E 99 -18.62 23.52 -9.70
C ASN E 99 -18.38 24.98 -9.35
N GLU E 100 -17.68 25.25 -8.25
CA GLU E 100 -17.54 26.63 -7.80
C GLU E 100 -16.11 27.16 -7.81
N THR E 101 -15.13 26.36 -7.43
CA THR E 101 -13.79 26.88 -7.22
C THR E 101 -12.78 25.89 -7.76
N GLY E 102 -11.53 26.34 -7.86
CA GLY E 102 -10.49 25.44 -8.32
C GLY E 102 -9.16 26.14 -8.38
N LEU E 103 -8.18 25.45 -8.94
CA LEU E 103 -6.83 25.97 -9.06
C LEU E 103 -6.44 26.03 -10.53
N GLU E 104 -5.93 27.19 -10.94
CA GLU E 104 -5.31 27.43 -12.23
C GLU E 104 -3.80 27.34 -12.08
N LEU E 105 -3.18 26.45 -12.86
CA LEU E 105 -1.74 26.27 -12.93
C LEU E 105 -1.28 26.79 -14.28
N THR E 106 -0.40 27.79 -14.25
CA THR E 106 0.07 28.46 -15.46
C THR E 106 1.59 28.37 -15.55
N LEU E 107 2.09 27.91 -16.69
CA LEU E 107 3.50 28.04 -17.02
C LEU E 107 3.72 29.37 -17.73
N THR E 108 4.60 30.22 -17.18
CA THR E 108 4.71 31.56 -17.71
C THR E 108 6.07 32.17 -17.39
N ASN E 109 6.52 33.05 -18.29
CA ASN E 109 7.65 33.94 -18.01
C ASN E 109 7.28 35.15 -17.17
N THR E 110 5.99 35.42 -16.97
CA THR E 110 5.54 36.63 -16.29
C THR E 110 5.25 36.28 -14.84
N SER E 111 6.15 36.67 -13.94
CA SER E 111 5.94 36.43 -12.53
C SER E 111 4.94 37.43 -11.96
N ILE E 112 4.19 36.99 -10.96
CA ILE E 112 3.24 37.84 -10.24
C ILE E 112 3.62 38.12 -8.80
N ILE E 113 4.64 37.46 -8.26
CA ILE E 113 5.10 37.74 -6.90
C ILE E 113 6.55 38.17 -6.95
N ASN E 114 6.85 39.28 -6.26
CA ASN E 114 8.20 39.84 -6.23
C ASN E 114 8.68 40.02 -4.81
N HIS E 115 8.51 38.99 -3.99
CA HIS E 115 9.07 38.97 -2.65
C HIS E 115 9.49 37.54 -2.36
N LYS E 116 10.19 37.33 -1.25
CA LYS E 116 10.73 36.01 -0.94
C LYS E 116 9.97 35.32 0.19
N PHE E 117 8.81 35.83 0.59
CA PHE E 117 8.06 35.28 1.70
C PHE E 117 7.09 34.17 1.28
N CYS E 118 6.85 33.25 2.22
CA CYS E 118 5.72 32.31 2.13
C CYS E 118 5.22 32.02 3.55
N ASN E 119 4.23 32.83 3.99
CA ASN E 119 3.77 32.90 5.38
C ASN E 119 2.69 31.86 5.64
N LEU E 120 3.11 30.60 5.57
CA LEU E 120 2.17 29.49 5.71
C LEU E 120 1.62 29.43 7.14
N SER E 121 2.46 29.63 8.14
CA SER E 121 2.02 29.55 9.52
C SER E 121 0.99 30.64 9.82
N ASP E 122 1.24 31.87 9.34
CA ASP E 122 0.28 32.94 9.55
C ASP E 122 -1.03 32.66 8.84
N ALA E 123 -0.96 32.08 7.63
CA ALA E 123 -2.17 31.69 6.92
C ALA E 123 -2.97 30.66 7.70
N HIS E 124 -2.29 29.66 8.27
CA HIS E 124 -2.97 28.70 9.13
C HIS E 124 -3.62 29.42 10.31
N LYS E 125 -2.88 30.36 10.92
CA LYS E 125 -3.39 31.13 12.05
C LYS E 125 -4.70 31.84 11.71
N LYS E 126 -4.75 32.50 10.56
CA LYS E 126 -5.94 33.26 10.19
C LYS E 126 -7.07 32.36 9.71
N ASN E 127 -6.75 31.25 9.07
CA ASN E 127 -7.72 30.22 8.71
C ASN E 127 -8.81 30.82 7.81
N LEU E 128 -8.39 31.57 6.80
CA LEU E 128 -9.36 32.18 5.89
C LEU E 128 -9.43 31.53 4.52
N TYR E 129 -8.46 30.71 4.16
CA TYR E 129 -8.40 30.07 2.86
C TYR E 129 -9.40 28.93 2.78
N ASP E 130 -9.61 28.44 1.57
CA ASP E 130 -10.41 27.24 1.35
C ASP E 130 -9.60 26.02 1.74
N HIS E 131 -10.16 25.19 2.62
CA HIS E 131 -9.40 24.07 3.19
C HIS E 131 -9.05 23.05 2.12
N ALA E 132 -9.97 22.77 1.20
CA ALA E 132 -9.69 21.83 0.12
C ALA E 132 -8.53 22.30 -0.75
N LEU E 133 -8.51 23.57 -1.11
CA LEU E 133 -7.42 24.09 -1.94
C LEU E 133 -6.09 24.02 -1.22
N MET E 134 -6.07 24.36 0.07
CA MET E 134 -4.83 24.23 0.84
C MET E 134 -4.38 22.78 0.93
N SER E 135 -5.32 21.85 1.08
CA SER E 135 -4.94 20.44 1.08
C SER E 135 -4.31 20.04 -0.25
N ILE E 136 -4.87 20.50 -1.36
CA ILE E 136 -4.31 20.19 -2.67
C ILE E 136 -2.92 20.78 -2.82
N ILE E 137 -2.74 22.03 -2.37
CA ILE E 137 -1.43 22.67 -2.41
C ILE E 137 -0.42 21.85 -1.61
N SER E 138 -0.82 21.42 -0.42
CA SER E 138 0.07 20.63 0.42
C SER E 138 0.47 19.34 -0.28
N THR E 139 -0.51 18.65 -0.87
CA THR E 139 -0.21 17.41 -1.59
C THR E 139 0.77 17.66 -2.72
N PHE E 140 0.52 18.70 -3.51
CA PHE E 140 1.42 19.03 -4.61
C PHE E 140 2.84 19.26 -4.11
N HIS E 141 2.99 20.12 -3.10
CA HIS E 141 4.33 20.46 -2.64
C HIS E 141 5.02 19.25 -2.02
N LEU E 142 4.28 18.43 -1.27
CA LEU E 142 4.86 17.24 -0.67
C LEU E 142 5.23 16.19 -1.71
N SER E 143 4.65 16.28 -2.92
CA SER E 143 4.99 15.31 -3.94
C SER E 143 6.24 15.66 -4.73
N ILE E 144 6.78 16.87 -4.58
CA ILE E 144 7.96 17.25 -5.37
C ILE E 144 9.16 16.44 -4.89
N PRO E 145 9.90 15.78 -5.79
CA PRO E 145 11.09 15.04 -5.37
C PRO E 145 12.28 15.96 -5.14
N ASN E 146 12.93 15.79 -3.99
CA ASN E 146 14.24 16.36 -3.70
C ASN E 146 14.22 17.88 -3.68
N PHE E 147 13.09 18.48 -3.30
CA PHE E 147 13.01 19.93 -3.17
C PHE E 147 13.96 20.44 -2.09
N ASN E 148 14.91 21.30 -2.47
CA ASN E 148 15.89 21.76 -1.50
C ASN E 148 16.25 23.24 -1.65
N GLN E 149 15.46 24.01 -2.39
CA GLN E 149 15.68 25.44 -2.57
C GLN E 149 14.40 26.15 -2.15
N TYR E 150 14.27 26.47 -0.86
CA TYR E 150 13.03 27.05 -0.39
C TYR E 150 12.76 28.42 -1.00
N GLU E 151 13.80 29.15 -1.38
CA GLU E 151 13.57 30.43 -2.05
C GLU E 151 12.91 30.26 -3.42
N ALA E 152 12.95 29.07 -4.01
CA ALA E 152 12.32 28.91 -5.31
C ALA E 152 10.80 28.91 -5.24
N MET E 153 10.22 28.83 -4.06
CA MET E 153 8.78 28.81 -3.89
C MET E 153 8.40 30.03 -3.08
N SER E 154 7.51 30.86 -3.62
CA SER E 154 7.03 32.03 -2.91
C SER E 154 5.51 32.02 -2.91
N CYS E 155 4.91 32.71 -1.93
CA CYS E 155 3.47 32.61 -1.78
C CYS E 155 2.89 33.91 -1.28
N ASP E 156 1.59 34.06 -1.52
CA ASP E 156 0.77 35.12 -0.95
C ASP E 156 -0.55 34.51 -0.53
N PHE E 157 -0.92 34.68 0.74
CA PHE E 157 -2.17 34.14 1.27
C PHE E 157 -3.05 35.18 1.96
N ASN E 158 -2.76 36.47 1.83
CA ASN E 158 -3.53 37.46 2.57
C ASN E 158 -5.01 37.42 2.17
N GLY E 159 -5.88 37.51 3.16
CA GLY E 159 -7.30 37.48 2.90
C GLY E 159 -7.85 36.13 2.50
N GLY E 160 -7.10 35.05 2.71
CA GLY E 160 -7.53 33.75 2.29
C GLY E 160 -7.26 33.39 0.85
N LYS E 161 -6.69 34.30 0.06
CA LYS E 161 -6.32 33.96 -1.30
C LYS E 161 -5.18 32.94 -1.30
N ILE E 162 -5.01 32.26 -2.42
CA ILE E 162 -3.91 31.31 -2.63
C ILE E 162 -3.14 31.75 -3.86
N SER E 163 -1.88 32.15 -3.68
CA SER E 163 -0.97 32.42 -4.78
C SER E 163 0.36 31.76 -4.49
N VAL E 164 0.78 30.85 -5.37
CA VAL E 164 2.05 30.14 -5.21
C VAL E 164 2.84 30.24 -6.50
N GLN E 165 4.12 30.56 -6.40
CA GLN E 165 4.97 30.73 -7.58
C GLN E 165 6.26 29.97 -7.41
N TYR E 166 6.53 29.05 -8.33
CA TYR E 166 7.78 28.30 -8.36
C TYR E 166 8.65 28.91 -9.44
N ASN E 167 9.85 29.34 -9.05
CA ASN E 167 10.85 29.92 -9.94
C ASN E 167 11.67 28.76 -10.47
N LEU E 168 11.48 28.47 -11.76
CA LEU E 168 12.13 27.32 -12.38
C LEU E 168 13.45 27.59 -13.08
N SER E 169 13.95 28.82 -13.04
CA SER E 169 15.17 29.15 -13.77
C SER E 169 16.36 28.47 -13.12
N HIS E 170 17.32 28.06 -13.95
CA HIS E 170 18.52 27.37 -13.49
C HIS E 170 19.65 28.35 -13.21
N ASN E 178 24.54 20.65 -16.69
CA ASN E 178 23.56 19.69 -16.21
C ASN E 178 22.21 20.38 -16.00
N HIS E 179 21.12 19.66 -16.27
CA HIS E 179 19.78 20.24 -16.12
C HIS E 179 18.84 19.24 -15.46
N CYS E 180 19.31 18.02 -15.22
CA CYS E 180 18.50 16.92 -14.72
C CYS E 180 18.22 17.09 -13.23
N GLY E 181 19.25 17.49 -12.49
CA GLY E 181 19.23 17.68 -11.05
C GLY E 181 18.82 19.05 -10.56
N THR E 182 17.67 19.55 -11.00
CA THR E 182 17.21 20.88 -10.64
C THR E 182 15.80 20.83 -10.08
N VAL E 183 15.45 21.87 -9.33
CA VAL E 183 14.12 22.06 -8.78
C VAL E 183 13.11 22.11 -9.91
N ALA E 184 13.52 22.69 -11.05
CA ALA E 184 12.64 22.80 -12.21
C ALA E 184 12.10 21.44 -12.61
N ASN E 185 13.01 20.45 -12.68
CA ASN E 185 12.66 19.10 -13.10
C ASN E 185 11.66 18.47 -12.14
N GLY E 186 11.93 18.57 -10.83
CA GLY E 186 11.06 17.96 -9.84
C GLY E 186 9.66 18.57 -9.86
N VAL E 187 9.63 19.90 -9.89
CA VAL E 187 8.36 20.62 -9.95
C VAL E 187 7.60 20.23 -11.22
N LEU E 188 8.31 20.16 -12.34
CA LEU E 188 7.67 19.85 -13.60
C LEU E 188 7.17 18.42 -13.66
N GLN E 189 7.90 17.47 -13.07
CA GLN E 189 7.37 16.10 -13.00
C GLN E 189 6.11 16.02 -12.16
N THR E 190 6.09 16.68 -11.00
CA THR E 190 4.87 16.68 -10.21
C THR E 190 3.71 17.34 -10.96
N PHE E 191 3.97 18.46 -11.61
CA PHE E 191 2.94 19.14 -12.38
C PHE E 191 2.44 18.27 -13.54
N MET E 192 3.37 17.60 -14.23
CA MET E 192 3.04 16.70 -15.33
C MET E 192 2.15 15.57 -14.86
N ARG E 193 2.40 15.04 -13.66
CA ARG E 193 1.55 13.99 -13.12
C ARG E 193 0.19 14.53 -12.75
N MET E 194 0.14 15.70 -12.14
CA MET E 194 -1.09 16.31 -11.64
C MET E 194 -2.03 16.65 -12.79
N ALA E 195 -1.51 17.16 -13.91
CA ALA E 195 -2.40 17.46 -15.02
C ALA E 195 -2.48 16.43 -16.15
N TRP E 196 -1.39 15.69 -16.40
CA TRP E 196 -1.34 14.70 -17.48
C TRP E 196 -1.46 15.34 -18.86
N GLY E 197 -0.60 16.33 -19.14
CA GLY E 197 -0.74 17.12 -20.35
C GLY E 197 0.50 17.08 -21.22
N GLY E 198 0.85 18.21 -21.83
CA GLY E 198 2.00 18.27 -22.71
C GLY E 198 1.85 17.44 -23.96
N GLY E 208 15.26 15.00 -21.94
CA GLY E 208 16.18 15.00 -20.82
C GLY E 208 16.70 13.62 -20.48
N ASN E 209 17.74 13.56 -19.64
CA ASN E 209 18.31 12.28 -19.29
C ASN E 209 17.31 11.52 -18.41
N TRP E 210 17.26 10.19 -18.57
CA TRP E 210 16.34 9.41 -17.76
C TRP E 210 14.94 10.00 -17.93
N ASP E 211 14.28 10.26 -16.80
CA ASP E 211 12.94 10.80 -16.80
C ASP E 211 12.92 12.31 -16.64
N CYS E 212 14.04 12.99 -16.86
CA CYS E 212 14.16 14.41 -16.53
C CYS E 212 13.46 15.26 -17.57
N ILE E 213 12.80 16.32 -17.11
CA ILE E 213 11.98 17.19 -17.94
C ILE E 213 12.54 18.61 -17.88
N MET E 214 12.49 19.29 -19.03
CA MET E 214 12.81 20.71 -19.12
C MET E 214 11.83 21.42 -20.04
N THR E 215 11.49 22.67 -19.68
CA THR E 215 10.60 23.51 -20.46
C THR E 215 11.23 24.89 -20.63
N SER E 216 10.65 25.69 -21.52
CA SER E 216 11.13 27.05 -21.74
C SER E 216 10.52 28.07 -20.77
N TYR E 217 9.57 27.66 -19.93
CA TYR E 217 8.94 28.61 -19.03
C TYR E 217 9.82 28.89 -17.82
N GLN E 218 9.73 30.12 -17.31
CA GLN E 218 10.55 30.52 -16.17
C GLN E 218 9.82 30.35 -14.84
N TYR E 219 8.50 30.18 -14.85
CA TYR E 219 7.73 30.19 -13.61
C TYR E 219 6.51 29.28 -13.75
N LEU E 220 6.12 28.69 -12.61
CA LEU E 220 4.84 28.00 -12.48
C LEU E 220 4.02 28.67 -11.39
N ILE E 221 2.82 29.13 -11.77
CA ILE E 221 1.96 29.93 -10.90
C ILE E 221 0.67 29.18 -10.63
N ILE E 222 0.25 29.17 -9.36
CA ILE E 222 -0.94 28.48 -8.89
C ILE E 222 -1.83 29.52 -8.20
N GLN E 223 -3.00 29.77 -8.79
CA GLN E 223 -3.97 30.76 -8.28
C GLN E 223 -5.37 30.15 -8.24
N ASN E 224 -6.16 30.56 -7.25
CA ASN E 224 -7.53 30.07 -7.16
C ASN E 224 -8.29 30.67 -8.32
N THR E 225 -9.37 30.02 -8.74
CA THR E 225 -10.10 30.49 -9.90
C THR E 225 -11.54 30.02 -9.73
N THR E 226 -12.42 30.62 -10.53
CA THR E 226 -13.83 30.23 -10.50
C THR E 226 -14.08 29.22 -11.61
N TRP E 227 -15.18 28.49 -11.53
CA TRP E 227 -15.46 27.43 -12.49
C TRP E 227 -15.79 28.04 -13.84
N GLU E 228 -15.28 27.46 -14.91
CA GLU E 228 -15.63 27.88 -16.25
C GLU E 228 -15.24 26.71 -17.15
N ASP E 229 -15.85 26.61 -18.33
CA ASP E 229 -15.53 25.47 -19.18
C ASP E 229 -14.17 25.67 -19.84
N HIS E 230 -13.11 25.19 -19.18
CA HIS E 230 -11.74 25.35 -19.64
C HIS E 230 -11.14 24.12 -20.32
N CYS E 231 -11.83 22.99 -20.34
CA CYS E 231 -11.19 21.72 -20.71
C CYS E 231 -11.25 21.49 -22.22
N GLN E 232 -10.57 22.37 -22.96
CA GLN E 232 -10.50 22.26 -24.40
C GLN E 232 -9.54 21.18 -24.89
N PHE E 233 -8.41 20.98 -24.21
CA PHE E 233 -7.43 20.03 -24.75
C PHE E 233 -7.59 18.63 -24.17
N SER E 234 -7.96 18.48 -22.90
CA SER E 234 -8.14 17.17 -22.32
C SER E 234 -9.36 17.16 -21.42
N ARG E 235 -9.97 15.99 -21.29
CA ARG E 235 -11.15 15.83 -20.46
C ARG E 235 -10.81 15.93 -18.97
N PRO E 236 -11.72 16.46 -18.17
CA PRO E 236 -11.51 16.46 -16.72
C PRO E 236 -11.35 15.04 -16.19
N SER E 237 -10.47 14.89 -15.19
CA SER E 237 -10.16 13.57 -14.69
C SER E 237 -9.63 13.66 -13.27
N PRO E 238 -10.04 12.75 -12.37
CA PRO E 238 -9.47 12.73 -11.02
C PRO E 238 -8.17 11.94 -10.93
N ILE E 239 -7.71 11.37 -12.04
CA ILE E 239 -6.66 10.36 -11.96
C ILE E 239 -5.36 10.97 -11.47
N GLY E 240 -5.01 12.16 -11.97
CA GLY E 240 -3.74 12.76 -11.58
C GLY E 240 -3.64 13.01 -10.08
N TYR E 241 -4.69 13.61 -9.51
CA TYR E 241 -4.69 13.91 -8.09
C TYR E 241 -4.64 12.62 -7.26
N LEU E 242 -5.50 11.66 -7.61
CA LEU E 242 -5.53 10.40 -6.87
C LEU E 242 -4.17 9.70 -6.91
N GLY E 243 -3.57 9.62 -8.10
CA GLY E 243 -2.25 9.04 -8.21
C GLY E 243 -1.20 9.78 -7.40
N LEU E 244 -1.29 11.11 -7.39
CA LEU E 244 -0.32 11.91 -6.64
C LEU E 244 -0.48 11.75 -5.14
N LEU E 245 -1.68 11.39 -4.67
CA LEU E 245 -1.89 11.24 -3.24
C LEU E 245 -0.89 10.28 -2.60
N SER E 246 -0.58 9.17 -3.28
CA SER E 246 0.37 8.22 -2.73
C SER E 246 1.81 8.71 -2.81
N GLN E 247 2.08 9.72 -3.63
CA GLN E 247 3.44 10.24 -3.78
C GLN E 247 3.85 11.13 -2.62
N ARG E 248 2.89 11.60 -1.83
CA ARG E 248 3.14 12.56 -0.76
C ARG E 248 4.27 12.10 0.16
N THR E 249 5.23 12.99 0.38
CA THR E 249 6.35 12.81 1.32
C THR E 249 7.27 11.68 0.94
N ARG E 250 7.06 11.04 -0.21
CA ARG E 250 7.86 9.87 -0.57
C ARG E 250 9.31 10.24 -0.83
N ASP E 251 9.60 11.46 -1.31
CA ASP E 251 10.94 11.84 -1.72
C ASP E 251 11.40 13.14 -1.08
N ILE E 252 10.82 13.53 0.05
CA ILE E 252 11.27 14.73 0.75
C ILE E 252 12.58 14.46 1.48
N TYR E 253 13.38 15.52 1.62
CA TYR E 253 14.62 15.47 2.39
C TYR E 253 14.40 15.78 3.86
N ILE E 254 15.29 15.26 4.70
CA ILE E 254 15.36 15.65 6.10
C ILE E 254 16.09 16.99 6.19
N SER E 255 15.54 17.91 6.98
CA SER E 255 16.20 19.19 7.22
C SER E 255 16.60 19.40 8.67
N ARG E 256 16.24 18.49 9.57
CA ARG E 256 16.72 18.50 10.94
C ARG E 256 16.63 17.09 11.49
N ARG E 257 17.26 16.90 12.65
CA ARG E 257 17.38 15.56 13.21
C ARG E 257 16.08 15.09 13.83
N LEU E 258 15.30 16.02 14.37
CA LEU E 258 14.00 15.70 14.98
C LEU E 258 12.92 16.27 14.07
N LEU E 259 12.24 15.41 13.34
CA LEU E 259 11.22 15.86 12.40
C LEU E 259 10.04 16.48 13.13
N THR F 59 21.50 -34.75 -10.93
CA THR F 59 21.80 -36.10 -10.45
C THR F 59 20.72 -36.56 -9.48
N SER F 60 19.90 -35.62 -9.01
CA SER F 60 18.83 -35.90 -8.08
C SER F 60 17.53 -36.02 -8.87
N LEU F 61 16.87 -37.17 -8.78
CA LEU F 61 15.72 -37.47 -9.62
C LEU F 61 14.50 -37.64 -8.73
N TYR F 62 13.43 -36.93 -9.08
CA TYR F 62 12.19 -36.97 -8.32
C TYR F 62 11.07 -37.52 -9.18
N LYS F 63 10.25 -38.39 -8.59
CA LYS F 63 9.18 -39.09 -9.32
C LYS F 63 9.73 -39.82 -10.55
N GLY F 64 11.02 -40.11 -10.56
CA GLY F 64 11.67 -40.76 -11.67
C GLY F 64 11.78 -39.96 -12.95
N VAL F 65 11.18 -38.78 -13.04
CA VAL F 65 11.18 -38.08 -14.32
C VAL F 65 11.54 -36.60 -14.16
N TYR F 66 11.59 -36.11 -12.93
CA TYR F 66 11.81 -34.69 -12.68
C TYR F 66 13.20 -34.52 -12.06
N GLU F 67 14.12 -33.93 -12.81
CA GLU F 67 15.47 -33.70 -12.31
C GLU F 67 15.46 -32.30 -11.68
N LEU F 68 16.04 -32.18 -10.48
CA LEU F 68 16.12 -30.91 -9.77
C LEU F 68 17.29 -30.03 -10.20
N GLN F 69 16.97 -28.79 -10.60
CA GLN F 69 17.95 -27.82 -11.09
C GLN F 69 17.77 -26.50 -10.38
N THR F 70 18.85 -25.72 -10.36
CA THR F 70 18.91 -24.47 -9.61
C THR F 70 19.39 -23.37 -10.55
N LEU F 71 19.11 -22.13 -10.15
CA LEU F 71 19.70 -20.97 -10.79
C LEU F 71 19.94 -19.91 -9.73
N GLU F 72 20.93 -19.06 -9.98
CA GLU F 72 21.20 -17.92 -9.11
C GLU F 72 21.28 -16.68 -9.97
N LEU F 73 20.51 -15.66 -9.59
CA LEU F 73 20.44 -14.42 -10.38
C LEU F 73 21.67 -13.57 -10.15
N ASN F 74 22.17 -12.95 -11.22
CA ASN F 74 23.26 -11.99 -11.10
C ASN F 74 22.60 -10.64 -11.00
N MET F 75 22.33 -10.26 -9.76
CA MET F 75 21.69 -8.99 -9.42
C MET F 75 22.55 -7.79 -9.80
N GLU F 76 23.86 -8.00 -9.96
CA GLU F 76 24.80 -6.92 -10.25
C GLU F 76 24.38 -6.12 -11.49
N THR F 77 23.72 -6.78 -12.44
CA THR F 77 23.27 -6.15 -13.69
C THR F 77 22.17 -5.12 -13.47
N LEU F 78 21.60 -5.01 -12.27
CA LEU F 78 20.59 -4.02 -11.96
C LEU F 78 21.18 -2.68 -11.57
N ASN F 79 22.50 -2.56 -11.60
CA ASN F 79 23.21 -1.45 -10.96
C ASN F 79 22.79 -0.08 -11.49
N MET F 80 22.40 0.03 -12.75
CA MET F 80 22.05 1.33 -13.32
C MET F 80 20.65 1.80 -13.00
N THR F 81 19.76 0.94 -12.50
CA THR F 81 18.38 1.33 -12.26
C THR F 81 17.94 1.21 -10.81
N MET F 82 18.76 0.65 -9.93
CA MET F 82 18.42 0.57 -8.51
C MET F 82 19.72 0.45 -7.73
N PRO F 83 19.75 0.98 -6.51
CA PRO F 83 20.95 0.83 -5.67
C PRO F 83 21.16 -0.60 -5.22
N LEU F 84 22.42 -0.95 -4.97
CA LEU F 84 22.74 -2.30 -4.55
C LEU F 84 23.52 -2.27 -3.24
N SER F 85 22.97 -2.92 -2.22
CA SER F 85 23.57 -3.04 -0.91
C SER F 85 24.28 -4.39 -0.78
N CYS F 86 25.39 -4.39 -0.05
CA CYS F 86 26.04 -5.65 0.27
C CYS F 86 26.84 -5.50 1.55
N THR F 87 27.30 -6.65 2.05
CA THR F 87 28.02 -6.75 3.31
C THR F 87 29.41 -7.28 3.08
N LYS F 88 30.41 -6.56 3.60
CA LYS F 88 31.78 -7.02 3.53
C LYS F 88 32.08 -7.97 4.69
N ASN F 89 31.72 -7.56 5.91
CA ASN F 89 31.87 -8.41 7.08
C ASN F 89 30.85 -7.94 8.12
N ASN F 90 31.02 -8.39 9.37
CA ASN F 90 30.07 -8.03 10.42
C ASN F 90 29.86 -6.53 10.52
N SER F 91 30.96 -5.76 10.48
CA SER F 91 30.91 -4.34 10.77
C SER F 91 30.80 -3.44 9.54
N HIS F 92 31.25 -3.89 8.37
CA HIS F 92 31.36 -3.01 7.21
C HIS F 92 30.37 -3.41 6.13
N HIS F 93 29.62 -2.42 5.64
CA HIS F 93 28.56 -2.61 4.67
C HIS F 93 28.56 -1.45 3.69
N TYR F 94 28.05 -1.69 2.49
CA TYR F 94 28.15 -0.72 1.42
C TYR F 94 26.84 -0.69 0.65
N ILE F 95 26.49 0.48 0.15
CA ILE F 95 25.42 0.62 -0.83
C ILE F 95 25.92 1.41 -2.02
N MET F 96 25.95 0.77 -3.18
CA MET F 96 26.55 1.36 -4.35
C MET F 96 25.43 1.86 -5.24
N VAL F 97 25.61 3.05 -5.80
CA VAL F 97 24.64 3.65 -6.70
C VAL F 97 25.34 3.83 -8.05
N GLY F 98 25.01 2.97 -9.01
CA GLY F 98 25.72 3.02 -10.26
C GLY F 98 27.12 2.44 -10.08
N ASN F 99 27.99 2.75 -11.03
CA ASN F 99 29.36 2.26 -10.99
C ASN F 99 30.36 3.29 -10.48
N GLU F 100 29.91 4.41 -9.91
CA GLU F 100 30.86 5.48 -9.60
C GLU F 100 30.84 5.97 -8.16
N THR F 101 29.77 5.78 -7.41
CA THR F 101 29.69 6.37 -6.08
C THR F 101 28.82 5.50 -5.19
N GLY F 102 28.91 5.75 -3.88
CA GLY F 102 28.08 5.01 -2.95
C GLY F 102 28.34 5.44 -1.52
N LEU F 103 27.78 4.67 -0.59
CA LEU F 103 27.95 4.92 0.84
C LEU F 103 28.57 3.73 1.55
N GLU F 104 29.55 4.02 2.40
CA GLU F 104 30.16 3.07 3.31
C GLU F 104 29.57 3.26 4.70
N LEU F 105 29.02 2.17 5.25
CA LEU F 105 28.44 2.11 6.58
C LEU F 105 29.39 1.29 7.45
N THR F 106 29.96 1.93 8.45
CA THR F 106 30.94 1.30 9.34
C THR F 106 30.46 1.31 10.78
N LEU F 107 30.47 0.16 11.42
CA LEU F 107 30.32 0.06 12.87
C LEU F 107 31.71 0.18 13.48
N THR F 108 31.90 1.13 14.39
CA THR F 108 33.26 1.40 14.84
C THR F 108 33.27 2.04 16.21
N ASN F 109 34.37 1.80 16.94
CA ASN F 109 34.68 2.48 18.18
C ASN F 109 35.42 3.78 18.00
N THR F 110 35.85 4.09 16.78
CA THR F 110 36.61 5.30 16.49
C THR F 110 35.69 6.32 15.82
N SER F 111 35.33 7.36 16.57
CA SER F 111 34.53 8.43 15.99
C SER F 111 35.39 9.34 15.12
N ILE F 112 34.76 9.93 14.11
CA ILE F 112 35.42 10.90 13.24
C ILE F 112 34.84 12.30 13.34
N ILE F 113 33.75 12.52 14.06
CA ILE F 113 33.19 13.85 14.25
C ILE F 113 33.14 14.15 15.74
N ASN F 114 33.61 15.33 16.11
CA ASN F 114 33.71 15.74 17.50
C ASN F 114 33.04 17.09 17.72
N HIS F 115 31.86 17.28 17.14
CA HIS F 115 31.03 18.44 17.41
C HIS F 115 29.59 17.96 17.45
N LYS F 116 28.67 18.86 17.80
CA LYS F 116 27.27 18.49 17.94
C LYS F 116 26.39 19.02 16.81
N PHE F 117 26.99 19.51 15.73
CA PHE F 117 26.23 20.11 14.63
C PHE F 117 25.80 19.09 13.58
N CYS F 118 24.65 19.37 12.95
CA CYS F 118 24.26 18.68 11.72
C CYS F 118 23.49 19.69 10.87
N ASN F 119 24.25 20.40 10.01
CA ASN F 119 23.79 21.59 9.29
C ASN F 119 23.09 21.25 7.98
N LEU F 120 21.95 20.57 8.10
CA LEU F 120 21.25 20.10 6.91
C LEU F 120 20.75 21.25 6.04
N SER F 121 20.19 22.29 6.65
CA SER F 121 19.64 23.39 5.85
C SER F 121 20.73 24.12 5.08
N ASP F 122 21.89 24.33 5.71
CA ASP F 122 23.01 24.94 5.00
C ASP F 122 23.48 24.06 3.86
N ALA F 123 23.47 22.74 4.06
CA ALA F 123 23.82 21.82 2.99
C ALA F 123 22.85 21.93 1.83
N HIS F 124 21.55 22.02 2.13
CA HIS F 124 20.54 22.15 1.09
C HIS F 124 20.74 23.43 0.29
N LYS F 125 20.86 24.55 1.00
CA LYS F 125 21.03 25.84 0.32
C LYS F 125 22.29 25.84 -0.54
N LYS F 126 23.41 25.35 0.00
CA LYS F 126 24.62 25.32 -0.82
C LYS F 126 24.47 24.39 -2.02
N ASN F 127 23.69 23.32 -1.87
CA ASN F 127 23.32 22.42 -2.97
C ASN F 127 24.57 21.90 -3.68
N LEU F 128 25.53 21.43 -2.89
CA LEU F 128 26.75 20.86 -3.43
C LEU F 128 26.81 19.35 -3.35
N TYR F 129 25.97 18.72 -2.54
CA TYR F 129 26.07 17.29 -2.34
C TYR F 129 25.49 16.53 -3.52
N ASP F 130 25.75 15.23 -3.55
CA ASP F 130 25.16 14.33 -4.53
C ASP F 130 23.72 14.05 -4.13
N HIS F 131 22.78 14.31 -5.03
CA HIS F 131 21.36 14.25 -4.68
C HIS F 131 20.91 12.84 -4.34
N ALA F 132 21.41 11.83 -5.07
CA ALA F 132 21.06 10.45 -4.75
C ALA F 132 21.52 10.03 -3.36
N LEU F 133 22.75 10.40 -2.99
CA LEU F 133 23.25 10.03 -1.66
C LEU F 133 22.42 10.70 -0.57
N MET F 134 22.09 11.98 -0.74
CA MET F 134 21.25 12.65 0.24
C MET F 134 19.87 12.02 0.32
N SER F 135 19.31 11.60 -0.82
CA SER F 135 18.04 10.88 -0.79
C SER F 135 18.13 9.61 0.04
N ILE F 136 19.21 8.84 -0.15
CA ILE F 136 19.38 7.61 0.61
C ILE F 136 19.51 7.92 2.10
N ILE F 137 20.30 8.94 2.44
CA ILE F 137 20.47 9.32 3.84
C ILE F 137 19.13 9.70 4.45
N SER F 138 18.32 10.47 3.71
CA SER F 138 17.01 10.87 4.21
C SER F 138 16.14 9.65 4.45
N THR F 139 16.15 8.70 3.52
CA THR F 139 15.34 7.49 3.70
C THR F 139 15.78 6.74 4.96
N PHE F 140 17.10 6.59 5.14
CA PHE F 140 17.61 5.92 6.32
C PHE F 140 17.12 6.61 7.59
N HIS F 141 17.30 7.93 7.69
CA HIS F 141 16.91 8.62 8.91
C HIS F 141 15.41 8.57 9.15
N LEU F 142 14.61 8.72 8.09
CA LEU F 142 13.17 8.68 8.27
C LEU F 142 12.70 7.28 8.62
N SER F 143 13.51 6.26 8.38
CA SER F 143 13.11 4.91 8.75
C SER F 143 13.41 4.55 10.20
N ILE F 144 14.16 5.36 10.93
CA ILE F 144 14.50 4.98 12.31
C ILE F 144 13.25 5.04 13.18
N PRO F 145 12.97 4.00 13.96
CA PRO F 145 11.79 4.04 14.84
C PRO F 145 12.10 4.77 16.15
N ASN F 146 11.23 5.69 16.53
CA ASN F 146 11.23 6.30 17.85
C ASN F 146 12.49 7.12 18.13
N PHE F 147 13.09 7.68 17.09
CA PHE F 147 14.28 8.51 17.25
C PHE F 147 13.92 9.78 18.00
N ASN F 148 14.51 9.98 19.19
CA ASN F 148 14.13 11.14 19.97
C ASN F 148 15.31 11.85 20.65
N GLN F 149 16.54 11.60 20.22
CA GLN F 149 17.74 12.20 20.81
C GLN F 149 18.53 12.83 19.67
N TYR F 150 18.25 14.08 19.35
CA TYR F 150 18.92 14.69 18.20
C TYR F 150 20.42 14.84 18.42
N GLU F 151 20.88 14.88 19.67
CA GLU F 151 22.31 14.94 19.95
C GLU F 151 23.04 13.68 19.50
N ALA F 152 22.33 12.56 19.36
CA ALA F 152 22.97 11.31 19.00
C ALA F 152 23.46 11.29 17.57
N MET F 153 23.07 12.27 16.76
CA MET F 153 23.43 12.33 15.34
C MET F 153 24.20 13.61 15.06
N SER F 154 25.39 13.46 14.50
CA SER F 154 26.18 14.61 14.10
C SER F 154 26.56 14.41 12.64
N CYS F 155 26.87 15.51 11.95
CA CYS F 155 27.04 15.43 10.51
C CYS F 155 28.13 16.39 10.07
N ASP F 156 28.65 16.13 8.88
CA ASP F 156 29.51 17.06 8.16
C ASP F 156 29.19 16.97 6.68
N PHE F 157 28.80 18.11 6.10
CA PHE F 157 28.48 18.21 4.68
C PHE F 157 29.34 19.23 3.95
N ASN F 158 30.37 19.77 4.59
CA ASN F 158 31.16 20.81 3.97
C ASN F 158 31.76 20.29 2.67
N GLY F 159 31.71 21.13 1.64
CA GLY F 159 32.27 20.74 0.35
C GLY F 159 31.45 19.73 -0.41
N GLY F 160 30.23 19.43 0.03
CA GLY F 160 29.38 18.45 -0.62
C GLY F 160 29.56 17.00 -0.20
N LYS F 161 30.53 16.69 0.65
CA LYS F 161 30.60 15.32 1.12
C LYS F 161 29.46 15.04 2.08
N ILE F 162 29.23 13.75 2.32
CA ILE F 162 28.17 13.31 3.21
C ILE F 162 28.87 12.49 4.27
N SER F 163 28.85 12.98 5.52
CA SER F 163 29.31 12.21 6.66
C SER F 163 28.31 12.32 7.79
N VAL F 164 27.75 11.20 8.22
CA VAL F 164 26.78 11.18 9.31
C VAL F 164 27.22 10.14 10.32
N GLN F 165 27.27 10.53 11.59
CA GLN F 165 27.75 9.67 12.67
C GLN F 165 26.70 9.59 13.77
N TYR F 166 26.32 8.36 14.11
CA TYR F 166 25.39 8.07 15.20
C TYR F 166 26.17 7.58 16.41
N ASN F 167 26.02 8.28 17.53
CA ASN F 167 26.63 7.90 18.79
C ASN F 167 25.70 6.90 19.46
N LEU F 168 26.14 5.66 19.62
CA LEU F 168 25.28 4.62 20.16
C LEU F 168 25.47 4.36 21.65
N SER F 169 26.33 5.11 22.34
CA SER F 169 26.60 4.80 23.73
C SER F 169 25.42 5.20 24.61
N HIS F 170 25.29 4.51 25.74
CA HIS F 170 24.20 4.75 26.68
C HIS F 170 24.68 5.54 27.89
N ASN F 178 15.69 -0.18 30.73
CA ASN F 178 15.58 -1.10 29.60
C ASN F 178 16.40 -0.60 28.41
N HIS F 179 17.24 -1.48 27.88
CA HIS F 179 18.11 -1.15 26.76
C HIS F 179 17.37 -1.09 25.42
N CYS F 180 16.13 -1.58 25.38
CA CYS F 180 15.38 -1.68 24.15
C CYS F 180 14.92 -0.32 23.64
N GLY F 181 14.51 0.55 24.55
CA GLY F 181 13.99 1.86 24.22
C GLY F 181 15.04 2.95 24.13
N THR F 182 16.08 2.68 23.34
CA THR F 182 17.22 3.58 23.16
C THR F 182 17.44 3.80 21.67
N VAL F 183 18.12 4.91 21.36
CA VAL F 183 18.48 5.24 19.99
C VAL F 183 19.32 4.13 19.37
N ALA F 184 20.17 3.48 20.17
CA ALA F 184 21.04 2.44 19.62
C ALA F 184 20.21 1.33 18.99
N ASN F 185 19.12 0.91 19.65
CA ASN F 185 18.30 -0.16 19.10
C ASN F 185 17.65 0.25 17.77
N GLY F 186 17.03 1.42 17.73
CA GLY F 186 16.37 1.81 16.48
C GLY F 186 17.36 1.93 15.34
N VAL F 187 18.49 2.58 15.60
CA VAL F 187 19.52 2.75 14.58
C VAL F 187 20.01 1.39 14.08
N LEU F 188 20.29 0.46 15.00
CA LEU F 188 20.80 -0.84 14.59
C LEU F 188 19.76 -1.65 13.83
N GLN F 189 18.49 -1.57 14.23
CA GLN F 189 17.44 -2.25 13.45
C GLN F 189 17.35 -1.69 12.03
N THR F 190 17.38 -0.37 11.90
CA THR F 190 17.37 0.22 10.56
C THR F 190 18.59 -0.21 9.76
N PHE F 191 19.76 -0.25 10.39
CA PHE F 191 20.96 -0.70 9.70
C PHE F 191 20.81 -2.15 9.25
N MET F 192 20.25 -3.00 10.11
CA MET F 192 20.03 -4.40 9.77
C MET F 192 19.08 -4.53 8.58
N ARG F 193 18.06 -3.68 8.52
CA ARG F 193 17.14 -3.68 7.40
C ARG F 193 17.82 -3.18 6.12
N MET F 194 18.61 -2.12 6.25
CA MET F 194 19.27 -1.49 5.10
C MET F 194 20.25 -2.44 4.41
N ALA F 195 21.06 -3.17 5.18
CA ALA F 195 21.97 -4.08 4.48
C ALA F 195 21.41 -5.49 4.39
N TRP F 196 20.59 -5.89 5.36
CA TRP F 196 19.99 -7.23 5.45
C TRP F 196 20.94 -8.33 4.96
N GLY F 197 22.11 -8.38 5.57
CA GLY F 197 23.19 -9.21 5.10
C GLY F 197 23.75 -10.07 6.21
N GLY F 198 23.44 -9.73 7.44
CA GLY F 198 23.99 -10.42 8.60
C GLY F 198 24.32 -9.48 9.76
N GLY F 208 18.24 -9.70 22.47
CA GLY F 208 17.27 -8.86 23.18
C GLY F 208 15.86 -9.40 23.10
N ASN F 209 14.97 -8.84 23.92
CA ASN F 209 13.58 -9.25 23.92
C ASN F 209 12.88 -8.73 22.66
N TRP F 210 11.94 -9.53 22.17
CA TRP F 210 11.16 -9.20 20.97
C TRP F 210 12.17 -9.04 19.83
N ASP F 211 12.12 -7.96 19.07
CA ASP F 211 13.00 -7.71 17.93
C ASP F 211 14.23 -6.89 18.30
N CYS F 212 14.62 -6.89 19.57
CA CYS F 212 15.60 -5.92 20.05
C CYS F 212 17.02 -6.34 19.67
N ILE F 213 17.83 -5.36 19.27
CA ILE F 213 19.20 -5.58 18.82
C ILE F 213 20.13 -4.80 19.72
N MET F 214 21.25 -5.42 20.12
CA MET F 214 22.33 -4.70 20.80
C MET F 214 23.69 -5.15 20.31
N THR F 215 24.61 -4.19 20.18
CA THR F 215 26.00 -4.48 19.81
C THR F 215 26.95 -3.79 20.79
N SER F 216 28.24 -4.07 20.62
CA SER F 216 29.30 -3.45 21.41
C SER F 216 29.91 -2.22 20.76
N TYR F 217 29.38 -1.77 19.63
CA TYR F 217 29.95 -0.64 18.91
C TYR F 217 29.43 0.69 19.44
N GLN F 218 30.32 1.68 19.50
CA GLN F 218 29.97 3.00 20.01
C GLN F 218 29.55 3.97 18.92
N TYR F 219 29.77 3.66 17.64
CA TYR F 219 29.48 4.63 16.59
C TYR F 219 29.08 3.91 15.32
N LEU F 220 28.15 4.51 14.58
CA LEU F 220 27.84 4.12 13.21
C LEU F 220 28.14 5.29 12.28
N ILE F 221 29.01 5.08 11.31
CA ILE F 221 29.51 6.16 10.46
C ILE F 221 29.16 5.87 9.01
N ILE F 222 28.59 6.86 8.33
CA ILE F 222 28.14 6.75 6.95
C ILE F 222 28.87 7.81 6.16
N GLN F 223 29.74 7.38 5.23
CA GLN F 223 30.52 8.30 4.42
C GLN F 223 30.44 7.93 2.94
N ASN F 224 30.50 8.95 2.07
CA ASN F 224 30.52 8.67 0.65
C ASN F 224 31.81 7.95 0.28
N THR F 225 31.75 7.18 -0.80
CA THR F 225 32.89 6.40 -1.25
C THR F 225 32.79 6.18 -2.74
N THR F 226 33.91 5.78 -3.33
CA THR F 226 33.96 5.42 -4.74
C THR F 226 33.76 3.91 -4.88
N TRP F 227 33.52 3.47 -6.10
CA TRP F 227 33.17 2.07 -6.32
C TRP F 227 34.38 1.17 -6.14
N GLU F 228 34.15 0.02 -5.53
CA GLU F 228 35.17 -1.02 -5.35
C GLU F 228 34.40 -2.29 -5.04
N ASP F 229 35.02 -3.43 -5.34
CA ASP F 229 34.38 -4.72 -5.12
C ASP F 229 34.42 -5.05 -3.64
N HIS F 230 33.35 -4.68 -2.91
CA HIS F 230 33.30 -4.83 -1.46
C HIS F 230 32.52 -6.04 -1.00
N CYS F 231 31.80 -6.71 -1.90
CA CYS F 231 30.78 -7.67 -1.49
C CYS F 231 31.40 -9.06 -1.32
N GLN F 232 32.25 -9.16 -0.28
CA GLN F 232 32.91 -10.41 0.03
C GLN F 232 32.01 -11.36 0.82
N PHE F 233 31.18 -10.82 1.71
CA PHE F 233 30.37 -11.69 2.56
C PHE F 233 28.99 -11.96 1.98
N SER F 234 28.37 -10.97 1.34
CA SER F 234 27.05 -11.15 0.75
C SER F 234 27.01 -10.48 -0.61
N ARG F 235 26.18 -11.01 -1.50
CA ARG F 235 26.04 -10.48 -2.83
C ARG F 235 25.33 -9.12 -2.80
N PRO F 236 25.66 -8.21 -3.69
CA PRO F 236 24.91 -6.95 -3.78
C PRO F 236 23.43 -7.21 -4.05
N SER F 237 22.58 -6.38 -3.45
CA SER F 237 21.14 -6.55 -3.58
C SER F 237 20.41 -5.25 -3.32
N PRO F 238 19.34 -4.95 -4.06
CA PRO F 238 18.53 -3.77 -3.78
C PRO F 238 17.40 -4.02 -2.79
N ILE F 239 17.29 -5.24 -2.27
CA ILE F 239 16.07 -5.62 -1.56
C ILE F 239 15.91 -4.81 -0.28
N GLY F 240 17.01 -4.63 0.45
CA GLY F 240 16.91 -3.90 1.71
C GLY F 240 16.42 -2.48 1.52
N TYR F 241 17.00 -1.78 0.54
CA TYR F 241 16.60 -0.40 0.28
C TYR F 241 15.15 -0.31 -0.16
N LEU F 242 14.75 -1.17 -1.11
CA LEU F 242 13.36 -1.15 -1.58
C LEU F 242 12.39 -1.43 -0.44
N GLY F 243 12.70 -2.41 0.40
CA GLY F 243 11.86 -2.68 1.55
C GLY F 243 11.80 -1.51 2.50
N LEU F 244 12.95 -0.87 2.75
CA LEU F 244 13.02 0.27 3.64
C LEU F 244 12.26 1.49 3.10
N LEU F 245 12.06 1.55 1.78
CA LEU F 245 11.35 2.69 1.20
C LEU F 245 9.99 2.91 1.85
N SER F 246 9.28 1.83 2.17
CA SER F 246 7.97 1.94 2.79
C SER F 246 8.03 2.24 4.28
N GLN F 247 9.19 2.07 4.91
CA GLN F 247 9.33 2.36 6.33
C GLN F 247 9.46 3.86 6.62
N ARG F 248 9.69 4.68 5.60
CA ARG F 248 9.92 6.10 5.79
C ARG F 248 8.78 6.74 6.57
N THR F 249 9.13 7.52 7.60
CA THR F 249 8.20 8.28 8.44
C THR F 249 7.21 7.40 9.19
N ARG F 250 7.36 6.08 9.09
CA ARG F 250 6.35 5.19 9.67
C ARG F 250 6.33 5.27 11.19
N ASP F 251 7.47 5.54 11.82
CA ASP F 251 7.56 5.54 13.27
C ASP F 251 8.19 6.81 13.80
N ILE F 252 8.09 7.92 13.09
CA ILE F 252 8.60 9.20 13.57
C ILE F 252 7.67 9.78 14.63
N TYR F 253 8.25 10.54 15.54
CA TYR F 253 7.52 11.29 16.56
C TYR F 253 7.16 12.68 16.08
N ILE F 254 6.10 13.22 16.66
CA ILE F 254 5.76 14.62 16.50
C ILE F 254 6.67 15.46 17.40
N SER F 255 7.25 16.52 16.84
CA SER F 255 8.05 17.46 17.62
C SER F 255 7.40 18.82 17.80
N ARG F 256 6.37 19.14 17.02
CA ARG F 256 5.61 20.37 17.21
C ARG F 256 4.17 20.12 16.78
N ARG F 257 3.30 21.07 17.13
CA ARG F 257 1.88 20.85 16.88
C ARG F 257 1.56 21.02 15.40
N LEU F 258 2.29 21.89 14.72
CA LEU F 258 2.10 22.18 13.30
C LEU F 258 3.26 21.48 12.59
N LEU F 259 3.01 20.31 12.01
CA LEU F 259 4.07 19.63 11.29
C LEU F 259 4.52 20.45 10.08
C1 NAG G . -2.93 -11.37 27.65
C2 NAG G . -3.52 -11.97 28.93
C3 NAG G . -2.64 -13.11 29.42
C4 NAG G . -2.27 -14.09 28.32
C5 NAG G . -1.86 -13.37 27.03
C6 NAG G . -1.68 -14.29 25.84
C7 NAG G . -4.78 -10.49 30.37
C8 NAG G . -4.73 -9.38 31.40
N2 NAG G . -3.62 -10.94 29.92
O3 NAG G . -3.33 -13.74 30.47
O4 NAG G . -1.18 -14.85 28.80
O5 NAG G . -2.85 -12.41 26.71
O6 NAG G . -2.91 -14.93 25.57
O7 NAG G . -5.84 -11.01 30.04
C1 NAG G . -1.59 -16.23 28.77
C2 NAG G . -0.39 -17.12 29.08
C3 NAG G . -0.81 -18.57 29.00
C4 NAG G . -1.99 -18.84 29.93
C5 NAG G . -3.10 -17.82 29.63
C6 NAG G . -4.30 -17.93 30.54
C7 NAG G . 1.85 -16.29 28.54
C8 NAG G . 2.85 -16.12 27.43
N2 NAG G . 0.69 -16.86 28.17
O3 NAG G . 0.30 -19.36 29.32
O4 NAG G . -2.41 -20.16 29.67
O5 NAG G . -2.59 -16.51 29.73
O6 NAG G . -3.89 -17.79 31.87
O7 NAG G . 2.09 -15.94 29.69
C1 BMA G . -2.21 -20.98 30.85
C2 BMA G . -2.91 -22.32 30.62
C3 BMA G . -2.78 -23.20 31.87
C4 BMA G . -1.53 -22.91 32.75
C5 BMA G . -0.41 -22.21 31.99
C6 BMA G . 0.52 -23.18 31.27
O2 BMA G . -2.36 -22.90 29.47
O3 BMA G . -2.83 -24.53 31.42
O4 BMA G . -2.00 -22.11 33.82
O5 BMA G . -0.83 -21.19 31.10
O6 BMA G . 1.41 -22.42 30.49
C1 NAG H . 6.59 24.59 28.70
C2 NAG H . 6.30 24.62 30.19
C3 NAG H . 6.26 26.05 30.73
C4 NAG H . 7.46 26.86 30.25
C5 NAG H . 7.52 26.75 28.72
C6 NAG H . 8.63 27.52 28.06
C7 NAG H . 4.92 22.68 30.89
C8 NAG H . 3.50 22.23 31.14
N2 NAG H . 5.06 23.96 30.49
O3 NAG H . 6.18 25.99 32.13
O4 NAG H . 7.25 28.18 30.68
O5 NAG H . 7.67 25.40 28.37
O6 NAG H . 9.83 27.10 28.66
O7 NAG H . 5.86 21.93 31.02
C1 NAG H . 8.41 28.58 31.44
C2 NAG H . 8.44 30.11 31.48
C3 NAG H . 9.61 30.59 32.32
C4 NAG H . 9.58 29.94 33.70
C5 NAG H . 9.52 28.42 33.52
C6 NAG H . 9.48 27.64 34.81
C7 NAG H . 7.57 31.41 29.59
C8 NAG H . 7.86 31.87 28.19
N2 NAG H . 8.52 30.65 30.15
O3 NAG H . 9.53 31.99 32.41
O4 NAG H . 10.75 30.34 34.38
O5 NAG H . 8.37 28.09 32.76
O6 NAG H . 8.38 28.07 35.58
O7 NAG H . 6.55 31.73 30.17
C1 BMA H . 10.41 31.08 35.56
C2 BMA H . 11.70 31.56 36.20
C3 BMA H . 11.40 32.33 37.51
C4 BMA H . 9.99 32.96 37.57
C5 BMA H . 9.36 33.22 36.20
C6 BMA H . 9.77 34.56 35.60
O2 BMA H . 12.39 32.36 35.27
O3 BMA H . 12.43 33.26 37.68
O4 BMA H . 9.20 32.09 38.34
O5 BMA H . 9.58 32.19 35.25
O6 BMA H . 9.28 34.60 34.28
C1 MAN H . 9.44 35.93 33.76
C2 MAN H . 8.41 36.13 32.64
C3 MAN H . 8.74 35.19 31.47
C4 MAN H . 10.17 35.39 31.01
C5 MAN H . 11.13 35.24 32.20
C6 MAN H . 12.55 35.58 31.83
O2 MAN H . 8.49 37.48 32.25
O3 MAN H . 7.81 35.46 30.45
O4 MAN H . 10.43 34.42 30.01
O5 MAN H . 10.74 36.11 33.25
O6 MAN H . 12.61 36.94 31.46
C1 FUC H . 10.85 28.05 28.35
C2 FUC H . 12.03 27.76 29.28
C3 FUC H . 12.64 26.41 28.95
C4 FUC H . 13.06 26.38 27.48
C5 FUC H . 11.83 26.68 26.63
C6 FUC H . 12.16 26.77 25.15
O2 FUC H . 11.56 27.83 30.60
O3 FUC H . 13.71 26.20 29.85
O4 FUC H . 14.09 27.31 27.30
O5 FUC H . 11.27 27.93 27.01
C1 NAG I . -10.78 27.10 24.43
C2 NAG I . -10.13 27.86 25.61
C3 NAG I . -11.00 29.03 26.04
C4 NAG I . -11.37 29.89 24.84
C5 NAG I . -12.01 28.99 23.77
C6 NAG I . -12.48 29.68 22.51
C7 NAG I . -8.66 26.90 27.32
C8 NAG I . -8.60 25.95 28.49
N2 NAG I . -9.86 27.00 26.73
O3 NAG I . -10.31 29.75 27.02
O4 NAG I . -12.28 30.88 25.30
O5 NAG I . -11.06 28.01 23.40
O6 NAG I . -11.39 30.30 21.87
O7 NAG I . -7.68 27.53 26.96
C1 NAG I . -11.81 32.17 24.89
C2 NAG I . -13.04 33.06 24.65
C3 NAG I . -12.60 34.45 24.22
C4 NAG I . -11.55 35.02 25.16
C5 NAG I . -10.44 33.99 25.41
C6 NAG I . -9.39 34.42 26.41
C7 NAG I . -15.11 31.93 23.93
C8 NAG I . -15.55 31.99 25.38
N2 NAG I . -13.90 32.47 23.67
O3 NAG I . -13.74 35.26 24.13
O4 NAG I . -11.05 36.19 24.55
O5 NAG I . -11.00 32.78 25.86
O6 NAG I . -8.46 33.39 26.59
O7 NAG I . -15.83 31.44 23.08
C1 BMA I . -11.30 37.33 25.39
C2 BMA I . -10.57 38.51 24.77
C3 BMA I . -10.77 39.78 25.63
C4 BMA I . -12.06 39.79 26.48
C5 BMA I . -13.16 38.86 25.96
C6 BMA I . -14.05 39.51 24.90
O2 BMA I . -11.04 38.67 23.44
O3 BMA I . -10.69 40.87 24.75
O4 BMA I . -11.66 39.41 27.79
O5 BMA I . -12.70 37.60 25.47
O6 BMA I . -14.90 38.52 24.39
C1 NAG J . -20.94 20.71 27.89
C2 NAG J . -22.26 19.91 27.92
C3 NAG J . -23.13 20.28 26.72
C4 NAG J . -23.33 21.79 26.64
C5 NAG J . -21.97 22.47 26.62
C6 NAG J . -22.09 23.98 26.58
C7 NAG J . -22.14 17.79 29.05
C8 NAG J . -21.86 16.32 28.92
N2 NAG J . -22.00 18.51 27.92
O3 NAG J . -24.36 19.61 26.85
O4 NAG J . -24.05 22.05 25.45
O5 NAG J . -21.23 22.10 27.77
O6 NAG J . -20.84 24.64 26.60
O7 NAG J . -22.48 18.30 30.12
C1 NAG J . -25.46 22.23 25.65
C2 NAG J . -25.98 23.34 24.73
C3 NAG J . -27.50 23.44 24.77
C4 NAG J . -28.12 22.09 24.47
C5 NAG J . -27.58 21.08 25.48
C6 NAG J . -28.11 19.69 25.26
C7 NAG J . -24.71 25.38 24.22
C8 NAG J . -24.25 26.71 24.78
N2 NAG J . -25.43 24.63 25.06
O3 NAG J . -27.90 24.42 23.84
O4 NAG J . -29.52 22.25 24.58
O5 NAG J . -26.16 21.04 25.38
O6 NAG J . -27.69 19.22 23.99
O7 NAG J . -24.45 25.05 23.07
C1 FUC J . -21.04 26.06 26.77
C2 FUC J . -19.78 26.64 27.43
C3 FUC J . -18.61 26.71 26.46
C4 FUC J . -18.99 27.50 25.21
C5 FUC J . -20.22 26.83 24.59
C6 FUC J . -20.79 27.59 23.42
O2 FUC J . -19.48 25.87 28.56
O3 FUC J . -17.52 27.28 27.15
O4 FUC J . -19.24 28.84 25.57
O5 FUC J . -21.27 26.70 25.53
C1 NAG K . -19.41 -5.53 18.00
C2 NAG K . -18.70 -5.16 19.30
C3 NAG K . -19.32 -5.89 20.47
C4 NAG K . -20.82 -5.67 20.54
C5 NAG K . -21.43 -5.94 19.16
C6 NAG K . -22.91 -5.63 19.08
C7 NAG K . -16.34 -4.55 18.94
C8 NAG K . -14.94 -5.08 18.90
N2 NAG K . -17.30 -5.46 19.21
O3 NAG K . -18.67 -5.43 21.63
O4 NAG K . -21.34 -6.58 21.48
O5 NAG K . -20.76 -5.19 18.16
O6 NAG K . -23.10 -4.26 19.36
O7 NAG K . -16.59 -3.37 18.74
C1 NAG K . -21.60 -5.96 22.75
C2 NAG K . -22.82 -6.65 23.36
C3 NAG K . -23.08 -6.14 24.77
C4 NAG K . -21.81 -6.22 25.61
C5 NAG K . -20.66 -5.53 24.87
C6 NAG K . -19.35 -5.62 25.61
C7 NAG K . -24.61 -7.53 21.93
C8 NAG K . -25.79 -7.15 21.08
N2 NAG K . -23.97 -6.50 22.51
O3 NAG K . -24.12 -6.90 25.33
O4 NAG K . -22.08 -5.62 26.85
O5 NAG K . -20.49 -6.14 23.61
O6 NAG K . -18.99 -6.96 25.77
O7 NAG K . -24.28 -8.69 22.07
C1 BMA K . -22.09 -6.62 27.88
C2 BMA K . -21.31 -6.04 29.05
C3 BMA K . -21.25 -7.09 30.19
C4 BMA K . -22.52 -7.96 30.36
C5 BMA K . -23.72 -7.59 29.48
C6 BMA K . -24.83 -6.86 30.21
O2 BMA K . -21.91 -4.84 29.45
O3 BMA K . -20.85 -6.39 31.35
O4 BMA K . -22.09 -9.27 30.05
O5 BMA K . -23.42 -6.92 28.26
O6 BMA K . -24.34 -5.61 30.63
C1 MAN K . -19.94 -7.20 32.11
C2 MAN K . -19.56 -6.44 33.38
C3 MAN K . -18.72 -5.20 33.06
C4 MAN K . -17.52 -5.61 32.24
C5 MAN K . -17.96 -6.40 31.00
C6 MAN K . -16.79 -6.93 30.22
O2 MAN K . -18.87 -7.32 34.24
O3 MAN K . -18.40 -4.63 34.31
O4 MAN K . -16.82 -4.45 31.83
O5 MAN K . -18.76 -7.51 31.40
O6 MAN K . -16.02 -7.75 31.07
C1 NAG L . -7.48 10.95 -23.55
C2 NAG L . -7.95 12.31 -23.07
C3 NAG L . -8.91 12.95 -24.06
C4 NAG L . -8.34 12.99 -25.47
C5 NAG L . -7.82 11.59 -25.81
C6 NAG L . -7.12 11.51 -27.14
C7 NAG L . -8.05 12.62 -20.62
C8 NAG L . -8.90 12.37 -19.41
N2 NAG L . -8.58 12.19 -21.78
O3 NAG L . -9.16 14.24 -23.55
O4 NAG L . -9.40 13.31 -26.35
O5 NAG L . -6.91 11.14 -24.82
O6 NAG L . -6.03 12.39 -27.15
O7 NAG L . -6.96 13.17 -20.54
C1 NAG L . -9.52 14.73 -26.61
C2 NAG L . -10.04 14.85 -28.04
C3 NAG L . -10.33 16.31 -28.38
C4 NAG L . -11.22 16.93 -27.31
C5 NAG L . -10.60 16.71 -25.94
C6 NAG L . -11.44 17.25 -24.81
C7 NAG L . -9.36 13.13 -29.64
C8 NAG L . -8.25 12.68 -30.56
N2 NAG L . -9.11 14.25 -28.96
O3 NAG L . -10.92 16.35 -29.66
O4 NAG L . -11.34 18.31 -27.61
O5 NAG L . -10.44 15.32 -25.73
O6 NAG L . -12.70 16.61 -24.80
O7 NAG L . -10.40 12.49 -29.54
C1 BMA L . -12.60 18.56 -28.29
C2 BMA L . -13.19 19.86 -27.75
C3 BMA L . -14.47 20.22 -28.54
C4 BMA L . -14.39 20.06 -30.08
C5 BMA L . -13.37 19.04 -30.59
C6 BMA L . -12.73 19.43 -31.92
O2 BMA L . -12.21 20.85 -27.80
O3 BMA L . -14.85 21.52 -28.12
O4 BMA L . -15.69 19.66 -30.46
O5 BMA L . -12.35 18.66 -29.67
O6 BMA L . -12.29 20.76 -31.83
C1 MAN L . -16.01 21.33 -27.29
C2 MAN L . -16.97 22.51 -27.48
C3 MAN L . -16.35 23.81 -26.97
C4 MAN L . -15.90 23.63 -25.53
C5 MAN L . -15.00 22.39 -25.42
C6 MAN L . -14.64 22.10 -23.98
O2 MAN L . -18.18 22.22 -26.82
O3 MAN L . -17.33 24.79 -27.15
O4 MAN L . -15.21 24.78 -25.10
O5 MAN L . -15.64 21.24 -25.94
O6 MAN L . -15.77 21.60 -23.33
C1 NAG M . 22.19 -14.55 0.86
C2 NAG M . 23.33 -13.84 0.07
C3 NAG M . 24.39 -14.76 -0.51
C4 NAG M . 24.93 -15.70 0.56
C5 NAG M . 23.68 -16.36 1.16
C6 NAG M . 24.00 -17.46 2.15
C7 NAG M . 22.70 -11.68 -0.91
C8 NAG M . 22.11 -11.01 -2.11
N2 NAG M . 22.77 -13.02 -0.98
O3 NAG M . 25.40 -13.94 -1.05
O4 NAG M . 25.82 -16.62 -0.06
O5 NAG M . 22.83 -15.40 1.79
O6 NAG M . 24.80 -16.92 3.16
O7 NAG M . 23.09 -11.04 0.06
C1 NAG M . 27.24 -16.31 0.16
C2 NAG M . 28.10 -17.58 -0.08
C3 NAG M . 29.59 -17.27 0.08
C4 NAG M . 29.97 -16.07 -0.77
C5 NAG M . 29.04 -14.90 -0.46
C6 NAG M . 29.32 -13.69 -1.31
C7 NAG M . 27.32 -19.87 0.31
C8 NAG M . 26.92 -20.87 1.38
N2 NAG M . 27.68 -18.66 0.78
O3 NAG M . 30.32 -18.41 -0.27
O4 NAG M . 31.30 -15.75 -0.46
O5 NAG M . 27.70 -15.30 -0.71
O6 NAG M . 29.16 -14.03 -2.66
O7 NAG M . 27.30 -20.15 -0.86
C1 BMA M . 32.19 -15.98 -1.59
C2 BMA M . 33.13 -14.78 -1.66
C3 BMA M . 34.12 -14.95 -2.83
C4 BMA M . 34.59 -16.40 -3.10
C5 BMA M . 34.13 -17.46 -2.08
C6 BMA M . 35.21 -17.87 -1.08
O2 BMA M . 33.77 -14.63 -0.42
O3 BMA M . 35.18 -14.04 -2.62
O4 BMA M . 34.06 -16.71 -4.37
O5 BMA M . 32.91 -17.18 -1.40
O6 BMA M . 35.63 -16.71 -0.38
C1 MAN M . 35.69 -13.62 -3.90
C2 MAN M . 36.97 -12.79 -3.70
C3 MAN M . 36.67 -11.47 -3.00
C4 MAN M . 35.60 -10.72 -3.76
C5 MAN M . 34.37 -11.61 -3.96
C6 MAN M . 33.34 -10.95 -4.83
O2 MAN M . 37.56 -12.59 -4.96
O3 MAN M . 37.90 -10.80 -2.92
O4 MAN M . 35.24 -9.56 -3.04
O5 MAN M . 34.75 -12.83 -4.59
O6 MAN M . 33.89 -10.73 -6.10
C1 NAG N . -21.66 17.80 -11.19
C2 NAG N . -22.55 18.27 -12.33
C3 NAG N . -24.01 18.17 -11.88
C4 NAG N . -24.34 16.80 -11.27
C5 NAG N . -23.25 16.34 -10.29
C6 NAG N . -23.39 14.92 -9.82
C7 NAG N . -21.64 19.89 -13.84
C8 NAG N . -21.27 21.33 -14.10
N2 NAG N . -22.17 19.62 -12.65
O3 NAG N . -24.81 18.42 -13.00
O4 NAG N . -25.56 16.94 -10.58
O5 NAG N . -21.99 16.47 -10.92
O6 NAG N . -23.35 14.06 -10.94
O7 NAG N . -21.48 19.03 -14.69
C1 NAG N . -26.56 16.13 -11.22
C2 NAG N . -27.79 16.04 -10.32
C3 NAG N . -28.86 15.21 -11.02
C4 NAG N . -29.17 15.78 -12.39
C5 NAG N . -27.86 15.95 -13.18
C6 NAG N . -28.03 16.61 -14.52
C7 NAG N . -27.47 16.18 -7.89
C8 NAG N . -27.19 15.36 -6.65
N2 NAG N . -27.52 15.47 -9.03
O3 NAG N . -29.98 15.17 -10.18
O4 NAG N . -30.04 14.87 -13.02
O5 NAG N . -26.95 16.71 -12.44
O6 NAG N . -28.64 17.87 -14.34
O7 NAG N . -27.65 17.39 -7.84
C1 BMA N . -31.32 15.49 -13.26
C2 BMA N . -32.12 14.54 -14.16
C3 BMA N . -33.48 15.17 -14.51
C4 BMA N . -34.00 16.18 -13.46
C5 BMA N . -33.41 16.01 -12.06
C6 BMA N . -34.16 14.98 -11.22
O2 BMA N . -32.25 13.31 -13.50
O3 BMA N . -34.37 14.11 -14.72
O4 BMA N . -33.71 17.47 -13.98
O5 BMA N . -32.02 15.71 -12.05
O6 BMA N . -33.41 14.77 -10.04
C1 NAG O . 5.09 37.54 5.06
C2 NAG O . 4.48 38.80 4.45
C3 NAG O . 5.42 39.99 4.56
C4 NAG O . 5.98 40.13 5.97
C5 NAG O . 6.62 38.79 6.33
C6 NAG O . 7.29 38.74 7.68
C7 NAG O . 2.92 38.20 2.61
C8 NAG O . 2.79 38.04 1.13
N2 NAG O . 4.13 38.58 3.06
O3 NAG O . 4.73 41.14 4.14
O4 NAG O . 6.92 41.18 5.95
O5 NAG O . 5.63 37.79 6.31
O6 NAG O . 6.34 39.10 8.64
O7 NAG O . 1.98 38.00 3.36
C1 NAG O . 6.57 42.14 6.96
C2 NAG O . 7.82 42.95 7.27
C3 NAG O . 7.51 44.06 8.28
C4 NAG O . 6.33 44.89 7.82
C5 NAG O . 5.16 43.95 7.52
C6 NAG O . 3.90 44.66 7.05
C7 NAG O . 10.06 41.96 7.17
C8 NAG O . 11.02 41.01 7.85
N2 NAG O . 8.86 42.10 7.77
O3 NAG O . 8.68 44.83 8.43
O4 NAG O . 6.04 45.79 8.86
O5 NAG O . 5.54 43.01 6.54
O6 NAG O . 4.20 45.44 5.92
O7 NAG O . 10.36 42.55 6.13
C1 BMA O . 6.20 47.16 8.40
C2 BMA O . 5.91 48.08 9.59
C3 BMA O . 6.01 49.55 9.15
C4 BMA O . 6.94 49.81 7.95
C5 BMA O . 7.99 48.72 7.72
C6 BMA O . 9.26 48.94 8.53
O2 BMA O . 6.79 47.75 10.63
O3 BMA O . 6.39 50.27 10.30
O4 BMA O . 6.08 49.94 6.83
O5 BMA O . 7.52 47.40 7.93
O6 BMA O . 10.07 47.80 8.38
C1 MAN O . 11.38 48.08 8.92
C2 MAN O . 12.37 47.13 8.24
C3 MAN O . 12.05 45.68 8.62
C4 MAN O . 12.02 45.53 10.13
C5 MAN O . 11.05 46.55 10.74
C6 MAN O . 11.11 46.54 12.24
O2 MAN O . 13.66 47.51 8.68
O3 MAN O . 13.03 44.87 8.02
O4 MAN O . 11.62 44.19 10.39
O5 MAN O . 11.39 47.86 10.30
O6 MAN O . 12.40 46.92 12.66
C1 FUC O . 7.00 39.45 9.86
C2 FUC O . 6.00 40.25 10.70
C3 FUC O . 4.83 39.36 11.12
C4 FUC O . 5.37 38.15 11.87
C5 FUC O . 6.37 37.41 10.97
C6 FUC O . 7.04 36.25 11.67
O2 FUC O . 5.58 41.36 9.95
O3 FUC O . 3.95 40.15 11.88
O4 FUC O . 5.94 38.59 13.08
O5 FUC O . 7.40 38.31 10.56
C1 NAG P . 13.95 33.77 -10.28
C2 NAG P . 13.90 35.18 -9.67
C3 NAG P . 14.96 36.07 -10.30
C4 NAG P . 16.33 35.43 -10.24
C5 NAG P . 16.25 34.04 -10.87
C6 NAG P . 17.55 33.27 -10.88
C7 NAG P . 11.86 36.27 -8.82
C8 NAG P . 10.51 36.81 -9.23
N2 NAG P . 12.59 35.76 -9.82
O3 NAG P . 14.92 37.31 -9.62
O4 NAG P . 17.21 36.26 -10.97
O5 NAG P . 15.27 33.28 -10.17
O6 NAG P . 18.00 33.08 -9.56
O7 NAG P . 12.24 36.33 -7.65
C1 NAG P . 18.35 36.61 -10.17
C2 NAG P . 19.53 36.75 -11.12
C3 NAG P . 20.78 37.13 -10.32
C4 NAG P . 20.52 38.34 -9.43
C5 NAG P . 19.23 38.13 -8.62
C6 NAG P . 18.83 39.30 -7.75
C7 NAG P . 19.52 35.41 -13.18
C8 NAG P . 19.01 36.64 -13.89
N2 NAG P . 19.75 35.55 -11.87
O3 NAG P . 21.80 37.37 -11.24
O4 NAG P . 21.64 38.46 -8.59
O5 NAG P . 18.16 37.83 -9.50
O6 NAG P . 17.65 39.00 -7.04
O7 NAG P . 19.72 34.36 -13.80
C1 BMA P . 22.30 39.73 -8.78
C2 BMA P . 23.35 39.86 -7.67
C3 BMA P . 24.07 41.22 -7.77
C4 BMA P . 24.09 41.84 -9.19
C5 BMA P . 23.89 40.82 -10.31
C6 BMA P . 25.20 40.16 -10.76
O2 BMA P . 24.23 38.78 -7.76
O3 BMA P . 25.36 41.04 -7.24
O4 BMA P . 23.06 42.82 -9.21
O5 BMA P . 22.93 39.81 -10.05
O6 BMA P . 24.89 39.15 -11.68
C1 NAG Q . 10.61 32.78 -21.76
C2 NAG Q . 10.25 32.39 -23.20
C3 NAG Q . 11.24 31.37 -23.74
C4 NAG Q . 12.68 31.85 -23.54
C5 NAG Q . 12.89 32.18 -22.06
C6 NAG Q . 14.29 32.70 -21.75
C7 NAG Q . 7.89 32.56 -23.81
C8 NAG Q . 6.57 31.86 -23.78
N2 NAG Q . 8.92 31.88 -23.26
O3 NAG Q . 10.94 31.16 -25.09
O4 NAG Q . 13.54 30.82 -23.97
O5 NAG Q . 11.96 33.17 -21.67
O6 NAG Q . 14.32 33.40 -20.53
O7 NAG Q . 8.03 33.67 -24.30
C1 NAG Q . 13.95 31.00 -25.34
C2 NAG Q . 15.45 30.73 -25.44
C3 NAG Q . 15.88 30.74 -26.91
C4 NAG Q . 15.03 29.78 -27.72
C5 NAG Q . 13.55 30.14 -27.52
C6 NAG Q . 12.60 29.23 -28.25
C7 NAG Q . 17.02 31.40 -23.69
C8 NAG Q . 17.74 32.57 -23.08
N2 NAG Q . 16.22 31.69 -24.72
O3 NAG Q . 17.24 30.41 -26.97
O4 NAG Q . 15.43 29.90 -29.06
O5 NAG Q . 13.25 30.09 -26.15
O6 NAG Q . 12.71 27.93 -27.73
O7 NAG Q . 17.17 30.26 -23.25
C1 FUC Q . 15.39 34.37 -20.59
C2 FUC Q . 15.17 35.41 -19.50
C3 FUC Q . 15.32 34.79 -18.12
C4 FUC Q . 16.69 34.11 -17.99
C5 FUC Q . 16.85 33.12 -19.14
C6 FUC Q . 18.23 32.48 -19.18
O2 FUC Q . 13.91 35.99 -19.69
O3 FUC Q . 15.14 35.82 -17.17
O4 FUC Q . 17.68 35.11 -17.99
O5 FUC Q . 16.64 33.75 -20.39
C1 NAG R . 26.64 -2.02 -14.43
C2 NAG R . 27.95 -2.69 -14.84
C3 NAG R . 28.20 -2.53 -16.34
C4 NAG R . 27.01 -3.05 -17.12
C5 NAG R . 25.77 -2.29 -16.66
C6 NAG R . 24.50 -2.71 -17.35
C7 NAG R . 29.64 -2.88 -13.07
C8 NAG R . 30.79 -2.20 -12.38
N2 NAG R . 29.07 -2.20 -14.08
O3 NAG R . 29.39 -3.21 -16.65
O4 NAG R . 27.26 -2.87 -18.50
O5 NAG R . 25.60 -2.49 -15.27
O6 NAG R . 24.21 -4.05 -17.01
O7 NAG R . 29.26 -3.99 -12.72
C1 NAG R . 26.96 -4.00 -19.32
C2 NAG R . 26.55 -3.48 -20.70
C3 NAG R . 26.36 -4.63 -21.67
C4 NAG R . 27.65 -5.42 -21.75
C5 NAG R . 28.00 -5.91 -20.34
C6 NAG R . 29.34 -6.60 -20.28
C7 NAG R . 25.31 -1.41 -21.06
C8 NAG R . 23.94 -0.78 -21.02
N2 NAG R . 25.34 -2.70 -20.71
O3 NAG R . 26.00 -4.08 -22.91
O4 NAG R . 27.42 -6.47 -22.66
O5 NAG R . 28.08 -4.83 -19.43
O6 NAG R . 30.32 -5.72 -20.78
O7 NAG R . 26.29 -0.77 -21.39
C1 BMA R . 28.29 -6.32 -23.81
C2 BMA R . 28.12 -7.56 -24.69
C3 BMA R . 29.14 -7.51 -25.85
C4 BMA R . 29.57 -6.08 -26.25
C5 BMA R . 28.57 -4.99 -25.85
C6 BMA R . 27.47 -4.79 -26.89
O2 BMA R . 26.79 -7.61 -25.13
O3 BMA R . 28.56 -8.23 -26.91
O4 BMA R . 30.83 -5.86 -25.64
O5 BMA R . 27.99 -5.16 -24.57
O6 BMA R . 26.54 -3.88 -26.36
C1 NAG S . 27.50 23.88 11.46
C2 NAG S . 29.00 24.02 11.18
C3 NAG S . 29.69 24.74 12.33
C4 NAG S . 29.00 26.07 12.64
C5 NAG S . 27.49 25.81 12.82
C6 NAG S . 26.67 27.06 13.06
C7 NAG S . 29.98 22.25 9.76
C8 NAG S . 30.59 20.87 9.79
N2 NAG S . 29.60 22.74 10.95
O3 NAG S . 31.03 24.93 11.96
O4 NAG S . 29.58 26.56 13.81
O5 NAG S . 26.98 25.16 11.67
O6 NAG S . 26.71 27.85 11.91
O7 NAG S . 29.83 22.85 8.71
C1 NAG S . 30.03 27.91 13.52
C2 NAG S . 30.21 28.67 14.84
C3 NAG S . 30.73 30.07 14.55
C4 NAG S . 31.97 30.03 13.68
C5 NAG S . 31.67 29.18 12.43
C6 NAG S . 32.84 29.05 11.48
C7 NAG S . 28.81 28.25 16.81
C8 NAG S . 27.42 28.42 17.38
N2 NAG S . 28.97 28.72 15.56
O3 NAG S . 30.97 30.69 15.79
O4 NAG S . 32.26 31.37 13.34
O5 NAG S . 31.27 27.90 12.84
O6 NAG S . 33.96 28.55 12.18
O7 NAG S . 29.70 27.72 17.45
C1 BMA S . 33.57 31.73 13.83
C2 BMA S . 33.82 33.18 13.44
C3 BMA S . 35.23 33.62 13.89
C4 BMA S . 35.80 32.83 15.10
C5 BMA S . 34.72 32.16 15.97
C6 BMA S . 34.17 33.09 17.04
O2 BMA S . 32.81 33.97 13.99
O3 BMA S . 35.17 35.00 14.13
O4 BMA S . 36.68 31.87 14.56
O5 BMA S . 33.65 31.58 15.24
O6 BMA S . 33.05 32.44 17.62
C1 MAN S . 32.66 33.17 18.80
C2 MAN S . 31.90 32.20 19.72
C3 MAN S . 30.61 31.76 19.03
C4 MAN S . 29.77 32.96 18.63
C5 MAN S . 30.62 33.91 17.77
C6 MAN S . 29.90 35.21 17.49
O2 MAN S . 31.65 32.88 20.91
O3 MAN S . 29.92 30.92 19.93
O4 MAN S . 28.66 32.48 17.92
O5 MAN S . 31.83 34.24 18.46
O6 MAN S . 29.66 35.87 18.70
C1 FUC S . 26.42 29.21 12.28
C2 FUC S . 26.96 30.13 11.19
C3 FUC S . 26.20 29.91 9.89
C4 FUC S . 24.69 30.11 10.13
C5 FUC S . 24.27 29.16 11.25
C6 FUC S . 22.82 29.31 11.63
O2 FUC S . 28.34 29.91 11.05
O3 FUC S . 26.72 30.81 8.94
O4 FUC S . 24.47 31.45 10.46
O5 FUC S . 25.04 29.40 12.43
C1 NAG T . 28.52 9.76 22.97
C2 NAG T . 29.47 10.96 23.04
C3 NAG T . 30.29 10.92 24.33
C4 NAG T . 29.39 10.74 25.54
C5 NAG T . 28.46 9.54 25.32
C6 NAG T . 27.48 9.30 26.45
C7 NAG T . 30.22 11.88 20.92
C8 NAG T . 31.23 11.73 19.80
N2 NAG T . 30.34 10.97 21.91
O3 NAG T . 31.01 12.12 24.39
O4 NAG T . 30.25 10.52 26.64
O5 NAG T . 27.72 9.72 24.13
O6 NAG T . 26.76 10.49 26.71
O7 NAG T . 29.38 12.76 20.91
C1 NAG T . 29.94 11.51 27.63
C2 NAG T . 30.24 10.93 29.01
C3 NAG T . 29.87 11.95 30.07
C4 NAG T . 30.51 13.31 29.79
C5 NAG T . 30.28 13.71 28.33
C6 NAG T . 30.97 14.99 27.92
C7 NAG T . 30.06 8.48 29.21
C8 NAG T . 31.56 8.43 29.00
N2 NAG T . 29.51 9.71 29.20
O3 NAG T . 30.26 11.44 31.32
O4 NAG T . 29.89 14.23 30.67
O5 NAG T . 30.72 12.67 27.48
O6 NAG T . 30.67 15.28 26.57
O7 NAG T . 29.40 7.45 29.37
C1 BMA T . 30.87 14.79 31.57
C2 BMA T . 30.18 15.89 32.36
C3 BMA T . 31.17 16.55 33.34
C4 BMA T . 32.35 15.64 33.77
C5 BMA T . 32.07 14.14 33.62
C6 BMA T . 31.36 13.53 34.83
O2 BMA T . 29.06 15.33 33.01
O3 BMA T . 30.41 17.00 34.43
O4 BMA T . 33.45 16.04 32.98
O5 BMA T . 31.38 13.79 32.43
O6 BMA T . 31.00 12.22 34.48
C1 NAG U . 34.47 -1.10 21.54
C2 NAG U . 34.74 -2.62 21.41
C3 NAG U . 33.88 -3.42 22.38
C4 NAG U . 34.02 -2.90 23.79
C5 NAG U . 33.65 -1.41 23.79
C6 NAG U . 33.81 -0.76 25.14
C7 NAG U . 35.46 -3.71 19.35
C8 NAG U . 35.03 -4.20 17.99
N2 NAG U . 34.49 -3.13 20.09
O3 NAG U . 34.30 -4.75 22.24
O4 NAG U . 33.14 -3.62 24.64
O5 NAG U . 34.49 -0.71 22.89
O6 NAG U . 33.59 0.63 25.11
O7 NAG U . 36.60 -3.86 19.75
C1 NAG U . 33.79 -4.70 25.31
C2 NAG U . 33.22 -4.82 26.73
C3 NAG U . 33.76 -6.06 27.43
C4 NAG U . 33.51 -7.30 26.57
C5 NAG U . 34.14 -7.06 25.19
C6 NAG U . 33.94 -8.21 24.23
C7 NAG U . 32.58 -2.79 27.95
C8 NAG U . 33.11 -1.65 28.77
N2 NAG U . 33.51 -3.66 27.52
O3 NAG U . 33.13 -6.16 28.68
O4 NAG U . 34.10 -8.39 27.23
O5 NAG U . 33.57 -5.91 24.62
O6 NAG U . 32.57 -8.40 24.01
O7 NAG U . 31.38 -2.90 27.70
C1 FUC U . 34.03 1.12 26.40
C2 FUC U . 34.53 2.57 26.25
C3 FUC U . 33.39 3.53 25.97
C4 FUC U . 32.28 3.37 27.02
C5 FUC U . 31.85 1.91 27.02
C6 FUC U . 30.79 1.62 28.06
O2 FUC U . 35.52 2.59 25.25
O3 FUC U . 33.94 4.82 25.95
O4 FUC U . 32.80 3.79 28.26
O5 FUC U . 32.97 1.09 27.32
C1 NAG V . 1.43 8.50 34.21
C2 NAG V . 0.82 7.92 35.48
C3 NAG V . 1.59 8.40 36.69
C4 NAG V . 3.09 8.23 36.54
C5 NAG V . 3.51 8.92 35.25
C6 NAG V . 4.98 8.84 34.96
C7 NAG V . -1.53 7.38 35.90
C8 NAG V . -2.92 7.95 36.03
N2 NAG V . -0.56 8.26 35.64
O3 NAG V . 1.09 7.69 37.80
O4 NAG V . 3.71 8.79 37.67
O5 NAG V . 2.82 8.32 34.19
O6 NAG V . 5.28 7.52 34.60
O7 NAG V . -1.33 6.18 36.00
C1 NAG W . -19.16 7.72 31.17
C2 NAG W . -20.20 8.63 31.85
C3 NAG W . -19.59 9.48 32.96
C4 NAG W . -18.64 8.69 33.84
C5 NAG W . -17.68 7.88 32.97
C6 NAG W . -16.69 7.06 33.76
C7 NAG W . -22.10 9.36 30.48
C8 NAG W . -22.56 10.38 29.46
N2 NAG W . -20.83 9.48 30.87
O3 NAG W . -20.67 10.00 33.71
O4 NAG W . -17.95 9.64 34.62
O5 NAG W . -18.41 7.03 32.13
O6 NAG W . -17.39 6.29 34.71
O7 NAG W . -22.87 8.51 30.91
C1 NAG X . 0.76 -8.77 33.44
C2 NAG X . 0.58 -8.81 34.96
C3 NAG X . 1.89 -9.17 35.65
C4 NAG X . 2.55 -10.39 35.04
C5 NAG X . 2.57 -10.29 33.51
C6 NAG X . 3.09 -11.55 32.85
C7 NAG X . -1.15 -7.34 35.96
C8 NAG X . -1.42 -5.93 36.43
N2 NAG X . 0.08 -7.56 35.47
O3 NAG X . 1.61 -9.34 37.02
O4 NAG X . 3.87 -10.40 35.53
O5 NAG X . 1.28 -10.00 33.01
O6 NAG X . 3.16 -11.38 31.46
O7 NAG X . -1.99 -8.22 36.07
C1 NAG Y . -19.47 -29.29 13.07
C2 NAG Y . -18.51 -28.78 14.17
C3 NAG Y . -17.87 -29.94 14.93
C4 NAG Y . -18.96 -30.92 15.34
C5 NAG Y . -19.69 -31.40 14.09
C6 NAG Y . -20.75 -32.42 14.38
C7 NAG Y . -17.19 -26.72 14.12
C8 NAG Y . -16.01 -26.03 13.48
N2 NAG Y . -17.45 -27.96 13.67
O3 NAG Y . -17.19 -29.41 16.03
O4 NAG Y . -18.33 -32.01 15.98
O5 NAG Y . -20.34 -30.30 13.52
O6 NAG Y . -21.39 -32.10 15.59
O7 NAG Y . -17.85 -26.17 14.99
C1 NAG Z . -30.93 2.00 12.70
C2 NAG Z . -31.89 0.97 12.06
C3 NAG Z . -31.96 1.21 10.55
C4 NAG Z . -32.27 2.66 10.21
C5 NAG Z . -31.25 3.55 10.92
C6 NAG Z . -31.50 5.03 10.73
C7 NAG Z . -32.23 -1.48 12.27
C8 NAG Z . -31.50 -2.78 12.52
N2 NAG Z . -31.45 -0.38 12.28
O3 NAG Z . -32.90 0.34 9.98
O4 NAG Z . -32.21 2.79 8.82
O5 NAG Z . -31.33 3.30 12.29
O6 NAG Z . -30.78 5.74 11.71
O7 NAG Z . -33.44 -1.46 12.06
UNK UNX AA . -5.03 -11.10 -5.88
UNK UNX BA . -1.13 -2.65 -1.41
C1 NAG CA . -24.95 -5.44 -27.41
C2 NAG CA . -25.22 -4.12 -26.68
C3 NAG CA . -26.72 -3.97 -26.40
C4 NAG CA . -27.54 -4.20 -27.65
C5 NAG CA . -27.19 -5.59 -28.18
C6 NAG CA . -27.97 -6.01 -29.40
C7 NAG CA . -23.82 -2.98 -25.02
C8 NAG CA . -23.10 -3.15 -23.70
N2 NAG CA . -24.49 -4.07 -25.45
O3 NAG CA . -26.91 -2.67 -25.89
O4 NAG CA . -28.90 -4.09 -27.30
O5 NAG CA . -25.82 -5.59 -28.51
O6 NAG CA . -27.71 -5.10 -30.45
O7 NAG CA . -23.78 -1.94 -25.64
C1 NAG DA . 5.08 9.78 -31.82
C2 NAG DA . 5.02 8.43 -32.56
C3 NAG DA . 6.26 7.61 -32.15
C4 NAG DA . 7.55 8.39 -32.38
C5 NAG DA . 7.46 9.70 -31.62
C6 NAG DA . 8.65 10.61 -31.82
C7 NAG DA . 3.36 6.61 -32.92
C8 NAG DA . 2.12 5.99 -32.33
N2 NAG DA . 3.85 7.65 -32.22
O3 NAG DA . 6.30 6.40 -32.85
O4 NAG DA . 8.60 7.59 -31.89
O5 NAG DA . 6.33 10.38 -32.09
O6 NAG DA . 8.31 11.93 -31.46
O7 NAG DA . 3.85 6.19 -33.95
C1 NAG EA . 15.54 -28.21 -18.70
C2 NAG EA . 16.37 -26.91 -18.83
C3 NAG EA . 16.81 -26.66 -20.27
C4 NAG EA . 17.43 -27.91 -20.88
C5 NAG EA . 16.42 -29.05 -20.76
C6 NAG EA . 16.85 -30.37 -21.38
C7 NAG EA . 16.20 -24.78 -17.62
C8 NAG EA . 15.25 -23.68 -17.20
N2 NAG EA . 15.65 -25.78 -18.33
O3 NAG EA . 17.71 -25.57 -20.29
O4 NAG EA . 17.76 -27.63 -22.22
O5 NAG EA . 16.16 -29.27 -19.38
O6 NAG EA . 18.03 -30.83 -20.79
O7 NAG EA . 17.38 -24.73 -17.33
C1 NAG FA . 21.40 -21.84 13.82
C2 NAG FA . 20.76 -23.24 13.69
C3 NAG FA . 19.50 -23.34 14.56
C4 NAG FA . 19.81 -22.94 15.99
C5 NAG FA . 20.39 -21.54 15.99
C6 NAG FA . 20.80 -21.06 17.36
C7 NAG FA . 20.50 -24.77 11.78
C8 NAG FA . 20.03 -24.86 10.35
N2 NAG FA . 20.37 -23.56 12.33
O3 NAG FA . 18.98 -24.63 14.48
O4 NAG FA . 18.59 -23.00 16.71
O5 NAG FA . 21.55 -21.53 15.18
O6 NAG FA . 21.63 -19.92 17.24
O7 NAG FA . 20.97 -25.73 12.36
C1 NAG GA . -8.83 34.12 -4.53
C2 NAG GA . -9.81 34.88 -5.50
C3 NAG GA . -10.35 36.17 -4.89
C4 NAG GA . -10.87 35.93 -3.50
C5 NAG GA . -9.81 35.24 -2.64
C6 NAG GA . -10.29 34.93 -1.24
C7 NAG GA . -9.64 34.91 -7.98
C8 NAG GA . -8.78 35.36 -9.15
N2 NAG GA . -9.17 35.21 -6.75
O3 NAG GA . -11.34 36.68 -5.74
O4 NAG GA . -11.24 37.19 -2.97
O5 NAG GA . -9.45 34.03 -3.27
O6 NAG GA . -11.59 34.41 -1.32
O7 NAG GA . -10.69 34.32 -8.19
C1 NAG HA . -2.74 28.81 -23.48
C2 NAG HA . -1.79 29.63 -24.37
C3 NAG HA . -1.68 31.09 -23.93
C4 NAG HA . -3.03 31.69 -23.55
C5 NAG HA . -3.78 30.74 -22.62
C6 NAG HA . -5.14 31.24 -22.18
C7 NAG HA . 0.03 28.36 -25.43
C8 NAG HA . 1.40 27.78 -25.21
N2 NAG HA . -0.50 29.00 -24.37
O3 NAG HA . -1.09 31.79 -24.99
O4 NAG HA . -2.73 32.89 -22.90
O5 NAG HA . -3.94 29.49 -23.26
O6 NAG HA . -5.87 31.63 -23.32
O7 NAG HA . -0.54 28.26 -26.51
C1 NAG IA . -23.28 23.96 -8.18
C2 NAG IA . -24.08 25.07 -8.86
C3 NAG IA . -25.15 25.62 -7.92
C4 NAG IA . -25.98 24.50 -7.29
C5 NAG IA . -25.08 23.38 -6.75
C6 NAG IA . -25.87 22.18 -6.26
C7 NAG IA . -22.94 26.58 -10.56
C8 NAG IA . -22.01 27.76 -10.67
N2 NAG IA . -23.24 26.16 -9.31
O3 NAG IA . -25.94 26.51 -8.66
O4 NAG IA . -26.68 25.10 -6.22
O5 NAG IA . -24.16 22.94 -7.74
O6 NAG IA . -25.03 21.37 -5.48
O7 NAG IA . -23.42 26.06 -11.56
C1 NAG JA . 32.87 12.68 -1.15
C2 NAG JA . 34.19 12.12 -1.70
C3 NAG JA . 35.22 13.24 -1.85
C4 NAG JA . 34.66 14.47 -2.55
C5 NAG JA . 33.26 14.84 -2.02
C6 NAG JA . 32.59 15.88 -2.87
C7 NAG JA . 35.01 9.87 -1.21
C8 NAG JA . 35.54 8.96 -0.13
N2 NAG JA . 34.69 11.11 -0.82
O3 NAG JA . 36.30 12.72 -2.56
O4 NAG JA . 35.56 15.53 -2.30
O5 NAG JA . 32.44 13.70 -2.00
O6 NAG JA . 32.34 15.37 -4.15
O7 NAG JA . 34.89 9.49 -2.37
C1 NAG KA . 35.80 -5.63 8.20
C2 NAG KA . 36.83 -5.85 9.32
C3 NAG KA . 37.63 -4.58 9.61
C4 NAG KA . 38.16 -3.94 8.33
C5 NAG KA . 37.08 -3.88 7.25
C6 NAG KA . 37.63 -3.40 5.93
C7 NAG KA . 36.38 -7.54 11.05
C8 NAG KA . 35.62 -7.82 12.32
N2 NAG KA . 36.19 -6.32 10.52
O3 NAG KA . 38.64 -4.93 10.49
O4 NAG KA . 38.55 -2.63 8.67
O5 NAG KA . 36.47 -5.14 7.08
O6 NAG KA . 38.79 -4.13 5.62
O7 NAG KA . 37.12 -8.38 10.55
C1 NAG LA . 30.79 3.44 -15.60
C2 NAG LA . 32.24 3.30 -16.08
C3 NAG LA . 32.50 4.21 -17.28
C4 NAG LA . 31.44 4.01 -18.35
C5 NAG LA . 30.05 4.20 -17.72
C6 NAG LA . 28.91 4.02 -18.70
C7 NAG LA . 33.92 2.66 -14.42
C8 NAG LA . 34.85 3.14 -13.34
N2 NAG LA . 33.16 3.60 -15.02
O3 NAG LA . 33.79 3.94 -17.76
O4 NAG LA . 31.70 4.94 -19.37
O5 NAG LA . 29.90 3.25 -16.69
O6 NAG LA . 27.70 3.99 -18.00
O7 NAG LA . 33.88 1.48 -14.75
#